data_9VMJ
#
_entry.id   9VMJ
#
_cell.length_a   266.847
_cell.length_b   55.299
_cell.length_c   175.918
_cell.angle_alpha   90.000
_cell.angle_beta   129.724
_cell.angle_gamma   90.000
#
_symmetry.space_group_name_H-M   'C 1 2 1'
#
loop_
_entity.id
_entity.type
_entity.pdbx_description
1 polymer 'Tlr0193 protein'
2 non-polymer GLYCEROL
3 non-polymer 'CALCIUM ION'
4 non-polymer 'L(+)-TARTARIC ACID'
5 water water
#
_entity_poly.entity_id   1
_entity_poly.type   'polypeptide(L)'
_entity_poly.pdbx_seq_one_letter_code
;AMAMPSDGAALKRYSGSGASSENGVIEFANCAWTRAIGQGWETPYRVRYASNLDDGPWYGMPLGGFGAGCIGRSSAGDFN
LWHVDGGEHIFGTLPACQFSLFEQGEQTQAYALGSAPKDGRLSSWQWYPAGKGTYAVRYPRSWFVYEGVFRAQITCEQFS
PILPHNYQETSYPVAVFLWTFSNPTDQSLTLSLMLSWQNTVGWFCNTTPSSAIAIRDDGSPVYTYTPRWGQSDGNFNELI
QTESFQGWRLRRMPHPNPPQEGDGEWAALIPTGLGEFFGCSRWQPEGDGAHLWQSFSVDGSLPFVNDPTPAAAGEQVAAA
FALRFSLAPGERKQIPVVLAWDFPVTEFGKGVIYYRRYTDFCDRHGTNAVTLAAQALAAYATWQEQIRTWQAPILSHPDW
PDWFKMALCNELYVLSSGGSLWSAASDRDPVGQFAVLECLDYRWYESLDVRLYGSFALLQLWPELEKSVMRAFARAIPTA
DPTLRIIGYFYRGDPETAYKAPRKLANAVPHDLGAPNEHPWEKTNYTAYQDCNLWKDLASDFVLLVYRDFLFTGGTDLNF
ARECWPAVVAALDHLKQFDQDGDGLPENGGAPDQTYDDWKLQGVSAYCGGLWLAALEAAIALGTLLQQPQVEIYRQWLSQ
ARPRYHQLLWNGEYYRLDTGSGSDVIMADQLCGQFYAQLLGLVDIVPPDCCDRALRKIYDTCFLKFHNGQFGAANGLLPN
GQPENPHATHPLEVWTGINFGLAAFLWQRGMIDEAWRLAEVVVRQIYENGLQFRTPEAITANGTFRACMYLRPMAIWALA
LVSGGSRLP
;
_entity_poly.pdbx_strand_id   A,B
#
# COMPACT_ATOMS: atom_id res chain seq x y z
N VAL A 25 -24.92 16.45 -43.13
CA VAL A 25 -23.66 16.63 -42.35
C VAL A 25 -23.83 16.33 -40.85
N ILE A 26 -25.05 16.40 -40.26
CA ILE A 26 -25.25 15.85 -38.91
C ILE A 26 -25.01 14.34 -38.97
N GLU A 27 -24.08 13.80 -38.18
CA GLU A 27 -23.77 12.38 -38.21
C GLU A 27 -24.71 11.63 -37.25
N PHE A 28 -25.51 10.70 -37.82
CA PHE A 28 -26.42 9.81 -37.11
C PHE A 28 -27.43 10.67 -36.33
N ALA A 29 -28.18 11.47 -37.09
CA ALA A 29 -29.22 12.31 -36.54
C ALA A 29 -30.18 11.56 -35.64
N ASN A 30 -30.35 10.28 -35.89
CA ASN A 30 -31.35 9.50 -35.16
C ASN A 30 -30.87 9.14 -33.75
N CYS A 31 -29.55 9.20 -33.52
CA CYS A 31 -28.95 9.10 -32.20
C CYS A 31 -28.46 10.49 -31.71
N ALA A 32 -29.31 11.50 -31.89
CA ALA A 32 -29.02 12.87 -31.56
C ALA A 32 -30.36 13.44 -31.15
N TRP A 33 -30.34 14.39 -30.18
CA TRP A 33 -31.52 15.18 -29.86
C TRP A 33 -31.58 16.31 -30.88
N THR A 34 -32.75 16.44 -31.52
CA THR A 34 -33.01 17.43 -32.55
C THR A 34 -34.27 18.23 -32.19
N ARG A 35 -34.23 19.51 -32.58
CA ARG A 35 -35.35 20.42 -32.50
C ARG A 35 -35.15 21.50 -33.57
N ALA A 36 -36.23 21.97 -34.17
CA ALA A 36 -36.14 23.01 -35.16
C ALA A 36 -35.53 24.20 -34.42
N ILE A 37 -34.68 24.98 -35.09
CA ILE A 37 -34.03 26.14 -34.50
C ILE A 37 -35.07 27.15 -34.06
N GLY A 38 -35.02 27.57 -32.79
CA GLY A 38 -35.93 28.60 -32.31
C GLY A 38 -37.37 28.12 -32.18
N GLN A 39 -37.62 26.80 -32.22
CA GLN A 39 -38.93 26.27 -31.84
C GLN A 39 -38.95 25.96 -30.33
N GLY A 40 -39.95 26.57 -29.66
CA GLY A 40 -40.10 26.62 -28.21
C GLY A 40 -41.00 25.49 -27.74
N TRP A 41 -41.53 25.60 -26.53
CA TRP A 41 -42.36 24.55 -25.91
C TRP A 41 -43.71 25.14 -25.52
N GLU A 42 -44.80 24.49 -25.96
CA GLU A 42 -46.14 24.81 -25.52
C GLU A 42 -46.21 24.70 -24.00
N THR A 43 -45.86 23.55 -23.40
CA THR A 43 -46.01 23.29 -21.95
C THR A 43 -44.77 22.56 -21.39
N PRO A 44 -43.64 23.24 -21.20
CA PRO A 44 -42.49 22.59 -20.57
C PRO A 44 -42.78 22.21 -19.11
N TYR A 45 -42.09 21.22 -18.58
CA TYR A 45 -42.04 21.05 -17.14
C TYR A 45 -41.62 22.38 -16.51
N ARG A 46 -42.12 22.65 -15.29
CA ARG A 46 -41.83 23.81 -14.47
C ARG A 46 -41.50 23.36 -13.05
N VAL A 47 -40.70 24.16 -12.32
CA VAL A 47 -40.19 23.79 -11.02
C VAL A 47 -41.34 23.72 -10.02
N ARG A 48 -41.31 22.74 -9.13
CA ARG A 48 -42.44 22.49 -8.24
C ARG A 48 -42.49 23.50 -7.10
N TYR A 49 -41.34 24.07 -6.67
CA TYR A 49 -41.33 25.11 -5.64
C TYR A 49 -40.75 26.41 -6.20
N ALA A 50 -41.48 27.52 -6.05
CA ALA A 50 -41.14 28.80 -6.67
C ALA A 50 -39.78 29.35 -6.23
N SER A 51 -39.35 29.08 -5.00
CA SER A 51 -38.04 29.53 -4.53
C SER A 51 -36.87 28.83 -5.23
N ASN A 52 -37.08 27.65 -5.85
CA ASN A 52 -36.05 26.87 -6.56
C ASN A 52 -35.88 27.36 -8.01
N LEU A 53 -34.75 26.99 -8.62
CA LEU A 53 -34.31 27.51 -9.91
C LEU A 53 -35.20 26.99 -11.05
N ASP A 54 -35.61 27.88 -11.94
CA ASP A 54 -36.25 27.49 -13.20
C ASP A 54 -35.95 28.61 -14.22
N ASP A 55 -34.97 28.41 -15.09
CA ASP A 55 -34.61 29.38 -16.12
C ASP A 55 -35.50 29.19 -17.35
N GLY A 56 -36.38 28.18 -17.34
CA GLY A 56 -37.17 27.75 -18.44
C GLY A 56 -36.36 26.79 -19.32
N PRO A 57 -36.97 26.33 -20.41
CA PRO A 57 -36.47 25.20 -21.16
C PRO A 57 -35.38 25.45 -22.21
N TRP A 58 -34.93 26.70 -22.39
CA TRP A 58 -33.98 27.01 -23.47
C TRP A 58 -32.53 26.74 -23.05
N TYR A 59 -32.21 25.55 -22.53
CA TYR A 59 -30.81 25.15 -22.38
C TYR A 59 -30.42 24.40 -23.67
N GLY A 60 -29.23 24.69 -24.20
CA GLY A 60 -28.64 23.85 -25.23
C GLY A 60 -27.35 23.22 -24.70
N MET A 61 -26.58 22.60 -25.60
CA MET A 61 -25.38 21.88 -25.20
C MET A 61 -24.37 22.87 -24.62
N PRO A 62 -23.85 22.64 -23.41
CA PRO A 62 -22.76 23.45 -22.91
C PRO A 62 -21.46 23.17 -23.65
N LEU A 63 -20.66 24.23 -23.87
CA LEU A 63 -19.35 24.16 -24.46
C LEU A 63 -18.29 24.47 -23.41
N GLY A 64 -17.14 23.82 -23.53
CA GLY A 64 -16.02 23.99 -22.63
C GLY A 64 -15.76 22.66 -21.95
N GLY A 65 -14.51 22.43 -21.59
CA GLY A 65 -14.10 21.26 -20.87
C GLY A 65 -14.63 21.27 -19.42
N PHE A 66 -14.47 20.14 -18.75
CA PHE A 66 -14.88 20.00 -17.38
C PHE A 66 -13.94 20.89 -16.56
N GLY A 67 -14.48 21.70 -15.64
CA GLY A 67 -13.65 22.51 -14.77
C GLY A 67 -12.89 23.63 -15.48
N ALA A 68 -13.31 23.94 -16.71
CA ALA A 68 -12.69 24.94 -17.59
C ALA A 68 -13.44 26.28 -17.47
N GLY A 69 -14.63 26.25 -16.89
CA GLY A 69 -15.64 27.26 -17.08
C GLY A 69 -16.32 26.97 -18.39
N CYS A 70 -17.63 27.06 -18.42
CA CYS A 70 -18.36 26.66 -19.61
C CYS A 70 -19.40 27.71 -19.97
N ILE A 71 -19.75 27.73 -21.25
CA ILE A 71 -20.78 28.58 -21.78
C ILE A 71 -21.77 27.67 -22.50
N GLY A 72 -23.03 28.02 -22.48
CA GLY A 72 -24.04 27.25 -23.16
C GLY A 72 -24.69 28.11 -24.19
N ARG A 73 -25.21 27.49 -25.22
CA ARG A 73 -25.96 28.21 -26.22
C ARG A 73 -27.24 27.41 -26.49
N SER A 74 -28.39 28.10 -26.44
CA SER A 74 -29.71 27.52 -26.63
C SER A 74 -29.93 26.97 -28.04
N SER A 75 -30.99 26.17 -28.22
CA SER A 75 -31.41 25.75 -29.55
C SER A 75 -31.96 26.90 -30.41
N ALA A 76 -32.03 28.13 -29.87
CA ALA A 76 -32.36 29.33 -30.65
C ALA A 76 -31.10 30.11 -31.07
N GLY A 77 -29.95 29.75 -30.52
CA GLY A 77 -28.71 30.35 -30.97
C GLY A 77 -28.11 31.33 -29.95
N ASP A 78 -28.79 31.51 -28.80
CA ASP A 78 -28.41 32.49 -27.79
C ASP A 78 -27.39 31.90 -26.84
N PHE A 79 -26.30 32.61 -26.60
CA PHE A 79 -25.32 32.28 -25.58
C PHE A 79 -25.87 32.79 -24.26
N ASN A 80 -26.52 31.88 -23.51
CA ASN A 80 -27.36 32.26 -22.39
C ASN A 80 -26.92 31.61 -21.06
N LEU A 81 -25.88 30.77 -21.07
CA LEU A 81 -25.46 30.15 -19.84
C LEU A 81 -24.00 30.50 -19.64
N TRP A 82 -23.65 31.12 -18.51
CA TRP A 82 -22.29 31.61 -18.21
C TRP A 82 -21.79 31.01 -16.89
N HIS A 83 -20.89 30.03 -16.98
CA HIS A 83 -20.35 29.26 -15.87
C HIS A 83 -18.84 29.45 -15.77
N VAL A 84 -18.37 30.65 -16.12
CA VAL A 84 -16.95 30.95 -16.19
C VAL A 84 -16.42 31.04 -14.76
N ASP A 85 -17.26 31.51 -13.83
CA ASP A 85 -16.97 31.49 -12.40
C ASP A 85 -17.32 30.10 -11.88
N GLY A 86 -16.28 29.35 -11.50
CA GLY A 86 -16.36 27.96 -11.06
C GLY A 86 -17.35 27.73 -9.91
N GLY A 87 -18.39 26.95 -10.23
CA GLY A 87 -19.41 26.55 -9.29
C GLY A 87 -20.57 27.55 -9.24
N GLU A 88 -20.46 28.65 -10.01
CA GLU A 88 -21.52 29.63 -9.98
C GLU A 88 -22.37 29.46 -11.23
N HIS A 89 -23.59 30.02 -11.21
CA HIS A 89 -24.54 29.96 -12.31
C HIS A 89 -25.04 31.34 -12.66
N ILE A 90 -24.92 31.72 -13.97
CA ILE A 90 -25.65 32.85 -14.53
C ILE A 90 -26.38 32.44 -15.80
N PHE A 91 -27.64 32.83 -15.87
CA PHE A 91 -28.48 32.57 -17.03
C PHE A 91 -28.87 33.93 -17.58
N GLY A 92 -28.52 34.21 -18.84
CA GLY A 92 -28.89 35.46 -19.49
C GLY A 92 -28.09 35.63 -20.78
N THR A 93 -28.72 36.13 -21.84
CA THR A 93 -28.06 36.33 -23.12
C THR A 93 -27.27 37.65 -23.16
N LEU A 94 -26.06 37.62 -23.70
CA LEU A 94 -25.42 38.82 -24.21
C LEU A 94 -25.54 38.83 -25.73
N PRO A 95 -26.48 39.62 -26.27
CA PRO A 95 -26.85 39.51 -27.69
C PRO A 95 -25.70 39.68 -28.66
N ALA A 96 -24.64 40.40 -28.26
CA ALA A 96 -23.49 40.71 -29.11
C ALA A 96 -22.49 39.56 -29.25
N CYS A 97 -22.55 38.59 -28.33
CA CYS A 97 -21.88 37.30 -28.44
C CYS A 97 -22.63 36.36 -29.39
N GLN A 98 -22.24 36.36 -30.68
CA GLN A 98 -23.07 35.76 -31.69
C GLN A 98 -22.33 35.67 -33.03
N PHE A 99 -22.78 34.72 -33.85
CA PHE A 99 -22.36 34.53 -35.23
C PHE A 99 -23.40 35.18 -36.14
N SER A 100 -22.93 35.85 -37.20
CA SER A 100 -23.83 36.42 -38.18
C SER A 100 -23.39 35.97 -39.58
N LEU A 101 -24.36 35.87 -40.51
CA LEU A 101 -24.08 35.42 -41.87
C LEU A 101 -24.60 36.43 -42.89
N PHE A 102 -23.77 36.66 -43.92
CA PHE A 102 -24.11 37.46 -45.07
C PHE A 102 -23.96 36.58 -46.30
N GLU A 103 -24.94 36.64 -47.20
CA GLU A 103 -24.86 35.95 -48.48
C GLU A 103 -25.40 36.81 -49.61
N GLN A 104 -24.68 36.79 -50.74
CA GLN A 104 -25.13 37.49 -51.92
C GLN A 104 -24.95 36.60 -53.14
N GLY A 105 -26.08 36.40 -53.82
CA GLY A 105 -26.16 35.76 -55.12
C GLY A 105 -27.18 36.53 -55.96
N GLU A 106 -28.32 35.90 -56.25
CA GLU A 106 -29.45 36.59 -56.84
C GLU A 106 -29.77 37.77 -55.92
N GLN A 107 -29.99 37.48 -54.62
CA GLN A 107 -30.39 38.46 -53.62
C GLN A 107 -29.26 38.70 -52.62
N THR A 108 -29.42 39.72 -51.77
CA THR A 108 -28.55 40.03 -50.63
C THR A 108 -29.28 39.75 -49.30
N GLN A 109 -28.68 38.93 -48.40
CA GLN A 109 -29.28 38.58 -47.10
C GLN A 109 -28.21 38.50 -46.03
N ALA A 110 -28.58 38.89 -44.82
CA ALA A 110 -27.70 38.92 -43.66
C ALA A 110 -28.56 38.73 -42.42
N TYR A 111 -28.13 37.82 -41.53
CA TYR A 111 -28.84 37.52 -40.29
C TYR A 111 -27.82 37.19 -39.19
N ALA A 112 -28.10 37.75 -38.00
CA ALA A 112 -27.51 37.30 -36.74
C ALA A 112 -28.22 36.02 -36.32
N LEU A 113 -27.44 34.98 -35.95
CA LEU A 113 -27.96 33.64 -35.70
C LEU A 113 -28.35 33.44 -34.22
N GLY A 114 -29.22 34.31 -33.70
CA GLY A 114 -29.84 34.23 -32.37
C GLY A 114 -31.30 34.77 -32.39
N SER A 115 -31.93 34.96 -31.22
CA SER A 115 -33.25 35.60 -31.16
C SER A 115 -33.09 37.11 -31.04
N ALA A 116 -34.12 37.82 -31.52
CA ALA A 116 -34.21 39.28 -31.43
C ALA A 116 -34.20 39.69 -29.97
N PRO A 117 -33.32 40.59 -29.52
CA PRO A 117 -33.37 41.06 -28.14
C PRO A 117 -34.70 41.69 -27.78
N LYS A 118 -35.20 41.44 -26.57
CA LYS A 118 -36.52 41.90 -26.14
C LYS A 118 -36.44 43.35 -25.63
N ASP A 119 -35.23 43.81 -25.27
CA ASP A 119 -35.02 45.09 -24.63
C ASP A 119 -34.52 46.12 -25.62
N GLY A 120 -34.45 45.80 -26.91
CA GLY A 120 -34.23 46.84 -27.92
C GLY A 120 -32.77 47.13 -28.26
N ARG A 121 -31.79 46.40 -27.68
CA ARG A 121 -30.40 46.52 -28.09
C ARG A 121 -30.20 45.89 -29.48
N LEU A 122 -29.19 46.40 -30.22
CA LEU A 122 -28.84 45.98 -31.56
C LEU A 122 -30.05 46.04 -32.49
N SER A 123 -30.79 47.15 -32.42
CA SER A 123 -32.03 47.36 -33.19
C SER A 123 -31.80 47.34 -34.70
N SER A 124 -30.56 47.66 -35.17
CA SER A 124 -30.27 47.61 -36.61
C SER A 124 -30.06 46.19 -37.15
N TRP A 125 -29.76 45.21 -36.27
CA TRP A 125 -29.46 43.83 -36.68
C TRP A 125 -30.76 43.17 -37.09
N GLN A 126 -30.67 42.20 -38.00
CA GLN A 126 -31.77 41.32 -38.36
C GLN A 126 -31.43 39.92 -37.84
N TRP A 127 -32.46 39.20 -37.37
CA TRP A 127 -32.31 37.95 -36.66
C TRP A 127 -32.87 36.79 -37.50
N TYR A 128 -32.11 35.69 -37.55
CA TYR A 128 -32.44 34.51 -38.34
C TYR A 128 -33.86 34.05 -38.04
N PRO A 129 -34.74 33.88 -39.07
CA PRO A 129 -36.14 33.50 -38.80
C PRO A 129 -36.20 32.10 -38.20
N ALA A 130 -37.00 31.97 -37.15
CA ALA A 130 -37.16 30.71 -36.42
C ALA A 130 -37.80 29.66 -37.31
N GLY A 131 -37.43 28.39 -37.11
CA GLY A 131 -38.01 27.23 -37.80
C GLY A 131 -37.30 26.93 -39.11
N LYS A 132 -36.18 27.59 -39.39
CA LYS A 132 -35.52 27.51 -40.69
C LYS A 132 -34.20 26.78 -40.54
N GLY A 133 -34.33 25.56 -40.02
CA GLY A 133 -33.21 24.64 -39.80
C GLY A 133 -33.39 23.78 -38.54
N THR A 134 -32.35 22.98 -38.22
CA THR A 134 -32.38 21.98 -37.16
C THR A 134 -31.17 22.18 -36.25
N TYR A 135 -31.44 22.19 -34.94
CA TYR A 135 -30.43 22.07 -33.89
C TYR A 135 -30.34 20.60 -33.55
N ALA A 136 -29.12 20.04 -33.43
CA ALA A 136 -28.93 18.65 -33.07
C ALA A 136 -27.79 18.53 -32.06
N VAL A 137 -27.99 17.60 -31.08
CA VAL A 137 -26.97 17.31 -30.07
C VAL A 137 -26.80 15.81 -29.83
N ARG A 138 -25.53 15.36 -29.91
CA ARG A 138 -25.01 14.20 -29.20
C ARG A 138 -23.69 14.58 -28.51
N TYR A 139 -23.76 14.89 -27.21
CA TYR A 139 -22.68 15.54 -26.50
C TYR A 139 -21.42 14.76 -26.72
N PRO A 140 -20.23 15.35 -26.96
CA PRO A 140 -19.98 16.78 -26.90
C PRO A 140 -20.06 17.55 -28.22
N ARG A 141 -20.75 16.98 -29.21
CA ARG A 141 -20.98 17.60 -30.50
C ARG A 141 -22.42 18.08 -30.62
N SER A 142 -22.57 19.23 -31.26
CA SER A 142 -23.87 19.76 -31.67
C SER A 142 -23.73 20.45 -33.02
N TRP A 143 -24.90 20.66 -33.66
CA TRP A 143 -25.00 21.16 -35.01
C TRP A 143 -26.17 22.14 -35.06
N PHE A 144 -25.92 23.27 -35.77
CA PHE A 144 -26.98 24.06 -36.38
C PHE A 144 -26.93 23.81 -37.89
N VAL A 145 -28.01 23.26 -38.42
CA VAL A 145 -28.17 23.10 -39.86
C VAL A 145 -29.18 24.17 -40.29
N TYR A 146 -28.69 25.16 -41.02
CA TYR A 146 -29.52 26.26 -41.51
C TYR A 146 -30.04 25.88 -42.90
N GLU A 147 -31.37 25.91 -43.08
CA GLU A 147 -31.98 25.56 -44.35
C GLU A 147 -33.23 26.40 -44.60
N GLY A 148 -33.32 26.93 -45.83
CA GLY A 148 -34.52 27.53 -46.38
C GLY A 148 -34.52 29.07 -46.35
N VAL A 149 -33.37 29.68 -46.02
CA VAL A 149 -33.22 31.14 -46.03
C VAL A 149 -32.09 31.50 -47.00
N PHE A 150 -30.86 31.07 -46.69
CA PHE A 150 -29.74 31.26 -47.56
C PHE A 150 -29.82 30.21 -48.68
N ARG A 151 -29.29 30.53 -49.86
CA ARG A 151 -29.19 29.60 -50.97
C ARG A 151 -28.08 28.57 -50.73
N ALA A 152 -27.03 28.94 -49.97
CA ALA A 152 -25.99 28.01 -49.55
C ALA A 152 -26.56 27.07 -48.47
N GLN A 153 -26.07 25.83 -48.49
CA GLN A 153 -26.24 24.89 -47.40
C GLN A 153 -25.13 25.17 -46.40
N ILE A 154 -25.52 25.49 -45.18
CA ILE A 154 -24.64 25.95 -44.12
C ILE A 154 -24.92 25.12 -42.88
N THR A 155 -23.83 24.57 -42.33
CA THR A 155 -23.85 23.86 -41.07
C THR A 155 -22.72 24.40 -40.19
N CYS A 156 -23.05 24.55 -38.90
CA CYS A 156 -22.11 24.83 -37.82
C CYS A 156 -22.12 23.69 -36.80
N GLU A 157 -20.99 23.01 -36.72
CA GLU A 157 -20.77 21.95 -35.74
C GLU A 157 -19.98 22.56 -34.57
N GLN A 158 -20.56 22.49 -33.36
CA GLN A 158 -19.96 23.10 -32.20
C GLN A 158 -19.48 21.96 -31.32
N PHE A 159 -18.21 21.96 -30.89
CA PHE A 159 -17.80 20.94 -29.95
C PHE A 159 -16.58 21.37 -29.14
N SER A 160 -16.40 20.68 -28.02
CA SER A 160 -15.19 20.77 -27.21
C SER A 160 -14.56 19.40 -27.19
N PRO A 161 -13.24 19.29 -27.01
CA PRO A 161 -12.57 18.02 -27.01
C PRO A 161 -12.76 17.23 -25.71
N ILE A 162 -13.98 16.75 -25.52
CA ILE A 162 -14.30 15.87 -24.39
C ILE A 162 -13.95 14.43 -24.77
N LEU A 163 -12.88 13.93 -24.20
CA LEU A 163 -12.26 12.67 -24.56
C LEU A 163 -12.06 11.76 -23.33
N PRO A 164 -12.80 10.61 -23.28
CA PRO A 164 -12.54 9.59 -22.26
C PRO A 164 -11.09 9.19 -22.18
N HIS A 165 -10.61 8.94 -20.97
CA HIS A 165 -9.25 8.42 -20.78
C HIS A 165 -8.24 9.46 -21.17
N ASN A 166 -8.69 10.71 -21.29
CA ASN A 166 -7.85 11.83 -21.60
C ASN A 166 -8.08 12.88 -20.53
N TYR A 167 -7.00 13.24 -19.83
CA TYR A 167 -7.00 14.14 -18.67
C TYR A 167 -6.30 15.46 -19.02
N GLN A 168 -6.33 15.78 -20.33
CA GLN A 168 -5.72 16.99 -20.84
C GLN A 168 -6.76 17.84 -21.59
N GLU A 169 -7.04 17.51 -22.84
CA GLU A 169 -7.96 18.31 -23.62
C GLU A 169 -9.35 18.41 -23.00
N THR A 170 -9.77 17.38 -22.26
CA THR A 170 -11.11 17.31 -21.66
C THR A 170 -11.29 18.48 -20.68
N SER A 171 -10.19 19.02 -20.15
CA SER A 171 -10.17 20.16 -19.23
C SER A 171 -10.12 21.55 -19.91
N TYR A 172 -10.00 21.62 -21.24
CA TYR A 172 -9.66 22.85 -21.95
C TYR A 172 -10.85 23.80 -22.12
N PRO A 173 -10.66 25.10 -21.84
CA PRO A 173 -11.71 26.09 -22.09
C PRO A 173 -11.70 26.57 -23.53
N VAL A 174 -12.05 25.68 -24.46
CA VAL A 174 -12.13 25.98 -25.90
C VAL A 174 -13.44 25.35 -26.40
N ALA A 175 -14.00 26.04 -27.41
CA ALA A 175 -15.12 25.62 -28.25
C ALA A 175 -14.68 25.79 -29.72
N VAL A 176 -14.86 24.71 -30.51
CA VAL A 176 -14.68 24.72 -31.94
C VAL A 176 -16.02 24.88 -32.65
N PHE A 177 -16.10 25.86 -33.54
CA PHE A 177 -17.22 26.05 -34.42
C PHE A 177 -16.73 25.79 -35.83
N LEU A 178 -17.03 24.59 -36.30
CA LEU A 178 -16.60 24.10 -37.58
C LEU A 178 -17.77 24.30 -38.52
N TRP A 179 -17.58 25.28 -39.42
CA TRP A 179 -18.54 25.62 -40.44
C TRP A 179 -18.24 24.88 -41.75
N THR A 180 -19.29 24.34 -42.38
CA THR A 180 -19.24 23.76 -43.71
C THR A 180 -20.22 24.55 -44.56
N PHE A 181 -19.77 25.07 -45.72
CA PHE A 181 -20.62 25.73 -46.68
C PHE A 181 -20.55 24.96 -48.01
N SER A 182 -21.68 24.74 -48.68
CA SER A 182 -21.68 24.26 -50.05
C SER A 182 -22.76 24.96 -50.86
N ASN A 183 -22.45 25.17 -52.15
CA ASN A 183 -23.31 25.87 -53.09
C ASN A 183 -24.00 24.84 -53.99
N PRO A 184 -25.30 24.57 -53.81
CA PRO A 184 -25.99 23.63 -54.65
C PRO A 184 -26.66 24.27 -55.89
N THR A 185 -26.45 25.58 -56.09
CA THR A 185 -27.13 26.36 -57.12
C THR A 185 -26.24 26.49 -58.37
N ASP A 186 -26.80 27.09 -59.44
CA ASP A 186 -26.08 27.30 -60.71
C ASP A 186 -25.24 28.59 -60.69
N GLN A 187 -25.36 29.38 -59.61
CA GLN A 187 -24.80 30.71 -59.50
C GLN A 187 -23.79 30.81 -58.35
N SER A 188 -22.66 31.46 -58.61
CA SER A 188 -21.64 31.77 -57.63
C SER A 188 -22.20 32.66 -56.50
N LEU A 189 -21.76 32.39 -55.26
CA LEU A 189 -22.24 33.10 -54.06
C LEU A 189 -21.07 33.83 -53.39
N THR A 190 -21.36 35.00 -52.81
CA THR A 190 -20.45 35.66 -51.87
C THR A 190 -21.03 35.49 -50.46
N LEU A 191 -20.23 34.92 -49.53
CA LEU A 191 -20.62 34.74 -48.14
C LEU A 191 -19.64 35.43 -47.22
N SER A 192 -20.17 35.94 -46.11
CA SER A 192 -19.35 36.41 -45.02
C SER A 192 -19.88 35.83 -43.71
N LEU A 193 -18.95 35.31 -42.90
CA LEU A 193 -19.22 34.77 -41.56
C LEU A 193 -18.60 35.71 -40.54
N MET A 194 -19.43 36.28 -39.65
CA MET A 194 -18.94 37.15 -38.58
C MET A 194 -19.08 36.49 -37.21
N LEU A 195 -18.05 36.67 -36.34
CA LEU A 195 -18.18 36.45 -34.92
C LEU A 195 -17.92 37.77 -34.18
N SER A 196 -18.94 38.30 -33.47
CA SER A 196 -18.84 39.36 -32.47
C SER A 196 -18.89 38.75 -31.07
N TRP A 197 -18.23 39.37 -30.08
CA TRP A 197 -18.26 38.95 -28.69
C TRP A 197 -18.07 40.20 -27.82
N GLN A 198 -18.82 40.30 -26.71
CA GLN A 198 -18.66 41.35 -25.70
C GLN A 198 -17.56 40.95 -24.74
N ASN A 199 -16.66 41.90 -24.43
CA ASN A 199 -15.60 41.71 -23.48
C ASN A 199 -16.17 41.68 -22.05
N THR A 200 -16.14 40.49 -21.42
CA THR A 200 -16.64 40.28 -20.06
C THR A 200 -15.52 40.03 -19.05
N VAL A 201 -14.27 40.35 -19.41
CA VAL A 201 -13.21 40.17 -18.43
C VAL A 201 -13.58 40.93 -17.18
N GLY A 202 -13.30 40.32 -16.01
CA GLY A 202 -13.58 40.93 -14.70
C GLY A 202 -15.02 40.78 -14.19
N TRP A 203 -15.94 40.29 -15.02
CA TRP A 203 -17.34 40.14 -14.63
C TRP A 203 -17.56 38.94 -13.70
N PHE A 204 -16.80 37.84 -13.91
CA PHE A 204 -17.18 36.54 -13.33
C PHE A 204 -16.41 36.29 -12.04
N CYS A 205 -16.88 36.95 -10.98
CA CYS A 205 -16.32 36.86 -9.62
C CYS A 205 -17.43 37.28 -8.66
N ASN A 206 -17.31 36.91 -7.37
CA ASN A 206 -18.28 37.27 -6.34
C ASN A 206 -17.79 38.50 -5.58
N THR A 207 -18.56 39.60 -5.65
CA THR A 207 -18.29 40.75 -4.79
C THR A 207 -18.75 40.48 -3.35
N THR A 208 -19.58 39.44 -3.05
CA THR A 208 -19.96 39.05 -1.68
C THR A 208 -19.56 37.59 -1.36
N PRO A 209 -18.25 37.26 -1.23
CA PRO A 209 -17.83 35.89 -0.98
C PRO A 209 -17.94 35.58 0.50
N SER A 210 -18.00 34.29 0.91
CA SER A 210 -18.09 33.88 2.32
C SER A 210 -19.20 34.64 3.07
N SER A 211 -20.30 34.95 2.33
CA SER A 211 -21.48 35.65 2.84
C SER A 211 -22.22 34.78 3.89
N ALA A 212 -23.06 35.46 4.71
CA ALA A 212 -23.99 34.80 5.62
C ALA A 212 -24.74 33.68 4.87
N ILE A 213 -24.95 32.55 5.58
CA ILE A 213 -25.70 31.39 5.08
C ILE A 213 -27.14 31.54 5.56
N ALA A 214 -28.10 31.64 4.62
CA ALA A 214 -29.54 31.66 4.89
C ALA A 214 -30.13 30.24 4.75
N ILE A 215 -31.20 29.95 5.49
CA ILE A 215 -31.92 28.70 5.29
C ILE A 215 -33.12 29.01 4.37
N ARG A 216 -33.12 28.43 3.17
CA ARG A 216 -34.23 28.56 2.22
C ARG A 216 -35.43 27.75 2.72
N ASP A 217 -36.62 28.01 2.14
CA ASP A 217 -37.91 27.49 2.58
C ASP A 217 -38.00 25.95 2.48
N ASP A 218 -37.15 25.30 1.66
CA ASP A 218 -37.07 23.86 1.46
C ASP A 218 -36.07 23.23 2.45
N GLY A 219 -35.41 24.08 3.29
CA GLY A 219 -34.48 23.72 4.38
C GLY A 219 -32.99 23.75 4.00
N SER A 220 -32.66 24.03 2.72
CA SER A 220 -31.27 24.01 2.24
C SER A 220 -30.54 25.30 2.61
N PRO A 221 -29.23 25.23 3.01
CA PRO A 221 -28.43 26.44 3.11
C PRO A 221 -28.13 27.03 1.72
N VAL A 222 -28.24 28.38 1.58
CA VAL A 222 -27.93 29.18 0.38
C VAL A 222 -27.01 30.34 0.77
N TYR A 223 -26.20 30.85 -0.19
CA TYR A 223 -25.29 32.00 -0.03
C TYR A 223 -25.68 33.08 -1.06
N THR A 224 -25.04 34.24 -0.98
CA THR A 224 -25.28 35.34 -1.91
C THR A 224 -24.17 35.41 -2.94
N TYR A 225 -24.58 35.41 -4.21
CA TYR A 225 -23.69 35.56 -5.36
C TYR A 225 -23.92 36.92 -6.00
N THR A 226 -22.92 37.78 -5.99
CA THR A 226 -23.09 39.13 -6.54
C THR A 226 -21.98 39.34 -7.58
N PRO A 227 -22.16 38.88 -8.83
CA PRO A 227 -21.08 39.00 -9.82
C PRO A 227 -20.91 40.43 -10.26
N ARG A 228 -19.89 40.75 -11.03
CA ARG A 228 -19.68 42.10 -11.53
C ARG A 228 -20.16 42.20 -12.97
N TRP A 229 -21.32 41.64 -13.23
CA TRP A 229 -21.92 41.69 -14.55
C TRP A 229 -22.09 43.13 -15.03
N GLY A 230 -21.58 43.45 -16.21
CA GLY A 230 -21.74 44.78 -16.79
C GLY A 230 -20.70 45.76 -16.26
N GLN A 231 -19.69 45.31 -15.52
CA GLN A 231 -18.60 46.12 -15.00
C GLN A 231 -17.33 45.90 -15.84
N SER A 232 -17.12 46.79 -16.84
CA SER A 232 -16.19 46.62 -17.92
C SER A 232 -15.04 47.64 -17.92
N ASP A 233 -14.86 48.39 -16.82
CA ASP A 233 -13.89 49.47 -16.69
C ASP A 233 -12.48 48.89 -16.90
N GLY A 234 -11.75 49.39 -17.91
CA GLY A 234 -10.39 48.92 -18.18
C GLY A 234 -10.34 47.84 -19.26
N ASN A 235 -11.51 47.37 -19.70
CA ASN A 235 -11.56 46.29 -20.67
C ASN A 235 -11.22 46.85 -22.05
N PHE A 236 -10.39 46.12 -22.81
CA PHE A 236 -10.01 46.50 -24.17
C PHE A 236 -9.85 45.23 -25.02
N ASN A 237 -9.96 45.43 -26.33
CA ASN A 237 -9.84 44.41 -27.34
C ASN A 237 -8.80 44.83 -28.38
N GLU A 238 -8.08 43.81 -28.90
CA GLU A 238 -7.12 43.94 -29.99
C GLU A 238 -7.39 42.88 -31.04
N LEU A 239 -7.12 43.23 -32.30
CA LEU A 239 -7.01 42.27 -33.40
C LEU A 239 -5.75 41.43 -33.27
N ILE A 240 -5.80 40.17 -33.72
CA ILE A 240 -4.67 39.26 -33.72
C ILE A 240 -4.42 38.95 -35.21
N GLN A 241 -3.17 38.98 -35.63
CA GLN A 241 -2.77 38.71 -37.01
C GLN A 241 -1.39 38.07 -36.98
N THR A 242 -1.29 36.78 -37.37
CA THR A 242 -0.03 36.13 -37.65
C THR A 242 -0.08 35.51 -39.06
N GLU A 243 1.00 34.84 -39.50
CA GLU A 243 0.97 34.12 -40.78
C GLU A 243 -0.04 32.97 -40.77
N SER A 244 -0.24 32.34 -39.58
CA SER A 244 -1.05 31.15 -39.42
C SER A 244 -2.52 31.45 -39.09
N PHE A 245 -2.81 32.52 -38.32
CA PHE A 245 -4.18 32.69 -37.78
C PHE A 245 -4.46 34.19 -37.58
N GLN A 246 -5.75 34.53 -37.55
CA GLN A 246 -6.20 35.88 -37.27
C GLN A 246 -7.52 35.87 -36.50
N GLY A 247 -7.71 36.91 -35.66
CA GLY A 247 -8.98 37.19 -35.02
C GLY A 247 -8.86 38.35 -34.04
N TRP A 248 -9.29 38.08 -32.79
CA TRP A 248 -9.31 39.08 -31.72
C TRP A 248 -9.07 38.45 -30.35
N ARG A 249 -8.66 39.30 -29.40
CA ARG A 249 -8.35 38.99 -28.03
C ARG A 249 -8.96 40.10 -27.17
N LEU A 250 -9.59 39.72 -26.06
CA LEU A 250 -10.32 40.58 -25.16
C LEU A 250 -9.63 40.51 -23.83
N ARG A 251 -9.17 41.66 -23.34
CA ARG A 251 -8.35 41.75 -22.14
C ARG A 251 -8.89 42.87 -21.24
N ARG A 252 -8.14 43.12 -20.18
CA ARG A 252 -8.41 44.17 -19.22
C ARG A 252 -7.06 44.78 -18.82
N MET A 253 -7.05 46.11 -18.68
CA MET A 253 -5.89 46.81 -18.15
C MET A 253 -6.23 47.38 -16.78
N PRO A 254 -5.37 47.20 -15.74
CA PRO A 254 -4.21 46.32 -15.82
C PRO A 254 -4.63 44.87 -15.58
N HIS A 255 -3.79 43.92 -15.94
CA HIS A 255 -3.96 42.51 -15.64
C HIS A 255 -3.00 42.21 -14.51
N PRO A 256 -3.44 41.95 -13.26
CA PRO A 256 -2.50 41.71 -12.17
C PRO A 256 -1.81 40.37 -12.29
N ASN A 257 -0.67 40.30 -11.60
CA ASN A 257 0.08 39.09 -11.43
C ASN A 257 0.32 38.84 -9.94
N PRO A 258 -0.18 37.77 -9.28
CA PRO A 258 -0.96 36.73 -9.91
C PRO A 258 -2.34 37.23 -10.31
N PRO A 259 -3.05 36.60 -11.26
CA PRO A 259 -4.43 36.98 -11.54
C PRO A 259 -5.34 36.63 -10.37
N GLN A 260 -6.44 37.37 -10.21
CA GLN A 260 -7.47 37.07 -9.24
C GLN A 260 -8.65 36.46 -10.00
N GLU A 261 -9.59 35.90 -9.26
CA GLU A 261 -10.80 35.42 -9.89
C GLU A 261 -11.39 36.53 -10.74
N GLY A 262 -11.68 36.22 -12.00
CA GLY A 262 -12.33 37.16 -12.88
C GLY A 262 -11.35 37.70 -13.92
N ASP A 263 -10.05 37.59 -13.60
CA ASP A 263 -8.96 38.09 -14.43
C ASP A 263 -8.58 37.05 -15.47
N GLY A 264 -8.45 37.50 -16.72
CA GLY A 264 -8.06 36.65 -17.82
C GLY A 264 -8.41 37.32 -19.14
N GLU A 265 -8.64 36.45 -20.17
CA GLU A 265 -8.85 36.91 -21.53
C GLU A 265 -9.63 35.92 -22.35
N TRP A 266 -10.28 36.45 -23.38
CA TRP A 266 -10.94 35.69 -24.42
C TRP A 266 -10.07 35.82 -25.66
N ALA A 267 -10.15 34.82 -26.56
CA ALA A 267 -9.69 35.00 -27.94
C ALA A 267 -10.53 34.16 -28.87
N ALA A 268 -10.55 34.57 -30.12
CA ALA A 268 -11.19 33.81 -31.17
C ALA A 268 -10.30 33.95 -32.40
N LEU A 269 -10.20 32.86 -33.16
CA LEU A 269 -9.25 32.76 -34.24
C LEU A 269 -9.89 31.96 -35.35
N ILE A 270 -9.47 32.29 -36.59
CA ILE A 270 -9.58 31.47 -37.79
C ILE A 270 -8.20 31.28 -38.39
N PRO A 271 -7.98 30.23 -39.23
CA PRO A 271 -6.73 30.11 -39.96
C PRO A 271 -6.66 31.22 -41.00
N THR A 272 -5.43 31.60 -41.41
CA THR A 272 -5.24 32.45 -42.61
C THR A 272 -5.49 31.64 -43.88
N GLY A 273 -5.64 32.34 -45.01
CA GLY A 273 -5.64 31.74 -46.34
C GLY A 273 -7.06 31.39 -46.79
N LEU A 274 -8.14 31.80 -46.11
CA LEU A 274 -9.46 31.25 -46.41
C LEU A 274 -10.36 32.31 -46.99
N GLY A 275 -9.95 33.58 -47.02
CA GLY A 275 -10.73 34.60 -47.70
C GLY A 275 -10.29 35.95 -47.21
N GLU A 276 -11.18 36.96 -47.22
CA GLU A 276 -10.79 38.30 -46.82
C GLU A 276 -11.23 38.54 -45.37
N PHE A 277 -10.26 38.84 -44.52
CA PHE A 277 -10.43 39.11 -43.10
C PHE A 277 -10.73 40.59 -42.81
N PHE A 278 -11.89 40.87 -42.20
CA PHE A 278 -12.28 42.18 -41.72
C PHE A 278 -12.28 42.15 -40.19
N GLY A 279 -11.46 42.99 -39.56
CA GLY A 279 -11.41 43.12 -38.10
C GLY A 279 -11.90 44.47 -37.59
N CYS A 280 -12.74 44.44 -36.55
CA CYS A 280 -13.22 45.59 -35.79
C CYS A 280 -13.15 45.30 -34.28
N SER A 281 -12.11 45.80 -33.60
CA SER A 281 -11.78 45.38 -32.27
C SER A 281 -12.63 46.08 -31.23
N ARG A 282 -13.30 47.19 -31.57
CA ARG A 282 -13.95 48.02 -30.57
C ARG A 282 -15.24 48.63 -31.11
N TRP A 283 -16.37 48.13 -30.69
CA TRP A 283 -17.69 48.59 -31.04
C TRP A 283 -18.55 48.50 -29.77
N GLN A 284 -19.70 49.18 -29.79
CA GLN A 284 -20.57 49.38 -28.64
C GLN A 284 -21.75 48.39 -28.64
N PRO A 285 -21.70 47.30 -27.80
CA PRO A 285 -22.74 46.29 -27.76
C PRO A 285 -24.09 46.80 -27.21
N GLU A 286 -24.12 47.96 -26.53
CA GLU A 286 -25.36 48.49 -25.98
C GLU A 286 -26.07 49.37 -27.00
N GLY A 287 -25.38 49.82 -28.05
CA GLY A 287 -25.99 50.65 -29.07
C GLY A 287 -26.80 49.81 -30.06
N ASP A 288 -27.06 50.43 -31.22
CA ASP A 288 -27.91 49.88 -32.27
C ASP A 288 -27.12 48.88 -33.14
N GLY A 289 -25.80 48.81 -32.96
CA GLY A 289 -24.95 47.93 -33.74
C GLY A 289 -24.83 48.27 -35.24
N ALA A 290 -25.12 49.52 -35.63
CA ALA A 290 -25.19 49.96 -37.03
C ALA A 290 -23.81 50.13 -37.65
N HIS A 291 -22.79 50.43 -36.84
CA HIS A 291 -21.42 50.61 -37.27
C HIS A 291 -20.95 49.34 -37.98
N LEU A 292 -21.27 48.20 -37.38
CA LEU A 292 -21.07 46.87 -37.94
C LEU A 292 -22.05 46.54 -39.07
N TRP A 293 -23.36 46.66 -38.81
CA TRP A 293 -24.38 46.11 -39.72
C TRP A 293 -24.46 46.84 -41.07
N GLN A 294 -24.11 48.13 -41.12
CA GLN A 294 -24.19 48.93 -42.34
C GLN A 294 -23.19 48.48 -43.39
N SER A 295 -22.03 47.97 -42.94
CA SER A 295 -21.06 47.28 -43.81
C SER A 295 -21.45 45.82 -44.10
N PHE A 296 -21.66 45.06 -43.00
CA PHE A 296 -21.81 43.60 -43.04
C PHE A 296 -23.02 43.17 -43.87
N SER A 297 -24.18 43.83 -43.64
CA SER A 297 -25.42 43.48 -44.33
C SER A 297 -25.39 43.91 -45.80
N VAL A 298 -24.49 44.82 -46.20
CA VAL A 298 -24.42 45.29 -47.56
C VAL A 298 -23.45 44.45 -48.40
N ASP A 299 -22.19 44.23 -47.97
CA ASP A 299 -21.19 43.53 -48.79
C ASP A 299 -20.33 42.55 -47.97
N GLY A 300 -20.70 42.32 -46.69
CA GLY A 300 -20.04 41.30 -45.86
C GLY A 300 -18.71 41.74 -45.26
N SER A 301 -18.40 43.05 -45.33
CA SER A 301 -17.24 43.64 -44.70
C SER A 301 -17.57 44.22 -43.30
N LEU A 302 -16.51 44.63 -42.61
CA LEU A 302 -16.59 45.47 -41.44
C LEU A 302 -15.65 46.68 -41.59
N PRO A 303 -15.97 47.86 -40.99
CA PRO A 303 -14.98 48.94 -40.90
C PRO A 303 -13.77 48.53 -40.05
N PHE A 304 -12.58 48.80 -40.57
CA PHE A 304 -11.32 48.43 -39.93
C PHE A 304 -11.10 49.20 -38.61
N VAL A 305 -11.04 48.51 -37.47
CA VAL A 305 -10.70 49.13 -36.19
C VAL A 305 -9.77 48.21 -35.39
N ASN A 306 -8.59 48.76 -35.06
CA ASN A 306 -7.69 48.15 -34.14
C ASN A 306 -7.42 49.20 -33.09
N ASP A 307 -8.27 49.22 -32.03
CA ASP A 307 -8.28 50.25 -31.01
C ASP A 307 -8.38 49.63 -29.61
N PRO A 308 -7.24 49.50 -28.91
CA PRO A 308 -7.21 48.93 -27.57
C PRO A 308 -7.45 49.92 -26.44
N THR A 309 -8.22 50.98 -26.67
CA THR A 309 -8.51 51.97 -25.64
C THR A 309 -9.29 51.25 -24.52
N PRO A 310 -8.82 51.26 -23.25
CA PRO A 310 -9.56 50.67 -22.15
C PRO A 310 -10.93 51.31 -22.03
N ALA A 311 -11.96 50.55 -21.68
CA ALA A 311 -13.30 51.10 -21.65
C ALA A 311 -13.41 52.09 -20.48
N ALA A 312 -14.19 53.17 -20.69
CA ALA A 312 -14.41 54.20 -19.67
C ALA A 312 -15.46 53.67 -18.69
N ALA A 313 -15.54 54.37 -17.57
CA ALA A 313 -16.55 54.18 -16.55
C ALA A 313 -17.91 54.20 -17.28
N GLY A 314 -18.75 53.15 -17.04
CA GLY A 314 -20.07 53.04 -17.63
C GLY A 314 -20.10 52.48 -19.07
N GLU A 315 -18.95 52.21 -19.68
CA GLU A 315 -18.87 51.88 -21.09
C GLU A 315 -18.63 50.35 -21.23
N GLN A 316 -19.43 49.71 -22.10
CA GLN A 316 -19.24 48.35 -22.55
C GLN A 316 -18.47 48.39 -23.88
N VAL A 317 -17.68 47.31 -24.18
CA VAL A 317 -16.96 47.13 -25.42
C VAL A 317 -17.06 45.67 -25.89
N ALA A 318 -16.93 45.51 -27.20
CA ALA A 318 -17.03 44.24 -27.90
C ALA A 318 -16.11 44.31 -29.11
N ALA A 319 -15.80 43.15 -29.68
CA ALA A 319 -15.02 43.02 -30.89
C ALA A 319 -15.80 42.16 -31.90
N ALA A 320 -15.32 42.14 -33.15
CA ALA A 320 -15.87 41.35 -34.23
C ALA A 320 -14.78 41.15 -35.27
N PHE A 321 -14.88 40.04 -36.00
CA PHE A 321 -14.20 39.82 -37.27
C PHE A 321 -15.23 39.15 -38.19
N ALA A 322 -15.04 39.34 -39.50
CA ALA A 322 -15.78 38.67 -40.56
C ALA A 322 -14.78 38.12 -41.57
N LEU A 323 -15.11 36.95 -42.10
CA LEU A 323 -14.34 36.35 -43.16
C LEU A 323 -15.26 36.24 -44.39
N ARG A 324 -14.86 36.95 -45.47
CA ARG A 324 -15.57 36.94 -46.75
C ARG A 324 -14.84 36.08 -47.78
N PHE A 325 -15.64 35.28 -48.50
CA PHE A 325 -15.20 34.24 -49.43
C PHE A 325 -16.29 34.08 -50.51
N SER A 326 -15.89 33.52 -51.64
CA SER A 326 -16.92 33.17 -52.63
C SER A 326 -16.95 31.66 -52.73
N LEU A 327 -18.11 31.16 -53.12
CA LEU A 327 -18.37 29.74 -53.25
C LEU A 327 -18.96 29.52 -54.64
N ALA A 328 -18.14 28.91 -55.54
CA ALA A 328 -18.52 28.63 -56.93
C ALA A 328 -19.59 27.53 -56.92
N PRO A 329 -20.42 27.39 -57.99
CA PRO A 329 -21.49 26.38 -58.00
C PRO A 329 -20.98 24.99 -57.74
N GLY A 330 -21.55 24.27 -56.77
CA GLY A 330 -21.04 22.96 -56.41
C GLY A 330 -19.75 22.95 -55.55
N GLU A 331 -19.21 24.09 -55.13
CA GLU A 331 -18.04 24.08 -54.25
C GLU A 331 -18.47 23.94 -52.77
N ARG A 332 -17.62 23.31 -51.95
CA ARG A 332 -17.80 23.13 -50.52
C ARG A 332 -16.58 23.69 -49.79
N LYS A 333 -16.77 24.60 -48.83
CA LYS A 333 -15.68 25.15 -48.03
C LYS A 333 -15.94 24.89 -46.55
N GLN A 334 -14.87 24.72 -45.76
CA GLN A 334 -14.96 24.56 -44.33
C GLN A 334 -14.17 25.68 -43.69
N ILE A 335 -14.75 26.31 -42.63
CA ILE A 335 -14.06 27.28 -41.82
C ILE A 335 -14.13 26.90 -40.36
N PRO A 336 -12.96 26.58 -39.74
CA PRO A 336 -12.92 26.40 -38.30
C PRO A 336 -12.78 27.74 -37.59
N VAL A 337 -13.70 28.02 -36.66
CA VAL A 337 -13.58 29.13 -35.74
C VAL A 337 -13.41 28.59 -34.33
N VAL A 338 -12.40 29.11 -33.58
CA VAL A 338 -12.19 28.66 -32.23
C VAL A 338 -12.27 29.86 -31.30
N LEU A 339 -13.00 29.67 -30.20
CA LEU A 339 -13.08 30.54 -29.02
C LEU A 339 -12.40 29.85 -27.84
N ALA A 340 -11.55 30.59 -27.13
CA ALA A 340 -10.85 30.18 -25.96
C ALA A 340 -10.96 31.30 -24.91
N TRP A 341 -10.97 30.88 -23.63
CA TRP A 341 -11.12 31.78 -22.50
C TRP A 341 -10.21 31.30 -21.40
N ASP A 342 -9.31 32.16 -20.93
CA ASP A 342 -8.26 31.79 -19.99
C ASP A 342 -8.64 32.52 -18.69
N PHE A 343 -9.44 31.87 -17.83
CA PHE A 343 -9.75 32.37 -16.49
C PHE A 343 -9.19 31.38 -15.50
N PRO A 344 -7.90 31.45 -15.14
CA PRO A 344 -7.24 30.38 -14.42
C PRO A 344 -7.65 30.18 -12.97
N VAL A 345 -8.21 31.20 -12.30
CA VAL A 345 -8.45 31.11 -10.87
C VAL A 345 -9.90 30.73 -10.62
N THR A 346 -10.07 29.71 -9.78
CA THR A 346 -11.33 29.45 -9.10
C THR A 346 -11.13 29.79 -7.62
N GLU A 347 -11.81 30.85 -7.17
CA GLU A 347 -11.80 31.21 -5.78
C GLU A 347 -13.12 30.72 -5.23
N PHE A 348 -13.09 30.16 -4.03
CA PHE A 348 -14.28 29.60 -3.41
C PHE A 348 -14.62 30.51 -2.27
N GLY A 349 -14.48 30.09 -1.03
CA GLY A 349 -14.52 31.05 0.09
C GLY A 349 -13.39 32.06 -0.06
N LYS A 350 -13.52 33.19 0.62
CA LYS A 350 -12.56 34.29 0.53
C LYS A 350 -11.17 33.77 0.83
N GLY A 351 -10.25 33.98 -0.09
CA GLY A 351 -8.87 33.55 0.08
C GLY A 351 -8.66 32.06 -0.19
N VAL A 352 -9.71 31.32 -0.62
CA VAL A 352 -9.51 29.93 -0.99
C VAL A 352 -9.33 29.86 -2.51
N ILE A 353 -8.10 29.62 -2.95
CA ILE A 353 -7.62 29.85 -4.33
C ILE A 353 -7.12 28.53 -4.92
N TYR A 354 -7.80 28.04 -5.97
CA TYR A 354 -7.28 26.91 -6.75
C TYR A 354 -7.06 27.38 -8.21
N TYR A 355 -6.16 26.70 -8.93
CA TYR A 355 -6.02 26.91 -10.37
C TYR A 355 -6.74 25.78 -11.12
N ARG A 356 -7.19 26.12 -12.33
CA ARG A 356 -7.91 25.17 -13.17
C ARG A 356 -6.87 24.27 -13.80
N ARG A 357 -7.29 23.02 -14.05
CA ARG A 357 -6.45 21.96 -14.57
C ARG A 357 -5.81 22.34 -15.92
N TYR A 358 -6.52 23.05 -16.77
CA TYR A 358 -5.96 23.34 -18.10
C TYR A 358 -4.65 24.11 -17.97
N THR A 359 -4.45 24.90 -16.89
CA THR A 359 -3.24 25.70 -16.65
C THR A 359 -2.02 24.81 -16.61
N ASP A 360 -2.16 23.51 -16.36
CA ASP A 360 -0.98 22.65 -16.37
C ASP A 360 -0.43 22.50 -17.81
N PHE A 361 -1.22 22.78 -18.82
CA PHE A 361 -0.79 22.61 -20.22
C PHE A 361 -0.44 23.99 -20.81
N CYS A 362 -0.50 25.09 -20.03
CA CYS A 362 -0.05 26.42 -20.44
C CYS A 362 0.62 27.06 -19.24
N ASP A 363 0.02 28.05 -18.58
CA ASP A 363 0.53 28.51 -17.30
C ASP A 363 -0.63 29.17 -16.52
N ARG A 364 -0.29 29.73 -15.36
CA ARG A 364 -1.29 30.28 -14.45
C ARG A 364 -1.42 31.80 -14.55
N HIS A 365 -0.91 32.41 -15.62
CA HIS A 365 -0.84 33.87 -15.66
C HIS A 365 -2.11 34.49 -16.21
N GLY A 366 -2.92 33.72 -16.93
CA GLY A 366 -4.14 34.23 -17.52
C GLY A 366 -3.89 35.07 -18.78
N THR A 367 -2.83 34.73 -19.55
CA THR A 367 -2.44 35.47 -20.77
C THR A 367 -2.28 34.53 -21.97
N ASN A 368 -3.06 33.43 -22.00
CA ASN A 368 -2.84 32.31 -22.88
C ASN A 368 -4.01 32.06 -23.83
N ALA A 369 -5.01 32.93 -23.93
CA ALA A 369 -6.16 32.56 -24.74
C ALA A 369 -5.79 32.30 -26.22
N VAL A 370 -4.87 33.12 -26.80
CA VAL A 370 -4.49 32.97 -28.20
C VAL A 370 -3.77 31.64 -28.40
N THR A 371 -2.82 31.29 -27.53
CA THR A 371 -2.09 30.04 -27.66
C THR A 371 -3.02 28.82 -27.52
N LEU A 372 -4.04 28.88 -26.66
CA LEU A 372 -5.03 27.83 -26.56
C LEU A 372 -5.86 27.77 -27.84
N ALA A 373 -6.34 28.89 -28.32
CA ALA A 373 -7.09 28.95 -29.58
C ALA A 373 -6.26 28.39 -30.76
N ALA A 374 -4.97 28.70 -30.77
CA ALA A 374 -4.05 28.28 -31.81
C ALA A 374 -3.89 26.76 -31.82
N GLN A 375 -3.76 26.18 -30.62
CA GLN A 375 -3.73 24.75 -30.42
C GLN A 375 -4.98 24.06 -30.93
N ALA A 376 -6.12 24.68 -30.68
CA ALA A 376 -7.40 24.18 -31.17
C ALA A 376 -7.42 24.18 -32.69
N LEU A 377 -6.98 25.29 -33.33
CA LEU A 377 -6.98 25.37 -34.80
C LEU A 377 -6.13 24.28 -35.43
N ALA A 378 -4.99 24.02 -34.80
CA ALA A 378 -4.09 22.93 -35.17
C ALA A 378 -4.72 21.59 -34.99
N ALA A 379 -5.36 21.33 -33.82
CA ALA A 379 -5.80 19.98 -33.45
C ALA A 379 -7.28 19.72 -33.68
N TYR A 380 -8.10 20.65 -34.13
CA TYR A 380 -9.55 20.43 -34.04
C TYR A 380 -9.99 19.15 -34.77
N ALA A 381 -9.39 18.87 -35.94
CA ALA A 381 -9.78 17.76 -36.78
C ALA A 381 -9.41 16.42 -36.12
N THR A 382 -8.27 16.36 -35.43
CA THR A 382 -7.85 15.23 -34.62
C THR A 382 -8.90 14.99 -33.51
N TRP A 383 -9.26 16.09 -32.83
CA TRP A 383 -10.21 16.01 -31.72
C TRP A 383 -11.51 15.48 -32.28
N GLN A 384 -11.89 15.96 -33.47
CA GLN A 384 -13.15 15.52 -34.05
C GLN A 384 -13.10 14.01 -34.33
N GLU A 385 -11.96 13.52 -34.86
CA GLU A 385 -11.77 12.09 -35.13
C GLU A 385 -11.91 11.26 -33.84
N GLN A 386 -11.26 11.73 -32.77
CA GLN A 386 -11.22 11.07 -31.45
C GLN A 386 -12.64 10.97 -30.87
N ILE A 387 -13.45 12.03 -31.05
CA ILE A 387 -14.81 11.98 -30.57
C ILE A 387 -15.58 10.89 -31.34
N ARG A 388 -15.46 10.86 -32.67
CA ARG A 388 -16.13 9.83 -33.48
C ARG A 388 -15.70 8.42 -33.08
N THR A 389 -14.41 8.26 -32.73
CA THR A 389 -13.83 6.99 -32.35
C THR A 389 -14.39 6.49 -31.01
N TRP A 390 -14.44 7.35 -29.96
CA TRP A 390 -14.97 6.87 -28.69
C TRP A 390 -16.48 6.69 -28.76
N GLN A 391 -17.22 7.44 -29.59
CA GLN A 391 -18.65 7.25 -29.67
C GLN A 391 -19.06 6.07 -30.57
N ALA A 392 -18.15 5.59 -31.41
CA ALA A 392 -18.46 4.60 -32.46
C ALA A 392 -18.95 3.28 -31.85
N PRO A 393 -18.30 2.74 -30.80
CA PRO A 393 -18.84 1.57 -30.11
C PRO A 393 -20.25 1.76 -29.62
N ILE A 394 -20.65 2.97 -29.20
CA ILE A 394 -21.98 3.20 -28.67
C ILE A 394 -22.99 3.17 -29.82
N LEU A 395 -22.66 3.91 -30.89
CA LEU A 395 -23.56 4.10 -32.02
C LEU A 395 -23.76 2.82 -32.83
N SER A 396 -22.76 1.97 -32.87
CA SER A 396 -22.84 0.71 -33.60
C SER A 396 -23.31 -0.45 -32.72
N HIS A 397 -23.65 -0.22 -31.44
CA HIS A 397 -24.09 -1.32 -30.58
C HIS A 397 -25.35 -1.96 -31.19
N PRO A 398 -25.36 -3.27 -31.51
CA PRO A 398 -26.56 -3.87 -32.09
C PRO A 398 -27.77 -3.98 -31.16
N ASP A 399 -27.65 -3.99 -29.81
CA ASP A 399 -28.77 -4.21 -28.89
C ASP A 399 -29.19 -2.95 -28.10
N TRP A 400 -28.79 -1.76 -28.57
CA TRP A 400 -29.13 -0.53 -27.87
C TRP A 400 -30.06 0.23 -28.79
N PRO A 401 -31.20 0.68 -28.27
CA PRO A 401 -32.08 1.53 -29.05
C PRO A 401 -31.47 2.89 -29.36
N ASP A 402 -32.01 3.57 -30.38
CA ASP A 402 -31.54 4.90 -30.80
C ASP A 402 -31.59 5.95 -29.66
N TRP A 403 -32.72 6.01 -28.96
CA TRP A 403 -32.92 6.95 -27.86
C TRP A 403 -31.87 6.80 -26.75
N PHE A 404 -31.34 5.60 -26.60
CA PHE A 404 -30.41 5.26 -25.53
C PHE A 404 -29.00 5.70 -25.85
N LYS A 405 -28.60 5.41 -27.08
CA LYS A 405 -27.37 5.95 -27.63
C LYS A 405 -27.30 7.48 -27.47
N MET A 406 -28.38 8.15 -27.82
CA MET A 406 -28.55 9.58 -27.66
C MET A 406 -28.35 9.97 -26.19
N ALA A 407 -29.09 9.34 -25.25
CA ALA A 407 -29.18 9.82 -23.87
C ALA A 407 -27.89 9.55 -23.12
N LEU A 408 -27.24 8.47 -23.47
CA LEU A 408 -25.99 8.05 -22.89
C LEU A 408 -24.96 9.15 -23.09
N CYS A 409 -24.89 9.69 -24.30
CA CYS A 409 -23.98 10.80 -24.55
C CYS A 409 -24.49 12.10 -23.93
N ASN A 410 -25.78 12.41 -24.13
CA ASN A 410 -26.33 13.69 -23.77
C ASN A 410 -26.27 13.88 -22.26
N GLU A 411 -26.43 12.82 -21.47
CA GLU A 411 -26.38 12.94 -20.00
C GLU A 411 -24.97 13.31 -19.49
N LEU A 412 -23.93 13.22 -20.34
CA LEU A 412 -22.60 13.61 -19.92
C LEU A 412 -22.47 15.13 -19.78
N TYR A 413 -23.48 15.88 -20.28
CA TYR A 413 -23.42 17.35 -20.34
C TYR A 413 -23.12 17.94 -18.94
N VAL A 414 -23.64 17.30 -17.86
CA VAL A 414 -23.55 17.86 -16.51
C VAL A 414 -22.11 17.91 -16.00
N LEU A 415 -21.22 17.08 -16.57
CA LEU A 415 -19.82 17.01 -16.18
C LEU A 415 -19.13 18.31 -16.58
N SER A 416 -19.75 19.01 -17.55
CA SER A 416 -19.32 20.35 -17.89
C SER A 416 -20.11 21.41 -17.12
N SER A 417 -21.44 21.43 -17.22
CA SER A 417 -22.24 22.55 -16.75
C SER A 417 -22.65 22.40 -15.26
N GLY A 418 -22.39 21.27 -14.60
CA GLY A 418 -22.80 21.11 -13.21
C GLY A 418 -21.80 21.80 -12.24
N GLY A 419 -21.40 23.04 -12.51
CA GLY A 419 -20.52 23.72 -11.57
C GLY A 419 -19.21 22.97 -11.39
N SER A 420 -18.75 22.34 -12.46
CA SER A 420 -17.69 21.36 -12.42
C SER A 420 -16.37 22.08 -12.08
N LEU A 421 -15.55 21.40 -11.26
CA LEU A 421 -14.23 21.80 -10.80
C LEU A 421 -13.24 20.75 -11.21
N TRP A 422 -12.13 21.21 -11.78
CA TRP A 422 -11.01 20.36 -12.08
C TRP A 422 -9.74 21.19 -11.85
N SER A 423 -9.05 20.91 -10.76
CA SER A 423 -7.90 21.65 -10.29
C SER A 423 -6.58 21.15 -10.90
N ALA A 424 -5.52 21.95 -10.74
CA ALA A 424 -4.16 21.69 -11.14
C ALA A 424 -3.58 20.50 -10.36
N ALA A 425 -2.69 19.75 -11.03
CA ALA A 425 -2.11 18.54 -10.50
C ALA A 425 -1.28 18.90 -9.27
N SER A 426 -1.14 17.91 -8.38
CA SER A 426 -0.28 17.96 -7.22
C SER A 426 0.31 16.56 -7.12
N ASP A 427 1.29 16.36 -6.26
CA ASP A 427 1.88 15.05 -6.02
C ASP A 427 0.83 13.99 -5.67
N ARG A 428 -0.10 14.29 -4.75
CA ARG A 428 -1.02 13.28 -4.26
C ARG A 428 -2.25 13.16 -5.20
N ASP A 429 -2.47 14.16 -6.10
CA ASP A 429 -3.53 14.15 -7.13
C ASP A 429 -2.91 14.45 -8.50
N PRO A 430 -2.32 13.43 -9.15
CA PRO A 430 -1.53 13.68 -10.34
C PRO A 430 -2.24 14.17 -11.57
N VAL A 431 -3.59 14.04 -11.68
CA VAL A 431 -4.33 14.64 -12.79
C VAL A 431 -5.28 15.71 -12.28
N GLY A 432 -5.03 16.18 -11.04
CA GLY A 432 -5.95 17.13 -10.44
C GLY A 432 -7.04 16.43 -9.62
N GLN A 433 -7.75 17.26 -8.82
CA GLN A 433 -8.95 16.87 -8.08
C GLN A 433 -10.13 17.35 -8.92
N PHE A 434 -11.25 16.69 -8.75
CA PHE A 434 -12.41 16.83 -9.63
C PHE A 434 -13.63 16.90 -8.72
N ALA A 435 -14.65 17.64 -9.15
CA ALA A 435 -15.92 17.57 -8.47
C ALA A 435 -17.01 18.13 -9.38
N VAL A 436 -18.19 17.51 -9.41
CA VAL A 436 -19.41 18.08 -9.97
C VAL A 436 -20.41 18.34 -8.85
N LEU A 437 -21.20 19.43 -8.96
CA LEU A 437 -22.26 19.73 -8.01
C LEU A 437 -23.33 18.63 -8.03
N GLU A 438 -23.95 18.40 -6.87
CA GLU A 438 -25.20 17.66 -6.81
C GLU A 438 -26.22 18.34 -7.73
N CYS A 439 -26.39 19.65 -7.57
CA CYS A 439 -27.10 20.46 -8.55
C CYS A 439 -26.97 21.93 -8.20
N LEU A 440 -27.73 22.78 -8.90
CA LEU A 440 -27.59 24.22 -8.72
C LEU A 440 -28.36 24.65 -7.47
N ASP A 441 -29.51 24.01 -7.17
CA ASP A 441 -30.29 24.36 -5.98
C ASP A 441 -29.56 23.91 -4.72
N TYR A 442 -28.83 22.77 -4.83
CA TYR A 442 -28.24 22.04 -3.72
C TYR A 442 -26.73 22.09 -3.95
N ARG A 443 -26.16 23.23 -3.59
CA ARG A 443 -24.88 23.67 -4.11
C ARG A 443 -23.74 23.15 -3.25
N TRP A 444 -23.49 21.84 -3.40
CA TRP A 444 -22.31 21.19 -2.84
C TRP A 444 -21.96 20.00 -3.72
N TYR A 445 -20.79 19.41 -3.47
CA TYR A 445 -20.07 18.61 -4.47
C TYR A 445 -20.12 17.11 -4.18
N GLU A 446 -20.40 16.30 -5.23
CA GLU A 446 -20.18 14.85 -5.25
C GLU A 446 -20.90 14.13 -4.09
N SER A 447 -22.06 14.63 -3.68
CA SER A 447 -22.92 13.96 -2.75
C SER A 447 -22.84 12.43 -2.94
N LEU A 448 -22.49 11.71 -1.88
CA LEU A 448 -22.08 10.31 -1.87
C LEU A 448 -23.25 9.39 -2.19
N ASP A 449 -24.36 9.61 -1.51
CA ASP A 449 -25.62 8.93 -1.82
C ASP A 449 -25.99 9.13 -3.29
N VAL A 450 -25.72 10.31 -3.83
CA VAL A 450 -26.20 10.66 -5.17
C VAL A 450 -25.32 9.99 -6.22
N ARG A 451 -24.00 9.92 -5.93
CA ARG A 451 -22.98 9.43 -6.82
C ARG A 451 -22.95 7.90 -6.84
N LEU A 452 -23.58 7.28 -5.84
CA LEU A 452 -23.74 5.83 -5.83
C LEU A 452 -24.23 5.33 -7.19
N TYR A 453 -25.31 5.95 -7.67
CA TYR A 453 -25.86 5.79 -9.00
C TYR A 453 -25.22 6.77 -10.01
N GLY A 454 -25.02 8.03 -9.64
CA GLY A 454 -24.63 9.00 -10.64
C GLY A 454 -23.18 8.91 -11.15
N SER A 455 -22.31 8.09 -10.55
CA SER A 455 -20.88 8.13 -10.87
C SER A 455 -20.50 7.07 -11.90
N PHE A 456 -21.47 6.38 -12.53
CA PHE A 456 -21.16 5.31 -13.47
C PHE A 456 -20.50 5.80 -14.77
N ALA A 457 -20.87 7.00 -15.26
CA ALA A 457 -20.20 7.58 -16.43
C ALA A 457 -18.75 7.93 -16.09
N LEU A 458 -18.51 8.57 -14.95
CA LEU A 458 -17.15 8.98 -14.60
C LEU A 458 -16.24 7.75 -14.43
N LEU A 459 -16.76 6.70 -13.81
CA LEU A 459 -16.02 5.45 -13.61
C LEU A 459 -15.56 4.88 -14.95
N GLN A 460 -16.46 4.85 -15.92
CA GLN A 460 -16.21 4.18 -17.20
C GLN A 460 -15.31 5.02 -18.13
N LEU A 461 -15.43 6.36 -18.13
CA LEU A 461 -14.81 7.22 -19.12
C LEU A 461 -13.65 8.02 -18.53
N TRP A 462 -13.68 8.39 -17.22
CA TRP A 462 -12.57 9.12 -16.61
C TRP A 462 -12.26 8.54 -15.22
N PRO A 463 -11.78 7.28 -15.16
CA PRO A 463 -11.60 6.58 -13.90
C PRO A 463 -10.56 7.24 -13.00
N GLU A 464 -9.62 8.02 -13.57
CA GLU A 464 -8.67 8.75 -12.72
C GLU A 464 -9.33 9.91 -11.96
N LEU A 465 -10.38 10.47 -12.53
CA LEU A 465 -11.13 11.51 -11.84
C LEU A 465 -12.05 10.88 -10.79
N GLU A 466 -12.67 9.75 -11.17
CA GLU A 466 -13.46 8.95 -10.27
C GLU A 466 -12.63 8.62 -9.05
N LYS A 467 -11.38 8.15 -9.24
CA LYS A 467 -10.57 7.78 -8.10
C LYS A 467 -10.20 9.00 -7.25
N SER A 468 -9.95 10.16 -7.87
CA SER A 468 -9.57 11.31 -7.05
C SER A 468 -10.72 11.70 -6.12
N VAL A 469 -12.00 11.62 -6.61
CA VAL A 469 -13.16 11.98 -5.80
C VAL A 469 -13.21 11.03 -4.59
N MET A 470 -13.05 9.73 -4.82
CA MET A 470 -13.15 8.74 -3.76
C MET A 470 -11.97 8.87 -2.79
N ARG A 471 -10.78 9.21 -3.31
CA ARG A 471 -9.65 9.55 -2.43
C ARG A 471 -9.98 10.77 -1.55
N ALA A 472 -10.76 11.76 -2.07
CA ALA A 472 -11.12 12.94 -1.29
C ALA A 472 -12.04 12.51 -0.14
N PHE A 473 -12.95 11.61 -0.44
CA PHE A 473 -13.82 11.03 0.58
C PHE A 473 -12.98 10.32 1.64
N ALA A 474 -12.10 9.44 1.22
CA ALA A 474 -11.22 8.66 2.09
C ALA A 474 -10.43 9.54 3.09
N ARG A 475 -9.88 10.65 2.62
CA ARG A 475 -9.11 11.56 3.46
C ARG A 475 -9.96 12.30 4.50
N ALA A 476 -11.24 12.56 4.16
CA ALA A 476 -12.15 13.35 4.96
C ALA A 476 -12.82 12.50 6.05
N ILE A 477 -12.94 11.19 5.84
CA ILE A 477 -13.59 10.34 6.80
C ILE A 477 -13.00 10.50 8.20
N PRO A 478 -11.66 10.45 8.43
CA PRO A 478 -11.10 10.69 9.76
C PRO A 478 -11.16 12.10 10.33
N THR A 479 -11.45 13.13 9.53
CA THR A 479 -11.45 14.51 10.02
C THR A 479 -12.73 14.79 10.83
N ALA A 480 -12.73 15.95 11.51
CA ALA A 480 -13.81 16.38 12.36
C ALA A 480 -13.86 17.90 12.30
N ASP A 481 -15.07 18.42 12.38
CA ASP A 481 -15.36 19.81 12.70
C ASP A 481 -16.45 19.85 13.78
N PRO A 482 -16.11 20.18 15.05
CA PRO A 482 -17.06 20.14 16.16
C PRO A 482 -18.00 21.34 16.20
N THR A 483 -17.75 22.34 15.34
CA THR A 483 -18.57 23.53 15.24
C THR A 483 -20.04 23.19 15.01
N LEU A 484 -20.89 23.89 15.75
CA LEU A 484 -22.31 23.58 15.83
C LEU A 484 -22.91 24.36 14.69
N ARG A 485 -23.75 23.74 13.87
CA ARG A 485 -24.39 24.47 12.79
C ARG A 485 -25.85 24.05 12.73
N ILE A 486 -26.67 24.95 12.19
CA ILE A 486 -28.09 24.77 12.12
C ILE A 486 -28.47 23.60 11.21
N ILE A 487 -29.43 22.79 11.71
CA ILE A 487 -29.96 21.71 10.89
C ILE A 487 -31.33 22.16 10.33
N GLY A 488 -31.41 22.33 9.00
CA GLY A 488 -32.55 22.92 8.33
C GLY A 488 -33.88 22.21 8.56
N TYR A 489 -33.94 20.89 8.55
CA TYR A 489 -35.15 20.12 8.83
C TYR A 489 -35.86 20.72 10.05
N PHE A 490 -35.10 21.08 11.09
CA PHE A 490 -35.63 21.55 12.37
C PHE A 490 -35.73 23.08 12.52
N TYR A 491 -35.24 23.88 11.54
CA TYR A 491 -35.15 25.33 11.67
C TYR A 491 -36.54 25.95 11.73
N ARG A 492 -36.74 26.91 12.63
CA ARG A 492 -38.04 27.54 12.86
C ARG A 492 -37.84 29.07 12.81
N GLY A 493 -36.84 29.52 12.03
CA GLY A 493 -36.73 30.93 11.69
C GLY A 493 -35.87 31.78 12.63
N ASP A 494 -35.38 31.23 13.76
CA ASP A 494 -34.50 31.97 14.66
C ASP A 494 -33.11 31.31 14.73
N PRO A 495 -32.04 31.88 14.15
CA PRO A 495 -30.71 31.29 14.25
C PRO A 495 -30.22 30.95 15.65
N GLU A 496 -30.56 31.74 16.65
CA GLU A 496 -29.92 31.61 17.96
C GLU A 496 -30.50 30.46 18.77
N THR A 497 -31.79 30.15 18.59
CA THR A 497 -32.48 29.15 19.40
C THR A 497 -32.59 27.83 18.65
N ALA A 498 -32.25 27.87 17.37
CA ALA A 498 -32.30 26.74 16.44
C ALA A 498 -31.45 25.54 16.90
N TYR A 499 -31.99 24.35 16.64
CA TYR A 499 -31.27 23.11 16.85
C TYR A 499 -30.04 23.09 15.94
N LYS A 500 -28.90 22.79 16.54
CA LYS A 500 -27.62 22.74 15.87
C LYS A 500 -26.92 21.40 16.20
N ALA A 501 -26.12 20.91 15.25
CA ALA A 501 -25.36 19.67 15.44
C ALA A 501 -23.94 19.89 14.92
N PRO A 502 -22.96 19.12 15.40
CA PRO A 502 -21.57 19.25 14.92
C PRO A 502 -21.44 19.06 13.43
N ARG A 503 -20.66 19.92 12.76
CA ARG A 503 -20.50 19.89 11.31
C ARG A 503 -20.04 18.50 10.90
N LYS A 504 -19.00 17.97 11.55
CA LYS A 504 -18.57 16.63 11.20
C LYS A 504 -17.90 15.92 12.38
N LEU A 505 -18.36 14.69 12.64
CA LEU A 505 -17.80 13.78 13.63
C LEU A 505 -16.64 12.99 13.02
N ALA A 506 -15.54 12.83 13.76
CA ALA A 506 -14.41 12.01 13.31
C ALA A 506 -14.94 10.64 12.97
N ASN A 507 -14.56 10.12 11.79
CA ASN A 507 -14.87 8.80 11.28
C ASN A 507 -16.29 8.66 10.73
N ALA A 508 -17.13 9.65 10.85
CA ALA A 508 -18.37 9.67 10.07
C ALA A 508 -18.01 9.88 8.60
N VAL A 509 -18.91 9.45 7.71
CA VAL A 509 -18.68 9.57 6.30
C VAL A 509 -19.39 10.85 5.89
N PRO A 510 -18.68 11.82 5.24
CA PRO A 510 -19.29 13.08 4.86
C PRO A 510 -20.29 12.84 3.75
N HIS A 511 -21.35 13.66 3.69
CA HIS A 511 -22.34 13.60 2.65
C HIS A 511 -21.75 14.09 1.31
N ASP A 512 -20.82 15.04 1.36
CA ASP A 512 -20.38 15.77 0.18
C ASP A 512 -18.95 16.26 0.40
N LEU A 513 -18.34 16.83 -0.66
CA LEU A 513 -16.98 17.36 -0.61
C LEU A 513 -16.99 18.89 -0.64
N GLY A 514 -17.97 19.49 0.02
CA GLY A 514 -17.96 20.91 0.29
C GLY A 514 -18.67 21.69 -0.79
N ALA A 515 -18.43 23.02 -0.79
CA ALA A 515 -19.26 23.95 -1.55
C ALA A 515 -18.40 25.05 -2.19
N PRO A 516 -18.84 25.62 -3.31
CA PRO A 516 -18.07 26.66 -4.05
C PRO A 516 -17.97 28.02 -3.34
N ASN A 517 -18.70 28.16 -2.22
CA ASN A 517 -18.64 29.35 -1.38
C ASN A 517 -17.78 29.10 -0.15
N GLU A 518 -17.07 27.96 -0.06
CA GLU A 518 -16.28 27.59 1.11
C GLU A 518 -14.95 26.98 0.68
N HIS A 519 -14.78 25.66 0.79
CA HIS A 519 -13.54 24.99 0.44
C HIS A 519 -13.82 23.56 -0.06
N PRO A 520 -14.04 23.35 -1.38
CA PRO A 520 -14.25 22.02 -1.95
C PRO A 520 -13.10 21.09 -1.62
N TRP A 521 -13.43 19.79 -1.47
CA TRP A 521 -12.44 18.73 -1.15
C TRP A 521 -12.00 18.71 0.32
N GLU A 522 -11.68 19.88 0.87
CA GLU A 522 -10.99 20.00 2.15
C GLU A 522 -11.98 20.23 3.32
N LYS A 523 -13.13 20.91 3.06
CA LYS A 523 -14.15 21.13 4.04
C LYS A 523 -15.40 20.39 3.57
N THR A 524 -15.65 19.21 4.18
CA THR A 524 -16.65 18.26 3.71
C THR A 524 -17.91 18.35 4.57
N ASN A 525 -18.98 17.68 4.09
CA ASN A 525 -20.24 17.63 4.82
C ASN A 525 -20.84 19.03 4.99
N TYR A 526 -20.90 19.77 3.90
CA TYR A 526 -21.40 21.14 3.93
C TYR A 526 -22.92 21.11 4.08
N THR A 527 -23.60 20.16 3.44
CA THR A 527 -25.06 20.10 3.47
C THR A 527 -25.51 20.14 4.94
N ALA A 528 -26.66 20.80 5.17
CA ALA A 528 -27.15 21.01 6.52
C ALA A 528 -28.64 20.73 6.65
N TYR A 529 -29.37 20.31 5.60
CA TYR A 529 -30.80 20.06 5.71
C TYR A 529 -31.04 18.96 6.76
N GLN A 530 -30.29 17.85 6.70
CA GLN A 530 -30.19 16.86 7.76
C GLN A 530 -28.75 16.83 8.26
N ASP A 531 -28.59 16.22 9.45
CA ASP A 531 -27.30 15.88 10.04
C ASP A 531 -26.80 14.53 9.49
N CYS A 532 -25.95 14.60 8.46
CA CYS A 532 -25.53 13.44 7.70
C CYS A 532 -24.56 12.58 8.52
N ASN A 533 -24.14 13.08 9.68
CA ASN A 533 -23.36 12.26 10.60
C ASN A 533 -24.21 11.09 11.12
N LEU A 534 -25.56 11.15 10.90
CA LEU A 534 -26.49 10.14 11.41
C LEU A 534 -26.98 9.22 10.31
N TRP A 535 -26.59 9.47 9.04
CA TRP A 535 -27.13 8.73 7.92
C TRP A 535 -26.61 7.30 7.93
N LYS A 536 -27.51 6.39 7.45
CA LYS A 536 -27.30 4.95 7.54
C LYS A 536 -26.89 4.36 6.20
N ASP A 537 -26.90 5.16 5.14
CA ASP A 537 -26.54 4.67 3.79
C ASP A 537 -25.13 5.08 3.40
N LEU A 538 -24.70 6.29 3.80
CA LEU A 538 -23.43 6.88 3.33
C LEU A 538 -22.20 5.97 3.50
N ALA A 539 -22.02 5.36 4.69
CA ALA A 539 -20.88 4.49 4.95
C ALA A 539 -20.82 3.30 4.00
N SER A 540 -21.97 2.67 3.77
CA SER A 540 -22.07 1.57 2.84
C SER A 540 -21.75 2.09 1.42
N ASP A 541 -22.31 3.24 1.05
CA ASP A 541 -22.10 3.85 -0.26
C ASP A 541 -20.60 3.97 -0.50
N PHE A 542 -19.91 4.53 0.49
CA PHE A 542 -18.48 4.73 0.40
C PHE A 542 -17.72 3.43 0.07
N VAL A 543 -17.98 2.38 0.88
CA VAL A 543 -17.33 1.08 0.69
C VAL A 543 -17.63 0.52 -0.70
N LEU A 544 -18.94 0.58 -1.11
CA LEU A 544 -19.35 -0.02 -2.37
C LEU A 544 -18.67 0.67 -3.56
N LEU A 545 -18.57 1.99 -3.47
CA LEU A 545 -17.93 2.79 -4.49
C LEU A 545 -16.44 2.49 -4.56
N VAL A 546 -15.78 2.38 -3.40
CA VAL A 546 -14.33 2.05 -3.39
C VAL A 546 -14.09 0.70 -4.08
N TYR A 547 -14.79 -0.32 -3.63
CA TYR A 547 -14.68 -1.63 -4.26
C TYR A 547 -15.01 -1.60 -5.76
N ARG A 548 -16.08 -0.93 -6.19
CA ARG A 548 -16.49 -0.89 -7.58
C ARG A 548 -15.40 -0.24 -8.42
N ASP A 549 -14.83 0.85 -7.90
CA ASP A 549 -13.81 1.61 -8.60
C ASP A 549 -12.55 0.76 -8.74
N PHE A 550 -12.26 -0.07 -7.71
CA PHE A 550 -11.08 -0.93 -7.77
C PHE A 550 -11.30 -2.08 -8.77
N LEU A 551 -12.48 -2.69 -8.68
CA LEU A 551 -12.80 -3.83 -9.51
C LEU A 551 -12.95 -3.46 -10.99
N PHE A 552 -13.72 -2.42 -11.29
CA PHE A 552 -14.02 -2.03 -12.66
C PHE A 552 -12.84 -1.30 -13.31
N THR A 553 -11.68 -1.14 -12.64
CA THR A 553 -10.47 -0.65 -13.30
C THR A 553 -9.41 -1.74 -13.37
N GLY A 554 -9.84 -3.01 -13.35
CA GLY A 554 -8.98 -4.16 -13.61
C GLY A 554 -8.54 -4.90 -12.34
N GLY A 555 -8.90 -4.39 -11.17
CA GLY A 555 -8.50 -5.02 -9.91
C GLY A 555 -6.98 -5.02 -9.71
N THR A 556 -6.28 -4.00 -10.23
CA THR A 556 -4.82 -3.92 -10.19
C THR A 556 -4.34 -2.69 -9.37
N ASP A 557 -5.20 -1.68 -9.11
CA ASP A 557 -4.75 -0.47 -8.48
C ASP A 557 -4.73 -0.65 -6.97
N LEU A 558 -3.64 -1.25 -6.46
CA LEU A 558 -3.45 -1.52 -5.04
C LEU A 558 -3.20 -0.25 -4.25
N ASN A 559 -2.64 0.78 -4.92
CA ASN A 559 -2.42 2.07 -4.26
C ASN A 559 -3.76 2.67 -3.85
N PHE A 560 -4.73 2.67 -4.78
CA PHE A 560 -6.06 3.20 -4.49
C PHE A 560 -6.68 2.40 -3.34
N ALA A 561 -6.56 1.05 -3.38
CA ALA A 561 -7.23 0.21 -2.40
C ALA A 561 -6.63 0.38 -1.02
N ARG A 562 -5.29 0.39 -0.94
CA ARG A 562 -4.59 0.60 0.31
C ARG A 562 -4.88 1.97 0.91
N GLU A 563 -4.85 3.02 0.07
CA GLU A 563 -5.21 4.36 0.51
C GLU A 563 -6.64 4.43 1.09
N CYS A 564 -7.62 3.74 0.49
CA CYS A 564 -9.02 3.81 0.93
C CYS A 564 -9.34 2.82 2.07
N TRP A 565 -8.45 1.85 2.38
CA TRP A 565 -8.80 0.76 3.27
C TRP A 565 -9.03 1.30 4.70
N PRO A 566 -8.13 2.15 5.27
CA PRO A 566 -8.39 2.70 6.61
C PRO A 566 -9.76 3.38 6.71
N ALA A 567 -10.14 4.06 5.66
CA ALA A 567 -11.45 4.75 5.60
C ALA A 567 -12.61 3.75 5.50
N VAL A 568 -12.39 2.61 4.83
CA VAL A 568 -13.40 1.57 4.77
C VAL A 568 -13.66 1.04 6.20
N VAL A 569 -12.60 0.81 6.96
CA VAL A 569 -12.68 0.32 8.34
C VAL A 569 -13.42 1.31 9.22
N ALA A 570 -13.07 2.60 9.09
CA ALA A 570 -13.67 3.64 9.90
C ALA A 570 -15.14 3.79 9.54
N ALA A 571 -15.46 3.74 8.24
CA ALA A 571 -16.86 3.82 7.78
C ALA A 571 -17.74 2.74 8.39
N LEU A 572 -17.32 1.49 8.33
CA LEU A 572 -18.12 0.37 8.76
C LEU A 572 -18.30 0.37 10.29
N ASP A 573 -17.26 0.70 11.05
CA ASP A 573 -17.33 0.90 12.49
C ASP A 573 -18.31 2.00 12.88
N HIS A 574 -18.37 3.06 12.08
CA HIS A 574 -19.26 4.18 12.29
C HIS A 574 -20.71 3.74 12.10
N LEU A 575 -20.96 2.94 11.06
CA LEU A 575 -22.32 2.50 10.78
C LEU A 575 -22.76 1.36 11.74
N LYS A 576 -21.82 0.63 12.32
CA LYS A 576 -22.10 -0.51 13.19
C LYS A 576 -22.63 -0.05 14.56
N GLN A 577 -22.28 1.17 14.99
CA GLN A 577 -22.79 1.76 16.21
C GLN A 577 -24.31 1.90 16.15
N PHE A 578 -24.91 1.95 14.96
CA PHE A 578 -26.35 2.13 14.84
C PHE A 578 -27.09 0.80 14.84
N ASP A 579 -26.35 -0.31 15.06
CA ASP A 579 -26.97 -1.59 15.39
C ASP A 579 -27.19 -1.62 16.92
N GLN A 580 -28.40 -1.30 17.36
CA GLN A 580 -28.73 -1.06 18.76
C GLN A 580 -28.89 -2.40 19.51
N ASP A 581 -29.54 -3.35 18.84
CA ASP A 581 -29.90 -4.64 19.41
C ASP A 581 -28.81 -5.67 19.19
N GLY A 582 -27.75 -5.42 18.40
CA GLY A 582 -26.68 -6.41 18.25
C GLY A 582 -26.96 -7.61 17.32
N ASP A 583 -28.01 -7.57 16.49
CA ASP A 583 -28.33 -8.61 15.51
C ASP A 583 -27.44 -8.55 14.22
N GLY A 584 -26.52 -7.58 14.14
CA GLY A 584 -25.68 -7.41 12.97
C GLY A 584 -26.08 -6.33 11.97
N LEU A 585 -27.31 -5.79 12.13
CA LEU A 585 -27.94 -4.89 11.20
C LEU A 585 -28.11 -3.50 11.83
N PRO A 586 -27.62 -2.42 11.18
CA PRO A 586 -27.88 -1.04 11.64
C PRO A 586 -29.34 -0.65 11.47
N GLU A 587 -29.83 0.20 12.37
CA GLU A 587 -31.25 0.53 12.41
C GLU A 587 -31.39 2.01 12.13
N ASN A 588 -32.33 2.37 11.24
CA ASN A 588 -32.75 3.74 10.98
C ASN A 588 -33.57 4.27 12.17
N GLY A 589 -33.64 5.60 12.31
CA GLY A 589 -34.36 6.26 13.41
C GLY A 589 -34.19 7.76 13.29
N GLY A 590 -35.07 8.51 13.97
CA GLY A 590 -34.93 9.94 14.12
C GLY A 590 -35.35 10.62 12.84
N ALA A 591 -34.75 11.80 12.57
CA ALA A 591 -34.98 12.49 11.31
C ALA A 591 -34.54 11.62 10.13
N PRO A 592 -35.14 11.80 8.93
CA PRO A 592 -34.71 11.07 7.74
C PRO A 592 -33.18 10.96 7.66
N ASP A 593 -32.67 9.73 7.50
CA ASP A 593 -31.28 9.37 7.72
C ASP A 593 -30.72 8.59 6.54
N GLN A 594 -31.18 8.91 5.33
CA GLN A 594 -30.62 8.37 4.09
C GLN A 594 -31.08 9.23 2.95
N THR A 595 -30.72 8.81 1.72
CA THR A 595 -30.86 9.62 0.50
C THR A 595 -32.32 10.07 0.26
N TYR A 596 -33.36 9.33 0.72
CA TYR A 596 -34.74 9.79 0.61
C TYR A 596 -35.02 10.60 1.85
N ASP A 597 -34.54 11.84 1.85
CA ASP A 597 -34.30 12.59 3.09
C ASP A 597 -35.53 13.42 3.50
N ASP A 598 -36.71 13.16 2.88
CA ASP A 598 -37.98 13.56 3.46
C ASP A 598 -38.81 12.34 3.90
N TRP A 599 -38.18 11.15 3.97
CA TRP A 599 -38.86 9.90 4.25
C TRP A 599 -38.23 9.29 5.50
N LYS A 600 -38.98 9.27 6.60
CA LYS A 600 -38.53 8.68 7.86
C LYS A 600 -38.58 7.14 7.82
N LEU A 601 -37.50 6.50 8.30
CA LEU A 601 -37.38 5.05 8.40
C LEU A 601 -37.16 4.69 9.86
N GLN A 602 -37.71 3.57 10.32
CA GLN A 602 -37.64 3.16 11.73
C GLN A 602 -37.29 1.66 11.79
N GLY A 603 -36.15 1.36 12.42
CA GLY A 603 -35.57 0.02 12.48
C GLY A 603 -34.76 -0.32 11.22
N VAL A 604 -34.50 -1.61 11.01
CA VAL A 604 -33.76 -2.04 9.85
C VAL A 604 -34.61 -1.70 8.63
N SER A 605 -34.04 -0.95 7.65
CA SER A 605 -34.73 -0.75 6.38
C SER A 605 -34.21 -1.72 5.29
N ALA A 606 -35.06 -2.04 4.35
CA ALA A 606 -34.63 -2.74 3.16
C ALA A 606 -33.48 -2.00 2.49
N TYR A 607 -33.66 -0.68 2.30
CA TYR A 607 -32.71 0.16 1.56
C TYR A 607 -31.31 0.12 2.21
N CYS A 608 -31.17 0.60 3.45
CA CYS A 608 -29.90 0.72 4.14
C CYS A 608 -29.37 -0.65 4.58
N GLY A 609 -30.27 -1.56 5.06
CA GLY A 609 -29.90 -2.93 5.40
C GLY A 609 -29.24 -3.64 4.22
N GLY A 610 -29.83 -3.45 3.05
CA GLY A 610 -29.33 -4.06 1.84
C GLY A 610 -27.94 -3.54 1.48
N LEU A 611 -27.81 -2.20 1.47
CA LEU A 611 -26.53 -1.58 1.19
C LEU A 611 -25.46 -2.09 2.16
N TRP A 612 -25.84 -2.23 3.44
CA TRP A 612 -24.93 -2.68 4.48
C TRP A 612 -24.41 -4.09 4.18
N LEU A 613 -25.30 -5.01 3.73
CA LEU A 613 -24.92 -6.38 3.49
C LEU A 613 -23.97 -6.41 2.29
N ALA A 614 -24.32 -5.64 1.25
CA ALA A 614 -23.47 -5.53 0.05
C ALA A 614 -22.11 -4.90 0.39
N ALA A 615 -22.11 -3.87 1.27
CA ALA A 615 -20.89 -3.28 1.75
C ALA A 615 -19.99 -4.27 2.48
N LEU A 616 -20.58 -5.10 3.37
CA LEU A 616 -19.81 -6.03 4.16
C LEU A 616 -19.15 -7.01 3.20
N GLU A 617 -19.93 -7.53 2.26
CA GLU A 617 -19.42 -8.44 1.24
C GLU A 617 -18.23 -7.84 0.48
N ALA A 618 -18.36 -6.56 0.09
CA ALA A 618 -17.34 -5.82 -0.64
C ALA A 618 -16.06 -5.69 0.20
N ALA A 619 -16.22 -5.39 1.50
CA ALA A 619 -15.08 -5.17 2.37
C ALA A 619 -14.38 -6.48 2.65
N ILE A 620 -15.14 -7.59 2.76
CA ILE A 620 -14.59 -8.91 2.87
C ILE A 620 -13.74 -9.26 1.64
N ALA A 621 -14.28 -9.06 0.44
CA ALA A 621 -13.54 -9.31 -0.81
C ALA A 621 -12.26 -8.47 -0.83
N LEU A 622 -12.35 -7.18 -0.55
CA LEU A 622 -11.20 -6.32 -0.76
C LEU A 622 -10.16 -6.58 0.32
N GLY A 623 -10.65 -6.77 1.56
CA GLY A 623 -9.84 -7.01 2.74
C GLY A 623 -9.06 -8.31 2.66
N THR A 624 -9.67 -9.36 2.11
CA THR A 624 -8.98 -10.62 1.79
C THR A 624 -7.87 -10.38 0.76
N LEU A 625 -8.12 -9.66 -0.35
CA LEU A 625 -7.11 -9.36 -1.31
C LEU A 625 -5.95 -8.65 -0.60
N LEU A 626 -6.29 -7.65 0.24
CA LEU A 626 -5.26 -6.87 0.92
C LEU A 626 -4.67 -7.58 2.13
N GLN A 627 -5.21 -8.74 2.52
CA GLN A 627 -4.72 -9.45 3.71
C GLN A 627 -4.89 -8.64 5.00
N GLN A 628 -6.06 -7.99 5.18
CA GLN A 628 -6.27 -7.17 6.36
C GLN A 628 -6.96 -7.94 7.49
N PRO A 629 -6.72 -7.54 8.76
CA PRO A 629 -7.22 -8.27 9.94
C PRO A 629 -8.71 -8.16 10.30
N GLN A 630 -9.38 -7.14 9.79
CA GLN A 630 -10.79 -6.84 10.04
C GLN A 630 -11.69 -7.83 9.30
N VAL A 631 -11.14 -8.58 8.35
CA VAL A 631 -11.95 -9.48 7.55
C VAL A 631 -12.75 -10.43 8.45
N GLU A 632 -12.13 -10.98 9.52
CA GLU A 632 -12.81 -11.95 10.37
C GLU A 632 -14.05 -11.37 11.02
N ILE A 633 -13.96 -10.15 11.54
CA ILE A 633 -15.12 -9.56 12.21
C ILE A 633 -16.24 -9.24 11.19
N TYR A 634 -15.92 -8.88 9.92
CA TYR A 634 -16.91 -8.58 8.91
C TYR A 634 -17.64 -9.84 8.50
N ARG A 635 -16.92 -10.97 8.37
CA ARG A 635 -17.56 -12.25 8.14
C ARG A 635 -18.52 -12.68 9.28
N GLN A 636 -18.14 -12.47 10.54
CA GLN A 636 -19.04 -12.71 11.67
C GLN A 636 -20.29 -11.83 11.57
N TRP A 637 -20.12 -10.55 11.23
CA TRP A 637 -21.28 -9.65 11.16
C TRP A 637 -22.24 -10.09 10.08
N LEU A 638 -21.67 -10.45 8.92
CA LEU A 638 -22.42 -10.80 7.73
C LEU A 638 -23.14 -12.13 7.98
N SER A 639 -22.45 -13.08 8.62
CA SER A 639 -23.09 -14.36 8.94
C SER A 639 -24.31 -14.14 9.82
N GLN A 640 -24.32 -13.14 10.73
CA GLN A 640 -25.50 -12.88 11.52
C GLN A 640 -26.51 -12.12 10.66
N ALA A 641 -26.03 -11.07 9.96
CA ALA A 641 -26.88 -10.03 9.42
C ALA A 641 -27.65 -10.48 8.19
N ARG A 642 -27.00 -11.30 7.36
CA ARG A 642 -27.57 -11.58 6.05
C ARG A 642 -28.84 -12.44 6.20
N PRO A 643 -28.80 -13.59 6.89
CA PRO A 643 -30.04 -14.32 7.09
C PRO A 643 -31.09 -13.47 7.79
N ARG A 644 -30.65 -12.66 8.76
CA ARG A 644 -31.55 -11.88 9.57
C ARG A 644 -32.40 -10.90 8.74
N TYR A 645 -31.78 -10.25 7.72
CA TYR A 645 -32.46 -9.26 6.92
C TYR A 645 -33.68 -9.87 6.22
N HIS A 646 -33.52 -11.03 5.59
CA HIS A 646 -34.63 -11.76 4.98
C HIS A 646 -35.68 -12.14 6.04
N GLN A 647 -35.16 -12.59 7.17
CA GLN A 647 -36.03 -13.10 8.21
C GLN A 647 -36.93 -12.01 8.76
N LEU A 648 -36.43 -10.77 8.73
CA LEU A 648 -37.13 -9.63 9.30
C LEU A 648 -38.07 -8.97 8.30
N LEU A 649 -37.68 -8.89 7.01
CA LEU A 649 -38.27 -7.96 6.06
C LEU A 649 -39.10 -8.65 4.98
N TRP A 650 -38.92 -9.96 4.72
CA TRP A 650 -39.73 -10.57 3.67
C TRP A 650 -41.20 -10.60 4.07
N ASN A 651 -42.11 -10.03 3.26
CA ASN A 651 -43.55 -10.14 3.55
C ASN A 651 -44.29 -11.17 2.69
N GLY A 652 -43.61 -11.91 1.83
CA GLY A 652 -44.28 -12.84 0.94
C GLY A 652 -44.31 -12.40 -0.51
N GLU A 653 -44.17 -11.08 -0.76
CA GLU A 653 -44.22 -10.53 -2.11
C GLU A 653 -43.07 -9.54 -2.37
N TYR A 654 -42.66 -8.78 -1.36
CA TYR A 654 -41.52 -7.86 -1.45
C TYR A 654 -40.91 -7.64 -0.08
N TYR A 655 -39.86 -6.82 -0.03
CA TYR A 655 -39.23 -6.47 1.23
C TYR A 655 -39.91 -5.23 1.76
N ARG A 656 -40.38 -5.40 2.99
CA ARG A 656 -40.95 -4.37 3.84
C ARG A 656 -40.04 -3.15 3.86
N LEU A 657 -40.64 -1.94 3.88
CA LEU A 657 -39.86 -0.70 3.95
C LEU A 657 -38.81 -0.76 5.08
N ASP A 658 -39.28 -1.12 6.29
CA ASP A 658 -38.48 -1.17 7.51
C ASP A 658 -39.18 -2.04 8.58
N THR A 659 -38.56 -2.22 9.75
CA THR A 659 -39.07 -3.16 10.72
C THR A 659 -39.95 -2.46 11.72
N GLY A 660 -39.91 -1.12 11.79
CA GLY A 660 -40.49 -0.41 12.92
C GLY A 660 -41.77 0.35 12.57
N SER A 661 -42.07 0.66 11.32
CA SER A 661 -43.11 1.66 11.04
C SER A 661 -44.46 1.03 10.78
N GLY A 662 -44.44 -0.21 10.30
CA GLY A 662 -45.64 -0.91 9.94
C GLY A 662 -46.20 -0.44 8.61
N SER A 663 -45.41 0.28 7.82
CA SER A 663 -45.82 0.76 6.50
C SER A 663 -45.95 -0.42 5.56
N ASP A 664 -47.01 -0.44 4.73
CA ASP A 664 -47.10 -1.46 3.70
C ASP A 664 -46.50 -1.00 2.35
N VAL A 665 -45.92 0.20 2.29
CA VAL A 665 -45.45 0.79 1.02
C VAL A 665 -44.36 -0.10 0.39
N ILE A 666 -44.40 -0.22 -0.93
CA ILE A 666 -43.35 -0.79 -1.77
C ILE A 666 -42.35 0.32 -2.11
N MET A 667 -41.12 0.24 -1.57
CA MET A 667 -40.05 1.16 -1.97
C MET A 667 -39.36 0.62 -3.23
N ALA A 668 -39.35 1.40 -4.32
CA ALA A 668 -38.85 0.92 -5.61
C ALA A 668 -37.39 0.51 -5.47
N ASP A 669 -36.64 1.24 -4.59
CA ASP A 669 -35.19 1.08 -4.56
C ASP A 669 -34.77 0.19 -3.40
N GLN A 670 -35.70 -0.62 -2.90
CA GLN A 670 -35.48 -1.47 -1.72
C GLN A 670 -34.24 -2.38 -1.88
N LEU A 671 -34.00 -2.94 -3.09
CA LEU A 671 -32.97 -3.95 -3.26
C LEU A 671 -31.72 -3.40 -3.98
N CYS A 672 -31.47 -2.10 -3.83
CA CYS A 672 -30.25 -1.45 -4.29
C CYS A 672 -28.98 -2.22 -3.90
N GLY A 673 -28.94 -2.76 -2.69
CA GLY A 673 -27.85 -3.59 -2.23
C GLY A 673 -27.64 -4.84 -3.08
N GLN A 674 -28.76 -5.43 -3.58
CA GLN A 674 -28.68 -6.68 -4.34
C GLN A 674 -28.21 -6.33 -5.75
N PHE A 675 -28.66 -5.21 -6.28
CA PHE A 675 -28.13 -4.71 -7.56
C PHE A 675 -26.59 -4.62 -7.48
N TYR A 676 -26.13 -3.92 -6.45
CA TYR A 676 -24.71 -3.64 -6.27
C TYR A 676 -23.94 -4.93 -5.98
N ALA A 677 -24.43 -5.79 -5.09
CA ALA A 677 -23.71 -7.02 -4.79
C ALA A 677 -23.43 -7.77 -6.07
N GLN A 678 -24.46 -7.99 -6.87
CA GLN A 678 -24.32 -8.79 -8.06
C GLN A 678 -23.43 -8.04 -9.08
N LEU A 679 -23.62 -6.73 -9.21
CA LEU A 679 -22.81 -5.95 -10.13
C LEU A 679 -21.34 -6.19 -9.81
N LEU A 680 -21.03 -6.32 -8.50
CA LEU A 680 -19.66 -6.43 -8.00
C LEU A 680 -19.16 -7.88 -7.93
N GLY A 681 -19.96 -8.83 -8.43
CA GLY A 681 -19.55 -10.21 -8.45
C GLY A 681 -19.61 -10.88 -7.08
N LEU A 682 -20.37 -10.33 -6.11
CA LEU A 682 -20.42 -10.83 -4.73
C LEU A 682 -21.66 -11.69 -4.57
N VAL A 683 -21.78 -12.38 -3.43
CA VAL A 683 -22.88 -13.31 -3.21
C VAL A 683 -24.18 -12.53 -3.08
N ASP A 684 -25.30 -13.13 -3.49
CA ASP A 684 -26.61 -12.53 -3.31
C ASP A 684 -26.84 -12.23 -1.81
N ILE A 685 -27.48 -11.06 -1.53
CA ILE A 685 -27.74 -10.60 -0.17
C ILE A 685 -29.11 -11.07 0.25
N VAL A 686 -29.92 -11.47 -0.76
CA VAL A 686 -31.23 -12.06 -0.53
C VAL A 686 -31.39 -13.28 -1.45
N PRO A 687 -32.38 -14.18 -1.21
CA PRO A 687 -32.66 -15.28 -2.14
C PRO A 687 -33.04 -14.72 -3.48
N PRO A 688 -32.35 -15.16 -4.55
CA PRO A 688 -32.60 -14.63 -5.89
C PRO A 688 -34.04 -14.77 -6.39
N ASP A 689 -34.77 -15.76 -5.91
CA ASP A 689 -36.17 -15.91 -6.25
C ASP A 689 -36.98 -14.81 -5.58
N CYS A 690 -36.64 -14.48 -4.33
CA CYS A 690 -37.28 -13.37 -3.61
C CYS A 690 -36.95 -12.02 -4.27
N CYS A 691 -35.70 -11.88 -4.66
CA CYS A 691 -35.25 -10.69 -5.38
C CYS A 691 -36.15 -10.45 -6.60
N ASP A 692 -36.27 -11.49 -7.41
CA ASP A 692 -36.98 -11.49 -8.68
C ASP A 692 -38.46 -11.19 -8.49
N ARG A 693 -39.04 -11.75 -7.43
CA ARG A 693 -40.44 -11.52 -7.13
C ARG A 693 -40.68 -10.09 -6.65
N ALA A 694 -39.79 -9.61 -5.79
CA ALA A 694 -39.82 -8.23 -5.33
C ALA A 694 -39.72 -7.30 -6.53
N LEU A 695 -38.73 -7.55 -7.39
CA LEU A 695 -38.48 -6.67 -8.52
C LEU A 695 -39.69 -6.63 -9.46
N ARG A 696 -40.31 -7.82 -9.72
CA ARG A 696 -41.50 -7.92 -10.58
C ARG A 696 -42.60 -7.03 -10.00
N LYS A 697 -42.78 -7.09 -8.67
CA LYS A 697 -43.81 -6.32 -8.01
C LYS A 697 -43.53 -4.83 -8.08
N ILE A 698 -42.27 -4.42 -7.81
CA ILE A 698 -41.86 -3.02 -7.92
C ILE A 698 -42.21 -2.49 -9.33
N TYR A 699 -41.82 -3.21 -10.36
CA TYR A 699 -42.10 -2.84 -11.75
C TYR A 699 -43.62 -2.76 -12.01
N ASP A 700 -44.37 -3.75 -11.53
CA ASP A 700 -45.79 -3.86 -11.84
C ASP A 700 -46.55 -2.78 -11.06
N THR A 701 -46.00 -2.25 -9.96
CA THR A 701 -46.75 -1.32 -9.13
C THR A 701 -46.20 0.11 -9.24
N CYS A 702 -44.89 0.27 -8.89
CA CYS A 702 -44.25 1.58 -8.80
C CYS A 702 -44.20 2.26 -10.18
N PHE A 703 -44.00 1.44 -11.24
CA PHE A 703 -44.06 1.89 -12.63
C PHE A 703 -45.50 1.74 -13.21
N LEU A 704 -45.94 0.47 -13.43
CA LEU A 704 -47.11 0.17 -14.24
C LEU A 704 -48.44 0.67 -13.64
N LYS A 705 -48.55 0.85 -12.33
CA LYS A 705 -49.76 1.37 -11.70
C LYS A 705 -49.63 2.80 -11.21
N PHE A 706 -48.56 3.48 -11.64
CA PHE A 706 -48.38 4.91 -11.42
C PHE A 706 -48.77 5.59 -12.72
N HIS A 707 -50.03 6.02 -12.79
CA HIS A 707 -50.59 6.68 -13.95
C HIS A 707 -50.27 5.91 -15.21
N ASN A 708 -50.43 4.56 -15.16
CA ASN A 708 -50.21 3.65 -16.28
C ASN A 708 -48.82 3.65 -16.91
N GLY A 709 -47.75 3.92 -16.14
CA GLY A 709 -46.41 3.79 -16.71
C GLY A 709 -46.14 4.94 -17.66
N GLN A 710 -46.74 6.10 -17.43
CA GLN A 710 -46.51 7.29 -18.25
C GLN A 710 -45.27 8.09 -17.84
N PHE A 711 -44.87 8.02 -16.55
CA PHE A 711 -43.81 8.88 -15.99
C PHE A 711 -42.53 8.10 -15.64
N GLY A 712 -42.65 6.78 -15.42
CA GLY A 712 -41.60 6.04 -14.76
C GLY A 712 -42.03 5.54 -13.39
N ALA A 713 -41.03 5.07 -12.61
CA ALA A 713 -41.23 4.44 -11.34
C ALA A 713 -41.23 5.49 -10.23
N ALA A 714 -42.37 5.59 -9.55
CA ALA A 714 -42.51 6.32 -8.30
C ALA A 714 -41.66 5.66 -7.23
N ASN A 715 -41.14 6.42 -6.27
CA ASN A 715 -40.24 5.85 -5.29
C ASN A 715 -40.96 4.91 -4.30
N GLY A 716 -42.23 5.14 -4.02
CA GLY A 716 -43.00 4.31 -3.08
C GLY A 716 -44.52 4.40 -3.35
N LEU A 717 -45.15 3.25 -3.67
CA LEU A 717 -46.61 3.13 -3.69
C LEU A 717 -47.08 1.97 -2.80
N LEU A 718 -48.38 1.96 -2.45
CA LEU A 718 -49.04 0.80 -1.87
C LEU A 718 -49.15 -0.24 -2.98
N PRO A 719 -49.26 -1.54 -2.59
CA PRO A 719 -49.46 -2.64 -3.53
C PRO A 719 -50.57 -2.44 -4.57
N ASN A 720 -51.62 -1.64 -4.25
CA ASN A 720 -52.76 -1.35 -5.12
C ASN A 720 -52.51 -0.13 -6.02
N GLY A 721 -51.33 0.50 -5.94
CA GLY A 721 -51.00 1.59 -6.86
C GLY A 721 -51.39 2.96 -6.29
N GLN A 722 -52.01 2.98 -5.10
CA GLN A 722 -52.35 4.22 -4.41
C GLN A 722 -51.18 4.72 -3.58
N PRO A 723 -51.05 6.05 -3.34
CA PRO A 723 -50.14 6.54 -2.32
C PRO A 723 -50.52 6.12 -0.89
N GLU A 724 -49.50 5.90 -0.06
CA GLU A 724 -49.72 5.68 1.35
C GLU A 724 -50.30 6.95 1.93
N ASN A 725 -49.75 8.11 1.55
CA ASN A 725 -50.15 9.43 2.03
C ASN A 725 -50.21 10.35 0.81
N PRO A 726 -51.40 10.91 0.42
CA PRO A 726 -51.54 11.56 -0.90
C PRO A 726 -50.71 12.84 -1.05
N HIS A 727 -50.16 13.32 0.09
CA HIS A 727 -49.44 14.58 0.23
C HIS A 727 -47.92 14.34 0.42
N ALA A 728 -47.47 13.09 0.50
CA ALA A 728 -46.05 12.84 0.71
C ALA A 728 -45.28 13.43 -0.48
N THR A 729 -43.98 13.70 -0.31
CA THR A 729 -43.19 14.26 -1.40
C THR A 729 -42.46 13.13 -2.14
N HIS A 730 -41.38 12.61 -1.54
CA HIS A 730 -40.45 11.69 -2.15
C HIS A 730 -41.15 10.45 -2.75
N PRO A 731 -42.02 9.73 -1.98
CA PRO A 731 -42.72 8.57 -2.53
C PRO A 731 -43.39 8.80 -3.89
N LEU A 732 -43.93 10.01 -4.14
CA LEU A 732 -44.77 10.31 -5.31
C LEU A 732 -44.02 11.01 -6.47
N GLU A 733 -42.68 11.05 -6.34
CA GLU A 733 -41.80 11.65 -7.32
C GLU A 733 -41.19 10.48 -8.08
N VAL A 734 -40.94 10.67 -9.37
CA VAL A 734 -40.08 9.79 -10.15
C VAL A 734 -38.65 10.38 -10.15
N TRP A 735 -37.67 9.66 -9.54
CA TRP A 735 -36.26 10.06 -9.57
C TRP A 735 -35.54 9.47 -10.78
N THR A 736 -35.17 10.38 -11.70
CA THR A 736 -34.61 9.97 -12.97
C THR A 736 -33.46 8.99 -12.75
N GLY A 737 -32.55 9.31 -11.81
CA GLY A 737 -31.38 8.48 -11.62
C GLY A 737 -31.70 7.16 -10.95
N ILE A 738 -32.65 7.18 -9.99
CA ILE A 738 -33.14 5.96 -9.39
C ILE A 738 -33.77 5.04 -10.46
N ASN A 739 -34.47 5.64 -11.40
CA ASN A 739 -35.09 4.86 -12.48
C ASN A 739 -34.03 4.21 -13.38
N PHE A 740 -32.93 4.93 -13.63
CA PHE A 740 -31.87 4.33 -14.43
C PHE A 740 -31.17 3.18 -13.70
N GLY A 741 -30.91 3.38 -12.40
CA GLY A 741 -30.43 2.28 -11.58
C GLY A 741 -31.36 1.07 -11.62
N LEU A 742 -32.66 1.31 -11.60
CA LEU A 742 -33.66 0.26 -11.56
C LEU A 742 -33.65 -0.49 -12.89
N ALA A 743 -33.53 0.26 -13.99
CA ALA A 743 -33.44 -0.33 -15.31
C ALA A 743 -32.26 -1.27 -15.40
N ALA A 744 -31.11 -0.78 -14.94
CA ALA A 744 -29.91 -1.60 -14.90
C ALA A 744 -30.14 -2.86 -14.07
N PHE A 745 -30.79 -2.72 -12.91
CA PHE A 745 -31.14 -3.88 -12.06
C PHE A 745 -32.04 -4.88 -12.81
N LEU A 746 -33.14 -4.38 -13.37
CA LEU A 746 -34.01 -5.19 -14.20
C LEU A 746 -33.22 -5.98 -15.25
N TRP A 747 -32.37 -5.29 -16.03
CA TRP A 747 -31.58 -5.92 -17.09
C TRP A 747 -30.67 -7.00 -16.52
N GLN A 748 -30.01 -6.68 -15.42
CA GLN A 748 -29.10 -7.65 -14.80
C GLN A 748 -29.87 -8.88 -14.33
N ARG A 749 -31.12 -8.75 -13.95
CA ARG A 749 -31.90 -9.90 -13.49
C ARG A 749 -32.62 -10.57 -14.66
N GLY A 750 -32.36 -10.14 -15.91
CA GLY A 750 -32.90 -10.84 -17.05
C GLY A 750 -34.22 -10.28 -17.51
N MET A 751 -34.79 -9.29 -16.81
CA MET A 751 -35.98 -8.62 -17.28
C MET A 751 -35.58 -7.51 -18.27
N ILE A 752 -35.11 -7.93 -19.44
CA ILE A 752 -34.58 -7.09 -20.51
C ILE A 752 -35.61 -6.14 -21.07
N ASP A 753 -36.74 -6.64 -21.57
CA ASP A 753 -37.77 -5.82 -22.17
C ASP A 753 -38.17 -4.72 -21.19
N GLU A 754 -38.25 -5.12 -19.91
CA GLU A 754 -38.74 -4.26 -18.85
C GLU A 754 -37.77 -3.10 -18.63
N ALA A 755 -36.47 -3.40 -18.55
CA ALA A 755 -35.45 -2.39 -18.43
C ALA A 755 -35.63 -1.35 -19.54
N TRP A 756 -35.74 -1.80 -20.82
CA TRP A 756 -35.74 -0.86 -21.95
C TRP A 756 -37.00 -0.01 -21.90
N ARG A 757 -38.11 -0.57 -21.39
CA ARG A 757 -39.36 0.17 -21.43
C ARG A 757 -39.31 1.27 -20.37
N LEU A 758 -38.88 0.90 -19.15
CA LEU A 758 -38.76 1.88 -18.07
C LEU A 758 -37.79 3.00 -18.44
N ALA A 759 -36.60 2.65 -18.97
CA ALA A 759 -35.57 3.64 -19.26
C ALA A 759 -36.07 4.61 -20.36
N GLU A 760 -36.80 4.06 -21.35
CA GLU A 760 -37.34 4.83 -22.47
C GLU A 760 -38.30 5.91 -21.96
N VAL A 761 -39.23 5.53 -21.08
CA VAL A 761 -40.20 6.46 -20.56
C VAL A 761 -39.48 7.66 -19.92
N VAL A 762 -38.42 7.41 -19.14
CA VAL A 762 -37.74 8.49 -18.42
C VAL A 762 -37.02 9.41 -19.41
N VAL A 763 -36.27 8.83 -20.33
CA VAL A 763 -35.64 9.60 -21.39
C VAL A 763 -36.66 10.46 -22.14
N ARG A 764 -37.78 9.87 -22.56
CA ARG A 764 -38.80 10.65 -23.27
C ARG A 764 -39.30 11.82 -22.44
N GLN A 765 -39.62 11.64 -21.16
CA GLN A 765 -40.07 12.70 -20.28
C GLN A 765 -39.05 13.87 -20.26
N ILE A 766 -37.75 13.56 -20.22
CA ILE A 766 -36.72 14.58 -20.15
C ILE A 766 -36.60 15.30 -21.49
N TYR A 767 -36.39 14.54 -22.56
CA TYR A 767 -36.00 15.14 -23.82
C TYR A 767 -37.16 15.63 -24.66
N GLU A 768 -38.42 15.37 -24.25
CA GLU A 768 -39.58 15.91 -24.97
C GLU A 768 -40.14 17.12 -24.29
N ASN A 769 -39.95 17.26 -22.97
CA ASN A 769 -40.72 18.22 -22.19
C ASN A 769 -39.90 19.40 -21.63
N GLY A 770 -38.80 19.73 -22.26
CA GLY A 770 -38.07 20.94 -21.92
C GLY A 770 -37.06 20.80 -20.76
N LEU A 771 -36.49 19.60 -20.53
CA LEU A 771 -35.49 19.39 -19.49
C LEU A 771 -34.12 19.03 -20.02
N GLN A 772 -33.91 19.09 -21.37
CA GLN A 772 -32.66 18.74 -21.97
C GLN A 772 -31.60 19.70 -21.49
N PHE A 773 -30.44 19.15 -21.12
CA PHE A 773 -29.27 19.85 -20.58
C PHE A 773 -29.57 20.54 -19.28
N ARG A 774 -30.54 20.01 -18.51
CA ARG A 774 -30.76 20.41 -17.13
C ARG A 774 -31.50 19.27 -16.43
N THR A 775 -31.14 18.01 -16.77
CA THR A 775 -31.89 16.87 -16.28
C THR A 775 -32.12 16.96 -14.75
N PRO A 776 -33.35 16.85 -14.24
CA PRO A 776 -33.56 17.02 -12.80
C PRO A 776 -33.43 15.74 -11.99
N GLU A 777 -33.35 15.87 -10.66
CA GLU A 777 -33.59 14.74 -9.76
C GLU A 777 -34.93 14.06 -10.07
N ALA A 778 -36.01 14.87 -10.07
CA ALA A 778 -37.38 14.42 -9.84
C ALA A 778 -38.31 15.00 -10.89
N ILE A 779 -39.23 14.14 -11.40
CA ILE A 779 -40.47 14.65 -12.00
C ILE A 779 -41.69 14.15 -11.22
N THR A 780 -42.78 14.93 -11.28
CA THR A 780 -44.06 14.58 -10.69
C THR A 780 -44.99 14.18 -11.84
N ALA A 781 -46.19 13.75 -11.50
CA ALA A 781 -47.23 13.45 -12.48
C ALA A 781 -47.97 14.71 -12.93
N ASN A 782 -47.58 15.87 -12.43
CA ASN A 782 -48.30 17.12 -12.66
C ASN A 782 -47.52 18.15 -13.47
N GLY A 783 -46.63 17.73 -14.39
CA GLY A 783 -45.89 18.70 -15.21
C GLY A 783 -44.84 19.50 -14.41
N THR A 784 -44.41 19.03 -13.22
CA THR A 784 -43.44 19.77 -12.42
C THR A 784 -42.17 18.93 -12.23
N PHE A 785 -41.07 19.59 -11.87
CA PHE A 785 -39.77 18.96 -11.64
C PHE A 785 -39.18 19.52 -10.35
N ARG A 786 -38.17 18.84 -9.81
CA ARG A 786 -37.39 19.38 -8.70
C ARG A 786 -35.93 19.11 -8.96
N ALA A 787 -35.10 20.15 -8.79
CA ALA A 787 -33.66 20.10 -8.70
C ALA A 787 -33.07 19.88 -10.08
N CYS A 788 -33.22 20.90 -10.93
CA CYS A 788 -32.66 20.80 -12.28
C CYS A 788 -31.13 20.71 -12.25
N MET A 789 -30.56 20.19 -13.34
CA MET A 789 -29.12 20.04 -13.54
C MET A 789 -28.48 19.12 -12.50
N TYR A 790 -28.96 17.86 -12.45
CA TYR A 790 -28.76 17.01 -11.29
C TYR A 790 -27.72 15.95 -11.66
N LEU A 791 -26.90 15.55 -10.69
CA LEU A 791 -25.85 14.54 -10.76
C LEU A 791 -26.37 13.11 -10.95
N ARG A 792 -27.45 12.69 -10.29
CA ARG A 792 -27.92 11.30 -10.29
C ARG A 792 -28.16 10.73 -11.71
N PRO A 793 -28.80 11.48 -12.64
CA PRO A 793 -29.20 10.96 -13.95
C PRO A 793 -28.10 10.34 -14.81
N MET A 794 -26.86 10.58 -14.49
CA MET A 794 -25.76 9.88 -15.16
C MET A 794 -25.80 8.38 -14.88
N ALA A 795 -26.66 7.96 -13.94
CA ALA A 795 -27.00 6.56 -13.69
C ALA A 795 -27.45 5.81 -14.96
N ILE A 796 -27.72 6.53 -16.06
CA ILE A 796 -28.02 5.84 -17.31
C ILE A 796 -26.84 4.96 -17.73
N TRP A 797 -25.61 5.35 -17.32
CA TRP A 797 -24.41 4.58 -17.58
C TRP A 797 -24.39 3.23 -16.87
N ALA A 798 -25.12 3.07 -15.74
CA ALA A 798 -25.19 1.76 -15.11
C ALA A 798 -25.87 0.78 -16.05
N LEU A 799 -26.96 1.21 -16.70
CA LEU A 799 -27.60 0.35 -17.69
C LEU A 799 -26.63 0.00 -18.84
N ALA A 800 -25.83 0.99 -19.29
CA ALA A 800 -24.87 0.73 -20.37
C ALA A 800 -23.90 -0.34 -19.91
N LEU A 801 -23.41 -0.18 -18.66
CA LEU A 801 -22.39 -1.07 -18.16
C LEU A 801 -22.93 -2.51 -18.16
N VAL A 802 -24.12 -2.75 -17.61
CA VAL A 802 -24.57 -4.13 -17.42
C VAL A 802 -24.92 -4.77 -18.78
N SER A 803 -25.29 -3.96 -19.79
CA SER A 803 -25.82 -4.42 -21.08
C SER A 803 -24.81 -4.31 -22.20
N GLY A 804 -23.57 -3.94 -21.91
CA GLY A 804 -22.70 -3.47 -22.96
C GLY A 804 -21.63 -4.45 -23.43
N GLY A 805 -21.71 -5.74 -23.01
CA GLY A 805 -20.68 -6.77 -23.26
C GLY A 805 -19.26 -6.24 -23.52
N SER A 806 -18.80 -6.43 -24.77
CA SER A 806 -17.72 -5.64 -25.37
C SER A 806 -16.70 -5.22 -24.28
N VAL B 25 47.77 -23.71 3.23
CA VAL B 25 47.54 -23.45 4.68
C VAL B 25 46.03 -23.41 5.07
N ILE B 26 45.12 -22.80 4.27
CA ILE B 26 43.69 -23.08 4.40
C ILE B 26 43.50 -24.60 4.23
N GLU B 27 42.90 -25.32 5.21
CA GLU B 27 42.64 -26.75 5.01
C GLU B 27 41.29 -26.96 4.30
N PHE B 28 41.37 -27.54 3.10
CA PHE B 28 40.21 -27.91 2.27
C PHE B 28 39.40 -26.67 1.90
N ALA B 29 40.01 -25.77 1.09
CA ALA B 29 39.41 -24.50 0.67
C ALA B 29 38.14 -24.72 -0.15
N ASN B 30 38.02 -25.92 -0.73
CA ASN B 30 36.85 -26.25 -1.53
C ASN B 30 35.63 -26.44 -0.65
N CYS B 31 35.85 -26.78 0.63
CA CYS B 31 34.82 -26.90 1.65
C CYS B 31 34.80 -25.72 2.62
N ALA B 32 35.07 -24.53 2.06
CA ALA B 32 35.02 -23.28 2.81
C ALA B 32 34.44 -22.21 1.91
N TRP B 33 33.87 -21.15 2.50
CA TRP B 33 33.42 -19.97 1.77
C TRP B 33 34.61 -19.04 1.61
N THR B 34 34.89 -18.69 0.34
CA THR B 34 36.06 -17.89 -0.01
C THR B 34 35.63 -16.66 -0.80
N ARG B 35 36.33 -15.57 -0.49
CA ARG B 35 36.19 -14.33 -1.25
C ARG B 35 37.52 -13.58 -1.12
N ALA B 36 37.91 -12.87 -2.19
CA ALA B 36 39.07 -12.02 -2.13
C ALA B 36 38.88 -11.02 -0.99
N ILE B 37 39.95 -10.80 -0.19
CA ILE B 37 40.03 -9.78 0.86
C ILE B 37 39.58 -8.42 0.32
N GLY B 38 38.58 -7.83 0.95
CA GLY B 38 38.20 -6.51 0.54
C GLY B 38 37.39 -6.43 -0.75
N GLN B 39 36.97 -7.56 -1.33
CA GLN B 39 36.08 -7.51 -2.48
C GLN B 39 34.60 -7.52 -2.05
N GLY B 40 33.88 -6.47 -2.45
CA GLY B 40 32.46 -6.27 -2.15
C GLY B 40 31.53 -6.92 -3.18
N TRP B 41 30.32 -6.42 -3.30
CA TRP B 41 29.22 -7.04 -4.02
C TRP B 41 28.61 -5.97 -4.92
N GLU B 42 28.48 -6.28 -6.19
CA GLU B 42 27.82 -5.35 -7.11
C GLU B 42 26.37 -5.18 -6.68
N THR B 43 25.63 -6.27 -6.45
CA THR B 43 24.21 -6.15 -6.12
C THR B 43 23.88 -7.18 -5.03
N PRO B 44 24.20 -6.96 -3.74
CA PRO B 44 23.83 -7.93 -2.72
C PRO B 44 22.34 -7.94 -2.52
N TYR B 45 21.79 -8.98 -1.90
CA TYR B 45 20.43 -8.93 -1.37
C TYR B 45 20.27 -7.72 -0.45
N ARG B 46 19.06 -7.11 -0.49
CA ARG B 46 18.70 -6.02 0.40
C ARG B 46 17.41 -6.37 1.14
N VAL B 47 17.17 -5.72 2.31
CA VAL B 47 16.02 -5.99 3.15
C VAL B 47 14.74 -5.50 2.43
N ARG B 48 13.65 -6.26 2.49
CA ARG B 48 12.49 -6.00 1.67
C ARG B 48 11.67 -4.85 2.28
N TYR B 49 11.72 -4.68 3.62
CA TYR B 49 11.04 -3.60 4.34
C TYR B 49 12.09 -2.67 5.01
N ALA B 50 11.97 -1.35 4.72
CA ALA B 50 12.97 -0.34 5.06
C ALA B 50 13.10 -0.24 6.58
N SER B 51 12.04 -0.47 7.36
CA SER B 51 12.20 -0.39 8.82
C SER B 51 13.03 -1.53 9.43
N ASN B 52 13.29 -2.63 8.68
CA ASN B 52 13.95 -3.80 9.23
C ASN B 52 15.46 -3.62 9.09
N LEU B 53 16.21 -4.46 9.80
CA LEU B 53 17.67 -4.41 9.79
C LEU B 53 18.29 -4.81 8.42
N ASP B 54 19.25 -3.99 7.99
CA ASP B 54 20.14 -4.30 6.89
C ASP B 54 21.42 -3.52 7.11
N ASP B 55 22.44 -4.14 7.72
CA ASP B 55 23.79 -3.60 7.88
C ASP B 55 24.60 -3.73 6.62
N GLY B 56 24.00 -4.34 5.57
CA GLY B 56 24.68 -4.59 4.32
C GLY B 56 25.50 -5.88 4.42
N PRO B 57 26.21 -6.26 3.36
CA PRO B 57 26.76 -7.60 3.25
C PRO B 57 28.12 -7.88 3.91
N TRP B 58 28.75 -6.91 4.56
CA TRP B 58 30.10 -7.15 5.08
C TRP B 58 30.03 -7.83 6.45
N TYR B 59 29.36 -8.99 6.57
CA TYR B 59 29.52 -9.81 7.77
C TYR B 59 30.57 -10.86 7.41
N GLY B 60 31.52 -11.11 8.32
CA GLY B 60 32.37 -12.30 8.24
C GLY B 60 32.08 -13.22 9.43
N MET B 61 32.99 -14.12 9.71
CA MET B 61 32.74 -15.11 10.71
C MET B 61 32.75 -14.45 12.08
N PRO B 62 31.76 -14.74 12.94
CA PRO B 62 31.80 -14.29 14.32
C PRO B 62 32.83 -15.07 15.12
N LEU B 63 33.55 -14.37 16.02
CA LEU B 63 34.48 -14.97 16.99
C LEU B 63 33.94 -14.90 18.42
N GLY B 64 34.21 -15.90 19.25
CA GLY B 64 33.73 -16.02 20.62
C GLY B 64 32.82 -17.23 20.78
N GLY B 65 32.73 -17.74 22.03
CA GLY B 65 31.89 -18.84 22.39
C GLY B 65 30.43 -18.44 22.31
N PHE B 66 29.56 -19.45 22.36
CA PHE B 66 28.13 -19.25 22.52
C PHE B 66 27.88 -18.65 23.92
N GLY B 67 27.10 -17.55 23.93
CA GLY B 67 26.72 -16.92 25.18
C GLY B 67 27.88 -16.19 25.86
N ALA B 68 28.97 -15.90 25.12
CA ALA B 68 30.18 -15.30 25.70
C ALA B 68 30.28 -13.82 25.36
N GLY B 69 29.39 -13.35 24.52
CA GLY B 69 29.57 -12.11 23.80
C GLY B 69 30.46 -12.37 22.62
N CYS B 70 30.11 -11.89 21.48
CA CYS B 70 30.95 -12.24 20.36
C CYS B 70 31.29 -10.97 19.59
N ILE B 71 32.27 -11.09 18.73
CA ILE B 71 32.69 -9.97 17.91
C ILE B 71 32.89 -10.54 16.53
N GLY B 72 32.54 -9.75 15.53
CA GLY B 72 32.68 -10.19 14.15
C GLY B 72 33.71 -9.37 13.40
N ARG B 73 34.34 -9.98 12.40
CA ARG B 73 35.26 -9.28 11.53
C ARG B 73 34.93 -9.60 10.08
N SER B 74 34.85 -8.56 9.27
CA SER B 74 34.47 -8.62 7.89
C SER B 74 35.56 -9.26 7.03
N SER B 75 35.16 -9.71 5.83
CA SER B 75 36.13 -10.18 4.82
C SER B 75 37.05 -9.07 4.30
N ALA B 76 36.80 -7.78 4.68
CA ALA B 76 37.72 -6.66 4.47
C ALA B 76 38.71 -6.47 5.61
N GLY B 77 38.45 -7.14 6.73
CA GLY B 77 39.35 -7.14 7.87
C GLY B 77 38.87 -6.26 9.03
N ASP B 78 37.65 -5.70 8.92
CA ASP B 78 37.16 -4.72 9.91
C ASP B 78 36.39 -5.42 11.03
N PHE B 79 36.69 -5.10 12.29
CA PHE B 79 35.94 -5.61 13.42
C PHE B 79 34.69 -4.77 13.57
N ASN B 80 33.55 -5.27 13.08
CA ASN B 80 32.39 -4.43 12.85
C ASN B 80 31.14 -4.94 13.49
N LEU B 81 31.24 -6.02 14.25
CA LEU B 81 30.05 -6.54 14.90
C LEU B 81 30.39 -6.75 16.35
N TRP B 82 29.64 -6.09 17.24
CA TRP B 82 29.89 -6.08 18.67
C TRP B 82 28.65 -6.55 19.41
N HIS B 83 28.76 -7.76 19.94
CA HIS B 83 27.68 -8.48 20.61
C HIS B 83 28.14 -8.81 22.02
N VAL B 84 28.92 -7.93 22.63
CA VAL B 84 29.40 -8.13 23.99
C VAL B 84 28.29 -8.03 25.02
N ASP B 85 27.27 -7.21 24.76
CA ASP B 85 26.06 -7.06 25.55
C ASP B 85 25.09 -8.12 25.01
N GLY B 86 24.76 -9.10 25.88
CA GLY B 86 24.11 -10.31 25.45
C GLY B 86 22.69 -9.99 24.98
N GLY B 87 22.41 -10.37 23.74
CA GLY B 87 21.10 -10.22 23.15
C GLY B 87 20.98 -8.93 22.38
N GLU B 88 22.04 -8.09 22.42
CA GLU B 88 22.08 -6.80 21.75
C GLU B 88 22.93 -6.86 20.50
N HIS B 89 22.71 -5.91 19.61
CA HIS B 89 23.40 -5.86 18.32
C HIS B 89 23.87 -4.43 18.05
N ILE B 90 25.19 -4.28 17.85
CA ILE B 90 25.76 -3.08 17.33
C ILE B 90 26.61 -3.46 16.13
N PHE B 91 26.42 -2.74 15.03
CA PHE B 91 27.22 -2.88 13.83
C PHE B 91 27.98 -1.57 13.63
N GLY B 92 29.29 -1.68 13.44
CA GLY B 92 30.13 -0.49 13.46
C GLY B 92 31.58 -0.83 13.71
N THR B 93 32.46 -0.25 12.88
CA THR B 93 33.88 -0.56 12.94
C THR B 93 34.54 0.36 13.95
N LEU B 94 35.49 -0.15 14.75
CA LEU B 94 36.35 0.70 15.58
C LEU B 94 37.74 0.48 15.01
N PRO B 95 38.22 1.37 14.13
CA PRO B 95 39.33 1.00 13.26
C PRO B 95 40.65 0.80 14.00
N ALA B 96 40.73 1.29 15.23
CA ALA B 96 41.90 1.05 16.07
C ALA B 96 41.99 -0.40 16.57
N CYS B 97 40.91 -1.17 16.43
CA CYS B 97 40.92 -2.58 16.80
C CYS B 97 41.31 -3.37 15.57
N GLN B 98 42.59 -3.73 15.49
CA GLN B 98 43.15 -4.07 14.18
C GLN B 98 44.57 -4.66 14.31
N PHE B 99 44.91 -5.55 13.36
CA PHE B 99 46.26 -6.09 13.18
C PHE B 99 46.97 -5.27 12.11
N SER B 100 48.27 -4.99 12.34
CA SER B 100 49.11 -4.38 11.31
C SER B 100 50.39 -5.21 11.18
N LEU B 101 50.95 -5.14 9.96
CA LEU B 101 52.12 -5.90 9.54
C LEU B 101 53.16 -4.93 9.03
N PHE B 102 54.41 -5.08 9.48
CA PHE B 102 55.54 -4.41 8.88
C PHE B 102 56.48 -5.50 8.36
N GLU B 103 57.05 -5.24 7.17
CA GLU B 103 58.03 -6.14 6.56
C GLU B 103 59.17 -5.33 5.94
N GLN B 104 60.42 -5.75 6.23
CA GLN B 104 61.61 -5.22 5.58
C GLN B 104 62.48 -6.33 4.95
N GLY B 105 62.74 -6.18 3.65
CA GLY B 105 63.85 -6.81 2.96
C GLY B 105 64.40 -5.83 1.95
N GLU B 106 64.27 -6.11 0.66
CA GLU B 106 64.59 -5.16 -0.40
C GLU B 106 63.86 -3.86 -0.13
N GLN B 107 62.55 -3.99 0.13
CA GLN B 107 61.64 -2.89 0.39
C GLN B 107 61.22 -2.86 1.87
N THR B 108 60.70 -1.70 2.30
CA THR B 108 60.04 -1.50 3.59
C THR B 108 58.56 -1.25 3.34
N GLN B 109 57.66 -2.01 4.00
CA GLN B 109 56.21 -1.91 3.79
C GLN B 109 55.51 -2.14 5.12
N ALA B 110 54.38 -1.45 5.31
CA ALA B 110 53.61 -1.52 6.54
C ALA B 110 52.15 -1.22 6.21
N TYR B 111 51.25 -2.15 6.55
CA TYR B 111 49.81 -1.92 6.43
C TYR B 111 49.05 -2.43 7.67
N ALA B 112 47.98 -1.67 8.00
CA ALA B 112 46.90 -2.10 8.85
C ALA B 112 45.91 -2.92 8.01
N LEU B 113 45.39 -4.02 8.58
CA LEU B 113 44.77 -5.06 7.78
C LEU B 113 43.24 -4.96 7.79
N GLY B 114 42.74 -3.75 7.56
CA GLY B 114 41.35 -3.42 7.39
C GLY B 114 41.15 -2.38 6.27
N SER B 115 39.95 -1.73 6.26
CA SER B 115 39.53 -0.67 5.37
C SER B 115 40.04 0.64 5.90
N ALA B 116 40.42 1.51 4.96
CA ALA B 116 40.63 2.91 5.23
C ALA B 116 39.37 3.50 5.86
N PRO B 117 39.42 4.06 7.09
CA PRO B 117 38.27 4.76 7.66
C PRO B 117 37.75 5.88 6.75
N LYS B 118 36.43 6.01 6.65
CA LYS B 118 35.81 6.99 5.75
C LYS B 118 35.82 8.39 6.35
N ASP B 119 36.02 8.50 7.67
CA ASP B 119 35.96 9.77 8.39
C ASP B 119 37.34 10.36 8.64
N GLY B 120 38.41 9.75 8.12
CA GLY B 120 39.75 10.29 8.29
C GLY B 120 40.36 10.15 9.70
N ARG B 121 39.86 9.26 10.56
CA ARG B 121 40.61 8.85 11.74
C ARG B 121 41.81 7.99 11.32
N LEU B 122 42.85 7.97 12.14
CA LEU B 122 44.07 7.22 11.83
C LEU B 122 44.59 7.56 10.43
N SER B 123 44.60 8.87 10.08
CA SER B 123 45.00 9.35 8.75
C SER B 123 46.44 8.96 8.36
N SER B 124 47.36 8.84 9.32
CA SER B 124 48.75 8.44 9.05
C SER B 124 48.92 6.96 8.66
N TRP B 125 47.98 6.09 9.05
CA TRP B 125 48.13 4.66 8.81
C TRP B 125 47.92 4.41 7.33
N GLN B 126 48.56 3.37 6.79
CA GLN B 126 48.30 2.84 5.45
C GLN B 126 47.51 1.51 5.58
N TRP B 127 46.54 1.32 4.72
CA TRP B 127 45.61 0.22 4.78
C TRP B 127 45.88 -0.79 3.67
N TYR B 128 45.88 -2.07 4.03
CA TYR B 128 46.26 -3.13 3.13
C TYR B 128 45.41 -3.07 1.86
N PRO B 129 46.02 -3.20 0.65
CA PRO B 129 45.28 -3.05 -0.60
C PRO B 129 44.24 -4.16 -0.82
N ALA B 130 43.02 -3.80 -1.23
CA ALA B 130 41.94 -4.74 -1.50
C ALA B 130 42.34 -5.69 -2.63
N GLY B 131 41.85 -6.95 -2.57
CA GLY B 131 42.08 -7.93 -3.62
C GLY B 131 43.39 -8.74 -3.51
N LYS B 132 44.28 -8.45 -2.57
CA LYS B 132 45.59 -9.09 -2.49
C LYS B 132 45.58 -10.17 -1.41
N GLY B 133 44.76 -11.20 -1.65
CA GLY B 133 44.62 -12.35 -0.75
C GLY B 133 43.18 -12.89 -0.69
N THR B 134 42.99 -13.94 0.10
CA THR B 134 41.72 -14.58 0.30
C THR B 134 41.33 -14.57 1.77
N TYR B 135 40.01 -14.37 1.95
CA TYR B 135 39.31 -14.66 3.20
C TYR B 135 38.58 -15.98 2.98
N ALA B 136 38.68 -16.89 3.95
CA ALA B 136 37.99 -18.20 3.86
C ALA B 136 37.39 -18.54 5.21
N VAL B 137 36.17 -19.12 5.19
CA VAL B 137 35.54 -19.59 6.42
C VAL B 137 35.00 -21.02 6.31
N ARG B 138 35.31 -21.82 7.34
CA ARG B 138 34.51 -23.00 7.67
C ARG B 138 34.35 -23.01 9.18
N TYR B 139 33.29 -22.36 9.65
CA TYR B 139 33.04 -22.17 11.07
C TYR B 139 33.42 -23.45 11.83
N PRO B 140 34.15 -23.38 12.96
CA PRO B 140 34.51 -22.13 13.62
C PRO B 140 35.84 -21.54 13.22
N ARG B 141 36.32 -21.92 12.03
CA ARG B 141 37.64 -21.51 11.60
C ARG B 141 37.53 -20.59 10.41
N SER B 142 38.40 -19.59 10.38
CA SER B 142 38.55 -18.67 9.24
C SER B 142 40.03 -18.35 9.05
N TRP B 143 40.33 -17.79 7.88
CA TRP B 143 41.68 -17.55 7.45
C TRP B 143 41.72 -16.32 6.59
N PHE B 144 42.74 -15.49 6.83
CA PHE B 144 43.14 -14.42 5.95
C PHE B 144 44.50 -14.84 5.39
N VAL B 145 44.58 -15.00 4.07
CA VAL B 145 45.78 -15.41 3.36
C VAL B 145 46.20 -14.19 2.53
N TYR B 146 47.26 -13.50 2.97
CA TYR B 146 47.72 -12.26 2.33
C TYR B 146 48.74 -12.62 1.24
N GLU B 147 48.53 -12.13 0.01
CA GLU B 147 49.43 -12.49 -1.10
C GLU B 147 49.63 -11.34 -2.07
N GLY B 148 50.84 -11.20 -2.65
CA GLY B 148 51.07 -10.29 -3.77
C GLY B 148 51.44 -8.85 -3.35
N VAL B 149 51.74 -8.62 -2.07
CA VAL B 149 52.11 -7.31 -1.55
C VAL B 149 53.40 -7.51 -0.73
N PHE B 150 53.29 -8.15 0.42
CA PHE B 150 54.42 -8.55 1.20
C PHE B 150 55.16 -9.67 0.47
N ARG B 151 56.44 -9.85 0.80
CA ARG B 151 57.30 -10.86 0.18
C ARG B 151 57.16 -12.22 0.90
N ALA B 152 56.95 -12.19 2.22
CA ALA B 152 56.60 -13.38 3.01
C ALA B 152 55.18 -13.84 2.70
N GLN B 153 55.03 -15.15 2.86
CA GLN B 153 53.77 -15.84 2.91
C GLN B 153 53.25 -15.73 4.34
N ILE B 154 52.05 -15.17 4.44
CA ILE B 154 51.44 -14.83 5.71
C ILE B 154 49.99 -15.30 5.67
N THR B 155 49.66 -16.14 6.66
CA THR B 155 48.27 -16.48 6.92
C THR B 155 47.94 -16.21 8.40
N CYS B 156 46.73 -15.72 8.63
CA CYS B 156 46.12 -15.58 9.96
C CYS B 156 44.91 -16.52 10.01
N GLU B 157 44.97 -17.58 10.83
CA GLU B 157 43.81 -18.40 11.11
C GLU B 157 43.16 -17.87 12.38
N GLN B 158 41.89 -17.43 12.27
CA GLN B 158 41.10 -16.99 13.42
C GLN B 158 40.14 -18.11 13.83
N PHE B 159 40.03 -18.44 15.12
CA PHE B 159 39.03 -19.40 15.54
C PHE B 159 38.78 -19.23 17.05
N SER B 160 37.60 -19.70 17.48
CA SER B 160 37.27 -19.93 18.87
C SER B 160 37.09 -21.42 19.06
N PRO B 161 37.26 -21.94 20.30
CA PRO B 161 37.11 -23.37 20.54
C PRO B 161 35.66 -23.84 20.61
N ILE B 162 34.98 -23.85 19.46
CA ILE B 162 33.60 -24.36 19.34
C ILE B 162 33.69 -25.88 19.15
N LEU B 163 33.31 -26.62 20.19
CA LEU B 163 33.49 -28.05 20.27
C LEU B 163 32.18 -28.77 20.64
N PRO B 164 31.63 -29.57 19.71
CA PRO B 164 30.50 -30.44 20.03
C PRO B 164 30.74 -31.26 21.27
N HIS B 165 29.69 -31.42 22.09
CA HIS B 165 29.73 -32.32 23.26
C HIS B 165 30.66 -31.75 24.31
N ASN B 166 31.04 -30.49 24.13
CA ASN B 166 31.87 -29.79 25.09
C ASN B 166 31.07 -28.58 25.55
N TYR B 167 30.78 -28.52 26.88
CA TYR B 167 29.99 -27.51 27.52
C TYR B 167 30.87 -26.55 28.32
N GLN B 168 32.15 -26.50 27.97
CA GLN B 168 33.14 -25.64 28.66
C GLN B 168 33.67 -24.62 27.67
N GLU B 169 34.65 -25.02 26.83
CA GLU B 169 35.37 -24.07 26.00
C GLU B 169 34.45 -23.41 24.98
N THR B 170 33.40 -24.15 24.56
CA THR B 170 32.40 -23.66 23.60
C THR B 170 31.74 -22.37 24.13
N SER B 171 31.72 -22.17 25.46
CA SER B 171 31.19 -21.00 26.14
C SER B 171 32.18 -19.84 26.32
N TYR B 172 33.47 -20.03 25.96
CA TYR B 172 34.52 -19.08 26.31
C TYR B 172 34.58 -17.83 25.42
N PRO B 173 34.73 -16.64 26.01
CA PRO B 173 34.96 -15.42 25.26
C PRO B 173 36.41 -15.22 24.87
N VAL B 174 36.90 -16.02 23.92
CA VAL B 174 38.30 -16.05 23.48
C VAL B 174 38.27 -16.18 21.96
N ALA B 175 39.20 -15.48 21.30
CA ALA B 175 39.51 -15.66 19.88
C ALA B 175 41.03 -15.92 19.74
N VAL B 176 41.37 -17.05 19.08
CA VAL B 176 42.75 -17.35 18.73
C VAL B 176 43.05 -16.84 17.33
N PHE B 177 44.12 -16.04 17.19
CA PHE B 177 44.61 -15.57 15.88
C PHE B 177 45.97 -16.22 15.74
N LEU B 178 46.03 -17.30 14.91
CA LEU B 178 47.24 -18.08 14.68
C LEU B 178 47.89 -17.70 13.35
N TRP B 179 49.02 -16.99 13.46
CA TRP B 179 49.72 -16.41 12.34
C TRP B 179 50.84 -17.36 11.88
N THR B 180 50.92 -17.60 10.58
CA THR B 180 51.97 -18.41 9.98
C THR B 180 52.65 -17.55 8.94
N PHE B 181 53.95 -17.36 9.16
CA PHE B 181 54.86 -16.64 8.30
C PHE B 181 55.90 -17.62 7.75
N SER B 182 56.19 -17.53 6.45
CA SER B 182 57.38 -18.19 5.88
C SER B 182 58.01 -17.32 4.80
N ASN B 183 59.34 -17.50 4.64
CA ASN B 183 60.16 -16.72 3.72
C ASN B 183 60.49 -17.53 2.47
N PRO B 184 59.80 -17.35 1.33
CA PRO B 184 60.11 -18.08 0.11
C PRO B 184 61.22 -17.44 -0.74
N THR B 185 61.77 -16.29 -0.29
CA THR B 185 62.81 -15.54 -0.99
C THR B 185 64.21 -15.98 -0.53
N ASP B 186 65.24 -15.38 -1.17
CA ASP B 186 66.65 -15.75 -1.04
C ASP B 186 67.31 -14.92 0.07
N GLN B 187 66.62 -13.85 0.53
CA GLN B 187 67.16 -13.01 1.58
C GLN B 187 66.26 -12.98 2.82
N SER B 188 66.92 -12.72 3.97
CA SER B 188 66.30 -12.47 5.26
C SER B 188 65.21 -11.38 5.19
N LEU B 189 64.13 -11.59 5.97
CA LEU B 189 63.10 -10.57 6.14
C LEU B 189 63.08 -10.18 7.61
N THR B 190 62.77 -8.91 7.91
CA THR B 190 62.38 -8.48 9.25
C THR B 190 60.88 -8.18 9.20
N LEU B 191 60.14 -8.83 10.12
CA LEU B 191 58.69 -8.68 10.27
C LEU B 191 58.33 -8.21 11.68
N SER B 192 57.22 -7.47 11.76
CA SER B 192 56.62 -7.10 13.03
C SER B 192 55.09 -7.20 12.86
N LEU B 193 54.46 -7.84 13.86
CA LEU B 193 53.02 -8.00 13.92
C LEU B 193 52.55 -7.10 15.06
N MET B 194 51.63 -6.18 14.75
CA MET B 194 51.02 -5.36 15.77
C MET B 194 49.55 -5.74 15.95
N LEU B 195 49.11 -5.74 17.22
CA LEU B 195 47.69 -5.73 17.57
C LEU B 195 47.44 -4.47 18.42
N SER B 196 46.51 -3.62 17.94
CA SER B 196 46.04 -2.45 18.66
C SER B 196 44.58 -2.69 18.95
N TRP B 197 44.08 -2.10 20.03
CA TRP B 197 42.68 -2.27 20.43
C TRP B 197 42.22 -1.04 21.23
N GLN B 198 40.98 -0.56 20.91
CA GLN B 198 40.32 0.46 21.74
C GLN B 198 39.69 -0.13 23.03
N ASN B 199 39.92 0.50 24.18
CA ASN B 199 39.30 0.18 25.46
C ASN B 199 37.83 0.61 25.40
N THR B 200 36.96 -0.41 25.23
CA THR B 200 35.52 -0.26 25.22
C THR B 200 34.92 -0.69 26.56
N VAL B 201 35.69 -0.81 27.64
CA VAL B 201 35.09 -1.20 28.92
C VAL B 201 34.01 -0.17 29.29
N GLY B 202 32.88 -0.64 29.80
CA GLY B 202 31.76 0.22 30.16
C GLY B 202 30.79 0.54 29.05
N TRP B 203 31.11 0.24 27.79
CA TRP B 203 30.31 0.69 26.66
C TRP B 203 29.01 -0.10 26.48
N PHE B 204 29.08 -1.41 26.81
CA PHE B 204 28.17 -2.45 26.30
C PHE B 204 27.16 -2.80 27.38
N CYS B 205 26.22 -1.85 27.53
CA CYS B 205 25.08 -1.88 28.44
C CYS B 205 24.04 -0.89 27.93
N ASN B 206 22.80 -1.01 28.42
CA ASN B 206 21.70 -0.17 27.94
C ASN B 206 21.49 0.95 28.96
N THR B 207 21.55 2.20 28.49
CA THR B 207 21.18 3.34 29.33
C THR B 207 19.65 3.45 29.45
N THR B 208 18.89 2.81 28.56
CA THR B 208 17.42 2.81 28.54
C THR B 208 16.85 1.39 28.64
N PRO B 209 17.05 0.65 29.77
CA PRO B 209 16.51 -0.73 29.91
C PRO B 209 15.02 -0.79 30.26
N SER B 210 14.32 -1.94 30.06
CA SER B 210 12.89 -2.09 30.37
C SER B 210 12.07 -0.87 29.90
N SER B 211 12.55 -0.27 28.77
CA SER B 211 11.95 0.87 28.07
C SER B 211 10.59 0.50 27.46
N ALA B 212 9.79 1.54 27.12
CA ALA B 212 8.50 1.35 26.44
C ALA B 212 8.68 0.48 25.20
N ILE B 213 7.66 -0.36 24.97
CA ILE B 213 7.64 -1.33 23.88
C ILE B 213 6.68 -0.74 22.84
N ALA B 214 7.20 -0.29 21.67
CA ALA B 214 6.39 0.18 20.54
C ALA B 214 6.03 -0.99 19.59
N ILE B 215 4.93 -0.88 18.85
CA ILE B 215 4.61 -1.84 17.78
C ILE B 215 5.18 -1.32 16.45
N ARG B 216 6.18 -2.03 15.86
CA ARG B 216 6.81 -1.61 14.61
C ARG B 216 5.80 -1.81 13.47
N ASP B 217 6.09 -1.24 12.27
CA ASP B 217 5.16 -1.16 11.13
C ASP B 217 4.83 -2.55 10.55
N ASP B 218 5.65 -3.58 10.85
CA ASP B 218 5.41 -4.98 10.48
C ASP B 218 4.56 -5.75 11.53
N GLY B 219 4.32 -5.12 12.71
CA GLY B 219 3.46 -5.61 13.79
C GLY B 219 4.19 -6.11 15.05
N SER B 220 5.53 -6.26 14.94
CA SER B 220 6.37 -6.85 15.96
C SER B 220 6.65 -5.83 17.06
N PRO B 221 6.67 -6.26 18.35
CA PRO B 221 7.17 -5.42 19.44
C PRO B 221 8.69 -5.17 19.39
N VAL B 222 9.11 -3.92 19.72
CA VAL B 222 10.50 -3.43 19.67
C VAL B 222 10.77 -2.56 20.92
N TYR B 223 12.02 -2.55 21.43
CA TYR B 223 12.42 -1.67 22.53
C TYR B 223 13.56 -0.73 22.07
N THR B 224 14.00 0.18 22.96
CA THR B 224 15.09 1.10 22.67
C THR B 224 16.35 0.60 23.38
N TYR B 225 17.40 0.41 22.57
CA TYR B 225 18.76 0.14 23.02
C TYR B 225 19.64 1.38 22.80
N THR B 226 20.16 1.93 23.92
CA THR B 226 21.02 3.12 23.95
C THR B 226 22.34 2.76 24.64
N PRO B 227 23.34 2.18 23.95
CA PRO B 227 24.57 1.73 24.62
C PRO B 227 25.41 2.93 25.08
N ARG B 228 26.38 2.75 25.98
CA ARG B 228 27.30 3.82 26.34
C ARG B 228 28.47 3.78 25.36
N TRP B 229 28.19 3.67 24.05
CA TRP B 229 29.21 3.72 23.01
C TRP B 229 29.99 5.02 23.09
N GLY B 230 31.33 4.92 23.15
CA GLY B 230 32.24 6.05 23.14
C GLY B 230 32.42 6.67 24.52
N GLN B 231 31.94 6.06 25.58
CA GLN B 231 31.96 6.66 26.91
C GLN B 231 32.94 5.87 27.77
N SER B 232 34.16 6.41 27.90
CA SER B 232 35.35 5.70 28.29
C SER B 232 35.97 6.29 29.56
N ASP B 233 35.26 7.14 30.29
CA ASP B 233 35.77 7.80 31.48
C ASP B 233 36.21 6.76 32.50
N GLY B 234 37.45 6.84 33.01
CA GLY B 234 37.94 5.84 33.95
C GLY B 234 38.68 4.65 33.30
N ASN B 235 38.61 4.51 31.96
CA ASN B 235 39.21 3.39 31.22
C ASN B 235 40.73 3.57 31.22
N PHE B 236 41.46 2.50 31.55
CA PHE B 236 42.92 2.48 31.50
C PHE B 236 43.40 1.13 30.95
N ASN B 237 44.61 1.17 30.39
CA ASN B 237 45.30 0.02 29.86
C ASN B 237 46.65 -0.15 30.56
N GLU B 238 47.11 -1.41 30.62
CA GLU B 238 48.39 -1.76 31.25
C GLU B 238 49.05 -2.83 30.39
N LEU B 239 50.39 -2.79 30.31
CA LEU B 239 51.15 -3.88 29.70
C LEU B 239 51.12 -5.11 30.62
N ILE B 240 51.17 -6.31 30.03
CA ILE B 240 51.26 -7.53 30.81
C ILE B 240 52.61 -8.15 30.44
N GLN B 241 53.32 -8.64 31.47
CA GLN B 241 54.64 -9.26 31.30
C GLN B 241 54.91 -10.31 32.37
N THR B 242 55.08 -11.57 31.95
CA THR B 242 55.47 -12.69 32.80
C THR B 242 56.56 -13.44 32.03
N GLU B 243 57.12 -14.49 32.68
CA GLU B 243 58.04 -15.43 32.03
C GLU B 243 57.42 -16.07 30.78
N SER B 244 56.10 -16.35 30.83
CA SER B 244 55.44 -17.20 29.84
C SER B 244 54.74 -16.40 28.75
N PHE B 245 54.24 -15.19 29.04
CA PHE B 245 53.39 -14.45 28.11
C PHE B 245 53.52 -12.96 28.38
N GLN B 246 53.15 -12.22 27.33
CA GLN B 246 53.15 -10.76 27.37
C GLN B 246 52.04 -10.25 26.46
N GLY B 247 51.65 -8.99 26.69
CA GLY B 247 50.59 -8.32 25.96
C GLY B 247 50.08 -7.09 26.72
N TRP B 248 48.76 -6.85 26.59
CA TRP B 248 48.09 -5.79 27.32
C TRP B 248 46.76 -6.27 27.92
N ARG B 249 46.22 -5.38 28.77
CA ARG B 249 44.98 -5.61 29.52
C ARG B 249 44.25 -4.27 29.60
N LEU B 250 42.97 -4.25 29.18
CA LEU B 250 42.11 -3.06 29.17
C LEU B 250 41.09 -3.19 30.32
N ARG B 251 41.05 -2.18 31.20
CA ARG B 251 40.18 -2.16 32.37
C ARG B 251 39.54 -0.78 32.53
N ARG B 252 38.93 -0.59 33.69
CA ARG B 252 38.35 0.68 34.02
C ARG B 252 38.48 0.80 35.54
N MET B 253 38.75 2.04 35.96
CA MET B 253 38.79 2.39 37.38
C MET B 253 37.68 3.38 37.69
N PRO B 254 36.81 3.13 38.69
CA PRO B 254 36.89 1.92 39.50
C PRO B 254 36.16 0.74 38.84
N HIS B 255 36.50 -0.49 39.25
CA HIS B 255 35.82 -1.74 38.91
C HIS B 255 35.03 -2.22 40.10
N PRO B 256 33.69 -2.14 40.07
CA PRO B 256 32.89 -2.53 41.23
C PRO B 256 32.77 -4.03 41.45
N ASN B 257 32.46 -4.35 42.70
CA ASN B 257 32.19 -5.70 43.15
C ASN B 257 30.84 -5.71 43.87
N PRO B 258 29.76 -6.31 43.36
CA PRO B 258 29.80 -7.09 42.12
C PRO B 258 29.94 -6.24 40.88
N PRO B 259 30.45 -6.78 39.74
CA PRO B 259 30.41 -6.03 38.49
C PRO B 259 28.95 -5.89 38.00
N GLN B 260 28.62 -4.82 37.30
CA GLN B 260 27.35 -4.62 36.65
C GLN B 260 27.60 -4.92 35.17
N GLU B 261 26.52 -4.91 34.39
CA GLU B 261 26.64 -5.08 32.97
C GLU B 261 27.59 -4.00 32.42
N GLY B 262 28.48 -4.41 31.52
CA GLY B 262 29.40 -3.58 30.78
C GLY B 262 30.75 -3.47 31.50
N ASP B 263 30.81 -3.85 32.79
CA ASP B 263 32.00 -3.90 33.61
C ASP B 263 32.79 -5.17 33.32
N GLY B 264 34.10 -5.04 33.16
CA GLY B 264 34.96 -6.15 32.82
C GLY B 264 36.26 -5.68 32.18
N GLU B 265 36.91 -6.55 31.39
CA GLU B 265 38.24 -6.29 30.90
C GLU B 265 38.49 -7.06 29.61
N TRP B 266 39.38 -6.50 28.78
CA TRP B 266 39.98 -7.18 27.64
C TRP B 266 41.45 -7.54 27.96
N ALA B 267 41.98 -8.57 27.32
CA ALA B 267 43.41 -8.85 27.32
C ALA B 267 43.74 -9.53 25.99
N ALA B 268 44.98 -9.29 25.55
CA ALA B 268 45.58 -9.93 24.39
C ALA B 268 47.01 -10.30 24.77
N LEU B 269 47.43 -11.54 24.44
CA LEU B 269 48.70 -12.12 24.84
C LEU B 269 49.29 -12.86 23.63
N ILE B 270 50.62 -12.97 23.71
CA ILE B 270 51.45 -13.87 22.92
C ILE B 270 52.43 -14.55 23.89
N PRO B 271 52.97 -15.73 23.51
CA PRO B 271 54.00 -16.38 24.33
C PRO B 271 55.26 -15.55 24.34
N THR B 272 56.05 -15.59 25.42
CA THR B 272 57.43 -15.04 25.32
C THR B 272 58.27 -15.92 24.40
N GLY B 273 59.47 -15.46 24.08
CA GLY B 273 60.48 -16.27 23.44
C GLY B 273 60.43 -16.19 21.92
N LEU B 274 59.51 -15.41 21.33
CA LEU B 274 59.29 -15.45 19.90
C LEU B 274 59.90 -14.29 19.12
N GLY B 275 60.42 -13.27 19.79
CA GLY B 275 60.95 -12.11 19.08
C GLY B 275 61.01 -10.94 20.04
N GLU B 276 61.09 -9.72 19.54
CA GLU B 276 61.25 -8.57 20.40
C GLU B 276 59.88 -7.94 20.60
N PHE B 277 59.48 -7.86 21.87
CA PHE B 277 58.21 -7.29 22.29
C PHE B 277 58.31 -5.78 22.50
N PHE B 278 57.39 -5.06 21.87
CA PHE B 278 57.19 -3.63 22.05
C PHE B 278 55.74 -3.35 22.48
N GLY B 279 55.56 -2.62 23.58
CA GLY B 279 54.25 -2.38 24.12
C GLY B 279 54.00 -0.88 24.29
N CYS B 280 52.81 -0.45 23.89
CA CYS B 280 52.37 0.91 24.08
C CYS B 280 50.96 0.90 24.64
N SER B 281 50.85 1.05 25.97
CA SER B 281 49.59 0.81 26.66
C SER B 281 48.57 1.92 26.46
N ARG B 282 48.96 3.10 26.00
CA ARG B 282 48.06 4.25 26.04
C ARG B 282 48.33 5.11 24.81
N TRP B 283 47.40 5.11 23.87
CA TRP B 283 47.49 5.94 22.69
C TRP B 283 46.09 6.35 22.29
N GLN B 284 45.98 7.31 21.37
CA GLN B 284 44.75 8.07 21.18
C GLN B 284 44.05 7.61 19.91
N PRO B 285 43.07 6.71 19.99
CA PRO B 285 42.45 6.13 18.78
C PRO B 285 41.63 7.08 17.91
N GLU B 286 41.26 8.27 18.39
CA GLU B 286 40.53 9.23 17.59
C GLU B 286 41.51 10.15 16.85
N GLY B 287 42.80 9.99 17.09
CA GLY B 287 43.78 10.89 16.51
C GLY B 287 44.31 10.34 15.18
N ASP B 288 45.44 10.89 14.72
CA ASP B 288 46.01 10.51 13.43
C ASP B 288 46.75 9.17 13.51
N GLY B 289 46.96 8.66 14.72
CA GLY B 289 47.71 7.40 14.88
C GLY B 289 49.23 7.47 14.62
N ALA B 290 49.80 8.65 14.45
CA ALA B 290 51.21 8.81 14.10
C ALA B 290 52.15 8.43 15.23
N HIS B 291 51.75 8.54 16.50
CA HIS B 291 52.67 8.14 17.56
C HIS B 291 53.12 6.70 17.33
N LEU B 292 52.21 5.85 16.83
CA LEU B 292 52.49 4.44 16.61
C LEU B 292 53.14 4.28 15.25
N TRP B 293 52.45 4.75 14.21
CA TRP B 293 52.84 4.55 12.83
C TRP B 293 54.26 5.03 12.51
N GLN B 294 54.72 6.13 13.13
CA GLN B 294 56.02 6.76 12.85
C GLN B 294 57.17 5.85 13.28
N SER B 295 56.94 4.99 14.29
CA SER B 295 57.82 3.91 14.65
C SER B 295 57.56 2.66 13.81
N PHE B 296 56.31 2.17 13.82
CA PHE B 296 55.95 0.86 13.25
C PHE B 296 56.27 0.76 11.75
N SER B 297 55.86 1.77 10.98
CA SER B 297 56.07 1.77 9.54
C SER B 297 57.55 1.89 9.16
N VAL B 298 58.42 2.20 10.13
CA VAL B 298 59.80 2.54 9.82
C VAL B 298 60.71 1.38 10.19
N ASP B 299 60.53 0.78 11.38
CA ASP B 299 61.32 -0.39 11.74
C ASP B 299 60.52 -1.47 12.49
N GLY B 300 59.17 -1.35 12.62
CA GLY B 300 58.37 -2.38 13.28
C GLY B 300 58.35 -2.32 14.81
N SER B 301 58.80 -1.19 15.35
CA SER B 301 58.81 -0.98 16.79
C SER B 301 57.63 -0.10 17.16
N LEU B 302 57.39 0.00 18.46
CA LEU B 302 56.46 0.95 19.04
C LEU B 302 57.21 1.67 20.15
N PRO B 303 56.87 2.95 20.44
CA PRO B 303 57.39 3.61 21.62
C PRO B 303 56.85 2.98 22.91
N PHE B 304 57.72 2.88 23.91
CA PHE B 304 57.46 2.13 25.11
C PHE B 304 56.57 3.00 25.97
N VAL B 305 55.34 2.51 26.25
CA VAL B 305 54.45 3.20 27.17
C VAL B 305 53.79 2.17 28.06
N ASN B 306 53.90 2.38 29.36
CA ASN B 306 53.13 1.63 30.34
C ASN B 306 52.51 2.65 31.28
N ASP B 307 51.33 3.20 30.92
CA ASP B 307 50.71 4.37 31.54
C ASP B 307 49.26 4.01 31.77
N PRO B 308 48.91 3.60 33.01
CA PRO B 308 47.56 3.27 33.38
C PRO B 308 46.68 4.44 33.86
N THR B 309 46.93 5.65 33.37
CA THR B 309 46.17 6.84 33.68
C THR B 309 44.74 6.66 33.18
N PRO B 310 43.72 6.68 34.07
CA PRO B 310 42.31 6.62 33.63
C PRO B 310 42.01 7.70 32.61
N ALA B 311 41.20 7.37 31.60
CA ALA B 311 40.79 8.32 30.58
C ALA B 311 40.02 9.50 31.19
N ALA B 312 40.31 10.74 30.73
CA ALA B 312 39.64 11.97 31.18
C ALA B 312 38.27 12.03 30.49
N ALA B 313 37.35 12.87 30.99
CA ALA B 313 36.08 13.15 30.31
C ALA B 313 36.36 13.52 28.86
N GLY B 314 35.64 12.90 27.88
CA GLY B 314 35.78 13.19 26.46
C GLY B 314 36.90 12.44 25.75
N GLU B 315 37.74 11.70 26.50
CA GLU B 315 38.97 11.09 25.98
C GLU B 315 38.73 9.58 25.69
N GLN B 316 39.11 9.12 24.50
CA GLN B 316 39.22 7.70 24.22
C GLN B 316 40.66 7.21 24.47
N VAL B 317 40.82 5.89 24.65
N VAL B 317 40.82 5.89 24.71
CA VAL B 317 42.11 5.27 24.91
CA VAL B 317 42.12 5.29 24.90
C VAL B 317 42.18 3.87 24.28
C VAL B 317 42.18 3.90 24.23
N ALA B 318 43.40 3.51 23.86
CA ALA B 318 43.68 2.25 23.20
C ALA B 318 45.09 1.77 23.60
N ALA B 319 45.38 0.50 23.35
CA ALA B 319 46.69 -0.09 23.58
C ALA B 319 47.19 -0.74 22.29
N ALA B 320 48.46 -1.16 22.31
CA ALA B 320 49.10 -1.82 21.18
C ALA B 320 50.32 -2.55 21.67
N PHE B 321 50.59 -3.71 21.06
CA PHE B 321 51.90 -4.30 21.20
C PHE B 321 52.29 -4.76 19.80
N ALA B 322 53.59 -5.02 19.62
CA ALA B 322 54.12 -5.53 18.37
C ALA B 322 55.27 -6.46 18.74
N LEU B 323 55.39 -7.52 17.92
CA LEU B 323 56.39 -8.53 18.07
C LEU B 323 57.18 -8.53 16.77
N ARG B 324 58.47 -8.16 16.89
CA ARG B 324 59.38 -8.06 15.76
C ARG B 324 60.32 -9.26 15.77
N PHE B 325 60.55 -9.79 14.56
CA PHE B 325 61.29 -11.04 14.43
C PHE B 325 61.88 -11.06 13.02
N SER B 326 62.92 -11.89 12.87
CA SER B 326 63.55 -12.06 11.58
C SER B 326 63.20 -13.45 11.05
N LEU B 327 63.14 -13.57 9.72
CA LEU B 327 62.78 -14.82 9.06
C LEU B 327 63.83 -15.11 8.00
N ALA B 328 64.60 -16.18 8.21
CA ALA B 328 65.68 -16.55 7.29
C ALA B 328 65.05 -17.16 6.04
N PRO B 329 65.80 -17.21 4.90
CA PRO B 329 65.30 -17.82 3.67
C PRO B 329 64.78 -19.21 3.94
N GLY B 330 63.55 -19.49 3.50
CA GLY B 330 62.94 -20.79 3.78
C GLY B 330 62.57 -21.04 5.24
N GLU B 331 62.65 -20.06 6.14
CA GLU B 331 62.16 -20.27 7.51
C GLU B 331 60.62 -20.12 7.61
N ARG B 332 60.01 -20.95 8.48
CA ARG B 332 58.59 -20.89 8.78
C ARG B 332 58.40 -20.65 10.27
N LYS B 333 57.63 -19.59 10.63
CA LYS B 333 57.34 -19.26 12.01
C LYS B 333 55.83 -19.02 12.23
N GLN B 334 55.37 -19.42 13.42
CA GLN B 334 54.01 -19.29 13.93
C GLN B 334 54.01 -18.49 15.22
N ILE B 335 53.15 -17.46 15.26
CA ILE B 335 52.83 -16.73 16.46
C ILE B 335 51.34 -16.90 16.79
N PRO B 336 51.02 -17.51 17.95
CA PRO B 336 49.67 -17.42 18.49
C PRO B 336 49.43 -16.11 19.24
N VAL B 337 48.42 -15.38 18.77
CA VAL B 337 47.87 -14.21 19.45
C VAL B 337 46.45 -14.53 19.91
N VAL B 338 46.17 -14.35 21.21
CA VAL B 338 44.86 -14.58 21.79
C VAL B 338 44.30 -13.26 22.40
N LEU B 339 43.01 -13.00 22.09
CA LEU B 339 42.13 -12.01 22.69
C LEU B 339 41.09 -12.70 23.58
N ALA B 340 40.89 -12.17 24.79
CA ALA B 340 39.88 -12.57 25.76
C ALA B 340 39.16 -11.35 26.31
N TRP B 341 37.84 -11.49 26.49
CA TRP B 341 37.01 -10.45 27.07
C TRP B 341 36.19 -11.04 28.23
N ASP B 342 36.33 -10.50 29.43
CA ASP B 342 35.61 -10.96 30.61
C ASP B 342 34.55 -9.91 30.93
N PHE B 343 33.35 -10.08 30.38
CA PHE B 343 32.15 -9.32 30.69
C PHE B 343 31.11 -10.27 31.28
N PRO B 344 31.18 -10.56 32.62
CA PRO B 344 30.44 -11.67 33.17
C PRO B 344 28.93 -11.50 33.22
N VAL B 345 28.43 -10.27 33.24
CA VAL B 345 27.03 -10.02 33.56
C VAL B 345 26.23 -9.84 32.27
N THR B 346 25.18 -10.64 32.12
CA THR B 346 24.08 -10.36 31.20
C THR B 346 22.87 -9.85 31.97
N GLU B 347 22.63 -8.51 31.88
CA GLU B 347 21.44 -7.89 32.45
C GLU B 347 20.40 -7.79 31.35
N PHE B 348 19.17 -8.24 31.63
CA PHE B 348 18.12 -8.18 30.60
C PHE B 348 17.21 -6.99 30.93
N GLY B 349 15.96 -7.25 31.35
CA GLY B 349 15.15 -6.22 32.02
C GLY B 349 15.93 -5.64 33.19
N LYS B 350 15.55 -4.47 33.67
CA LYS B 350 16.25 -3.79 34.77
C LYS B 350 16.23 -4.66 36.02
N GLY B 351 17.42 -5.02 36.55
CA GLY B 351 17.53 -5.85 37.76
C GLY B 351 17.43 -7.36 37.54
N VAL B 352 17.30 -7.76 36.26
CA VAL B 352 17.35 -9.18 35.89
C VAL B 352 18.79 -9.50 35.45
N ILE B 353 19.51 -10.16 36.36
CA ILE B 353 20.95 -10.38 36.29
C ILE B 353 21.20 -11.87 36.15
N TYR B 354 21.84 -12.30 35.07
CA TYR B 354 22.43 -13.63 35.00
C TYR B 354 23.94 -13.48 34.77
N TYR B 355 24.68 -14.55 35.09
CA TYR B 355 26.12 -14.63 34.81
C TYR B 355 26.34 -15.57 33.63
N ARG B 356 27.37 -15.26 32.83
CA ARG B 356 27.72 -16.06 31.67
C ARG B 356 28.32 -17.41 32.06
N ARG B 357 28.09 -18.44 31.20
CA ARG B 357 28.53 -19.81 31.44
C ARG B 357 30.04 -19.88 31.76
N TYR B 358 30.84 -19.11 31.06
CA TYR B 358 32.29 -19.25 31.14
C TYR B 358 32.83 -18.96 32.56
N THR B 359 32.07 -18.17 33.33
CA THR B 359 32.40 -17.83 34.71
C THR B 359 32.41 -19.04 35.63
N ASP B 360 31.80 -20.17 35.24
CA ASP B 360 31.85 -21.38 36.04
C ASP B 360 33.27 -21.94 35.99
N PHE B 361 34.10 -21.51 35.02
CA PHE B 361 35.44 -22.03 34.84
C PHE B 361 36.48 -21.00 35.29
N CYS B 362 36.05 -19.80 35.76
CA CYS B 362 36.95 -18.85 36.44
C CYS B 362 36.24 -18.26 37.67
N ASP B 363 35.68 -17.05 37.57
CA ASP B 363 34.80 -16.55 38.62
C ASP B 363 33.92 -15.46 38.05
N ARG B 364 33.12 -14.83 38.92
CA ARG B 364 32.13 -13.86 38.46
C ARG B 364 32.59 -12.42 38.61
N HIS B 365 33.88 -12.21 38.89
CA HIS B 365 34.36 -10.91 39.34
C HIS B 365 34.70 -10.01 38.17
N GLY B 366 34.84 -10.57 36.95
CA GLY B 366 35.20 -9.79 35.75
C GLY B 366 36.66 -9.29 35.76
N THR B 367 37.59 -10.08 36.35
CA THR B 367 39.00 -9.72 36.48
C THR B 367 39.85 -10.85 35.90
N ASN B 368 39.35 -11.56 34.85
CA ASN B 368 39.95 -12.84 34.46
C ASN B 368 40.42 -12.86 33.01
N ALA B 369 40.43 -11.72 32.30
CA ALA B 369 40.77 -11.77 30.88
C ALA B 369 42.17 -12.37 30.67
N VAL B 370 43.14 -12.07 31.58
CA VAL B 370 44.50 -12.59 31.42
C VAL B 370 44.56 -14.10 31.64
N THR B 371 43.98 -14.62 32.71
CA THR B 371 44.03 -16.03 32.96
C THR B 371 43.32 -16.77 31.79
N LEU B 372 42.24 -16.21 31.20
CA LEU B 372 41.53 -16.80 30.09
C LEU B 372 42.38 -16.79 28.82
N ALA B 373 43.06 -15.68 28.57
CA ALA B 373 43.96 -15.58 27.45
C ALA B 373 45.13 -16.56 27.61
N ALA B 374 45.56 -16.76 28.85
CA ALA B 374 46.74 -17.57 29.15
C ALA B 374 46.39 -19.04 28.93
N GLN B 375 45.15 -19.43 29.27
CA GLN B 375 44.60 -20.75 29.01
C GLN B 375 44.59 -21.05 27.52
N ALA B 376 44.08 -20.10 26.72
CA ALA B 376 44.09 -20.14 25.27
C ALA B 376 45.51 -20.28 24.72
N LEU B 377 46.48 -19.50 25.23
CA LEU B 377 47.88 -19.67 24.80
C LEU B 377 48.35 -21.10 25.04
N ALA B 378 47.97 -21.68 26.16
CA ALA B 378 48.33 -23.03 26.55
C ALA B 378 47.64 -24.05 25.63
N ALA B 379 46.33 -23.88 25.34
CA ALA B 379 45.52 -24.95 24.76
C ALA B 379 45.16 -24.77 23.29
N TYR B 380 45.57 -23.68 22.64
CA TYR B 380 45.02 -23.37 21.32
C TYR B 380 45.28 -24.52 20.32
N ALA B 381 46.43 -25.19 20.41
CA ALA B 381 46.79 -26.23 19.46
C ALA B 381 45.94 -27.50 19.65
N THR B 382 45.65 -27.88 20.93
CA THR B 382 44.70 -28.92 21.28
C THR B 382 43.32 -28.58 20.69
N TRP B 383 42.86 -27.33 20.90
CA TRP B 383 41.55 -26.88 20.42
C TRP B 383 41.49 -26.98 18.91
N GLN B 384 42.52 -26.46 18.24
CA GLN B 384 42.59 -26.59 16.79
C GLN B 384 42.47 -28.07 16.34
N GLU B 385 43.24 -28.97 16.96
CA GLU B 385 43.16 -30.41 16.74
C GLU B 385 41.73 -30.95 16.94
N GLN B 386 41.09 -30.58 18.04
CA GLN B 386 39.75 -31.02 18.34
C GLN B 386 38.76 -30.51 17.29
N ILE B 387 38.96 -29.28 16.78
CA ILE B 387 38.07 -28.79 15.72
C ILE B 387 38.28 -29.63 14.45
N ARG B 388 39.52 -29.96 14.11
CA ARG B 388 39.78 -30.81 12.95
C ARG B 388 39.16 -32.20 13.10
N THR B 389 39.20 -32.74 14.33
CA THR B 389 38.64 -34.06 14.62
C THR B 389 37.13 -34.06 14.36
N TRP B 390 36.38 -33.08 14.89
CA TRP B 390 34.93 -33.13 14.79
C TRP B 390 34.51 -32.79 13.36
N GLN B 391 35.28 -32.01 12.62
CA GLN B 391 34.89 -31.71 11.26
C GLN B 391 35.27 -32.83 10.27
N ALA B 392 36.31 -33.64 10.58
CA ALA B 392 36.88 -34.58 9.63
C ALA B 392 35.82 -35.54 9.05
N PRO B 393 34.96 -36.23 9.83
CA PRO B 393 33.91 -37.06 9.23
C PRO B 393 32.95 -36.30 8.32
N ILE B 394 32.77 -34.99 8.55
CA ILE B 394 31.97 -34.15 7.64
C ILE B 394 32.72 -34.00 6.32
N LEU B 395 33.99 -33.60 6.37
CA LEU B 395 34.82 -33.30 5.19
C LEU B 395 35.14 -34.58 4.39
N SER B 396 35.12 -35.73 5.05
CA SER B 396 35.43 -36.98 4.37
C SER B 396 34.18 -37.74 4.00
N HIS B 397 32.96 -37.23 4.22
CA HIS B 397 31.77 -37.93 3.73
C HIS B 397 31.82 -38.13 2.21
N PRO B 398 31.81 -39.38 1.69
CA PRO B 398 31.90 -39.61 0.25
C PRO B 398 30.65 -39.21 -0.55
N ASP B 399 29.48 -39.00 0.07
CA ASP B 399 28.26 -38.68 -0.68
C ASP B 399 27.73 -37.27 -0.39
N TRP B 400 28.56 -36.41 0.21
CA TRP B 400 28.15 -35.04 0.45
C TRP B 400 28.95 -34.14 -0.47
N PRO B 401 28.31 -33.22 -1.19
CA PRO B 401 29.04 -32.29 -2.04
C PRO B 401 29.83 -31.29 -1.19
N ASP B 402 30.81 -30.66 -1.78
CA ASP B 402 31.63 -29.62 -1.13
C ASP B 402 30.78 -28.43 -0.61
N TRP B 403 29.81 -27.95 -1.39
CA TRP B 403 29.07 -26.82 -0.91
C TRP B 403 28.31 -27.17 0.39
N PHE B 404 27.91 -28.43 0.57
CA PHE B 404 27.09 -28.91 1.69
C PHE B 404 27.96 -28.94 2.92
N LYS B 405 29.18 -29.48 2.73
CA LYS B 405 30.16 -29.59 3.81
C LYS B 405 30.50 -28.21 4.36
N MET B 406 30.68 -27.26 3.43
CA MET B 406 30.88 -25.87 3.79
C MET B 406 29.70 -25.33 4.58
N ALA B 407 28.45 -25.49 4.07
CA ALA B 407 27.28 -24.79 4.59
C ALA B 407 26.86 -25.34 5.96
N LEU B 408 27.05 -26.64 6.14
CA LEU B 408 26.73 -27.34 7.37
C LEU B 408 27.52 -26.73 8.52
N CYS B 409 28.81 -26.42 8.31
CA CYS B 409 29.64 -25.80 9.34
C CYS B 409 29.27 -24.32 9.51
N ASN B 410 29.18 -23.60 8.38
CA ASN B 410 29.01 -22.16 8.40
C ASN B 410 27.66 -21.69 8.98
N GLU B 411 26.55 -22.41 8.78
CA GLU B 411 25.27 -22.09 9.40
C GLU B 411 25.25 -22.22 10.94
N LEU B 412 26.30 -22.82 11.54
CA LEU B 412 26.48 -22.89 12.99
C LEU B 412 26.78 -21.49 13.56
N TYR B 413 27.14 -20.54 12.67
CA TYR B 413 27.64 -19.22 13.07
C TYR B 413 26.66 -18.52 14.05
N VAL B 414 25.35 -18.72 13.81
CA VAL B 414 24.29 -18.03 14.48
C VAL B 414 24.21 -18.48 15.94
N LEU B 415 24.76 -19.63 16.30
CA LEU B 415 24.83 -20.03 17.71
C LEU B 415 25.78 -19.12 18.49
N SER B 416 26.66 -18.44 17.75
CA SER B 416 27.45 -17.37 18.34
C SER B 416 26.76 -15.99 18.22
N SER B 417 26.52 -15.53 16.98
CA SER B 417 26.09 -14.17 16.68
C SER B 417 24.56 -13.92 16.81
N GLY B 418 23.75 -14.96 17.11
CA GLY B 418 22.29 -14.77 17.21
C GLY B 418 21.87 -14.33 18.62
N GLY B 419 22.55 -13.31 19.18
CA GLY B 419 22.23 -12.88 20.54
C GLY B 419 22.30 -14.00 21.56
N SER B 420 23.22 -14.96 21.36
CA SER B 420 23.19 -16.17 22.14
C SER B 420 23.39 -15.89 23.62
N LEU B 421 22.65 -16.66 24.44
CA LEU B 421 22.74 -16.67 25.90
C LEU B 421 23.13 -18.07 26.37
N TRP B 422 24.11 -18.13 27.28
CA TRP B 422 24.48 -19.34 27.95
C TRP B 422 24.85 -18.97 29.37
N SER B 423 24.01 -19.37 30.33
CA SER B 423 24.09 -18.92 31.71
C SER B 423 24.91 -19.90 32.54
N ALA B 424 25.29 -19.47 33.74
CA ALA B 424 26.04 -20.29 34.68
C ALA B 424 25.13 -21.41 35.20
N ALA B 425 25.76 -22.54 35.50
CA ALA B 425 25.15 -23.77 36.00
C ALA B 425 24.31 -23.55 37.27
N SER B 426 23.29 -24.36 37.45
CA SER B 426 22.48 -24.45 38.64
C SER B 426 22.16 -25.92 38.85
N ASP B 427 21.52 -26.29 39.98
CA ASP B 427 21.08 -27.67 40.22
C ASP B 427 20.15 -28.17 39.11
N ARG B 428 19.14 -27.37 38.73
CA ARG B 428 18.16 -27.81 37.74
C ARG B 428 18.76 -27.80 36.33
N ASP B 429 19.76 -26.93 36.08
CA ASP B 429 20.41 -26.80 34.76
C ASP B 429 21.94 -26.92 34.88
N PRO B 430 22.44 -28.18 34.90
CA PRO B 430 23.80 -28.45 35.35
C PRO B 430 24.90 -28.00 34.38
N VAL B 431 24.58 -27.66 33.13
CA VAL B 431 25.56 -26.98 32.26
C VAL B 431 25.08 -25.59 31.86
N GLY B 432 24.11 -25.02 32.59
CA GLY B 432 23.56 -23.71 32.29
C GLY B 432 22.33 -23.78 31.39
N GLN B 433 21.61 -22.67 31.28
CA GLN B 433 20.53 -22.55 30.32
C GLN B 433 21.10 -21.84 29.09
N PHE B 434 20.40 -22.04 27.97
CA PHE B 434 20.85 -21.66 26.64
C PHE B 434 19.67 -21.12 25.84
N ALA B 435 19.95 -20.16 24.96
CA ALA B 435 18.95 -19.66 24.07
C ALA B 435 19.62 -18.93 22.92
N VAL B 436 19.13 -19.07 21.72
CA VAL B 436 19.51 -18.25 20.58
C VAL B 436 18.28 -17.50 20.12
N LEU B 437 18.43 -16.26 19.62
CA LEU B 437 17.31 -15.46 19.16
C LEU B 437 16.75 -16.06 17.90
N GLU B 438 15.45 -15.81 17.67
CA GLU B 438 14.81 -16.10 16.42
C GLU B 438 15.55 -15.30 15.33
N CYS B 439 15.80 -14.02 15.60
CA CYS B 439 16.63 -13.15 14.78
C CYS B 439 16.82 -11.82 15.48
N LEU B 440 17.42 -10.85 14.78
CA LEU B 440 17.60 -9.50 15.32
C LEU B 440 16.35 -8.62 15.22
N ASP B 441 15.55 -8.77 14.15
CA ASP B 441 14.30 -8.06 13.97
C ASP B 441 13.21 -8.56 14.94
N TYR B 442 13.16 -9.89 15.17
CA TYR B 442 12.16 -10.55 15.96
C TYR B 442 12.90 -11.03 17.21
N ARG B 443 13.03 -10.14 18.18
CA ARG B 443 14.05 -10.20 19.23
C ARG B 443 13.52 -10.92 20.47
N TRP B 444 13.34 -12.24 20.30
CA TRP B 444 12.97 -13.17 21.37
C TRP B 444 13.56 -14.55 21.09
N TYR B 445 13.54 -15.41 22.08
CA TYR B 445 14.43 -16.56 22.15
C TYR B 445 13.72 -17.87 21.81
N GLU B 446 14.38 -18.66 20.94
CA GLU B 446 14.16 -20.10 20.82
C GLU B 446 12.71 -20.41 20.37
N SER B 447 12.19 -19.63 19.42
CA SER B 447 10.81 -19.71 18.94
C SER B 447 10.54 -21.14 18.53
N LEU B 448 9.55 -21.74 19.19
CA LEU B 448 9.26 -23.18 19.15
C LEU B 448 8.99 -23.71 17.74
N ASP B 449 8.12 -23.03 16.98
CA ASP B 449 7.83 -23.30 15.59
C ASP B 449 9.09 -23.19 14.72
N VAL B 450 9.94 -22.23 15.03
CA VAL B 450 11.16 -22.05 14.25
C VAL B 450 12.19 -23.16 14.53
N ARG B 451 12.23 -23.59 15.79
CA ARG B 451 13.29 -24.50 16.21
C ARG B 451 12.91 -25.95 15.85
N LEU B 452 11.64 -26.14 15.45
CA LEU B 452 11.22 -27.45 14.95
C LEU B 452 12.19 -27.91 13.88
N TYR B 453 12.49 -27.03 12.90
CA TYR B 453 13.51 -27.25 11.88
C TYR B 453 14.89 -26.75 12.35
N GLY B 454 14.90 -25.66 13.12
CA GLY B 454 16.16 -24.99 13.37
C GLY B 454 17.08 -25.69 14.37
N SER B 455 16.57 -26.55 15.27
CA SER B 455 17.33 -27.01 16.42
C SER B 455 18.18 -28.27 16.12
N PHE B 456 18.25 -28.69 14.84
CA PHE B 456 18.82 -30.00 14.49
C PHE B 456 20.34 -30.02 14.76
N ALA B 457 20.99 -28.88 14.56
CA ALA B 457 22.42 -28.75 14.88
C ALA B 457 22.63 -28.86 16.38
N LEU B 458 21.84 -28.11 17.17
CA LEU B 458 21.92 -28.16 18.62
C LEU B 458 21.72 -29.59 19.11
N LEU B 459 20.69 -30.28 18.59
CA LEU B 459 20.46 -31.68 18.94
C LEU B 459 21.70 -32.55 18.72
N GLN B 460 22.28 -32.49 17.51
N GLN B 460 22.31 -32.44 17.52
CA GLN B 460 23.35 -33.40 17.15
CA GLN B 460 23.32 -33.38 17.09
C GLN B 460 24.58 -33.09 18.01
C GLN B 460 24.70 -33.05 17.70
N LEU B 461 24.94 -31.79 18.13
CA LEU B 461 26.24 -31.33 18.59
C LEU B 461 26.27 -30.93 20.06
N TRP B 462 25.19 -30.32 20.59
CA TRP B 462 25.17 -29.89 21.99
C TRP B 462 23.89 -30.34 22.69
N PRO B 463 23.58 -31.65 22.68
CA PRO B 463 22.31 -32.17 23.15
C PRO B 463 21.94 -31.75 24.56
N GLU B 464 22.91 -31.48 25.44
CA GLU B 464 22.57 -31.03 26.79
C GLU B 464 21.99 -29.61 26.75
N LEU B 465 22.40 -28.79 25.77
CA LEU B 465 21.82 -27.47 25.61
C LEU B 465 20.41 -27.61 25.02
N GLU B 466 20.24 -28.46 24.01
CA GLU B 466 18.94 -28.74 23.42
C GLU B 466 17.95 -29.16 24.52
N LYS B 467 18.35 -30.11 25.38
CA LYS B 467 17.49 -30.53 26.50
C LYS B 467 17.17 -29.39 27.47
N SER B 468 18.15 -28.52 27.80
CA SER B 468 17.87 -27.42 28.69
C SER B 468 16.78 -26.55 28.08
N VAL B 469 16.86 -26.27 26.79
CA VAL B 469 15.84 -25.45 26.15
C VAL B 469 14.46 -26.11 26.30
N MET B 470 14.34 -27.42 25.99
CA MET B 470 13.02 -28.08 26.04
C MET B 470 12.48 -28.15 27.47
N ARG B 471 13.35 -28.20 28.50
CA ARG B 471 12.91 -28.21 29.88
C ARG B 471 12.31 -26.85 30.25
N ALA B 472 12.90 -25.78 29.67
CA ALA B 472 12.39 -24.44 29.86
C ALA B 472 10.94 -24.33 29.29
N PHE B 473 10.68 -24.87 28.12
CA PHE B 473 9.33 -24.87 27.58
C PHE B 473 8.44 -25.66 28.53
N ALA B 474 8.91 -26.81 28.98
CA ALA B 474 8.10 -27.75 29.75
C ALA B 474 7.62 -27.08 31.04
N ARG B 475 8.51 -26.38 31.76
CA ARG B 475 8.22 -25.69 33.02
C ARG B 475 7.19 -24.56 32.85
N ALA B 476 7.20 -23.87 31.68
CA ALA B 476 6.37 -22.72 31.38
C ALA B 476 4.96 -23.15 30.94
N ILE B 477 4.79 -24.37 30.40
CA ILE B 477 3.50 -24.77 29.86
C ILE B 477 2.37 -24.70 30.91
N PRO B 478 2.48 -25.31 32.11
CA PRO B 478 1.35 -25.29 33.05
C PRO B 478 1.03 -23.93 33.69
N THR B 479 1.88 -22.91 33.54
CA THR B 479 1.76 -21.68 34.29
C THR B 479 1.22 -20.56 33.42
N ALA B 480 0.71 -19.48 34.08
CA ALA B 480 -0.01 -18.38 33.44
C ALA B 480 0.72 -17.05 33.59
N ASP B 481 0.79 -16.19 32.53
CA ASP B 481 1.04 -14.76 32.67
C ASP B 481 -0.19 -14.02 32.12
N PRO B 482 -1.08 -13.49 32.99
CA PRO B 482 -2.36 -12.87 32.53
C PRO B 482 -2.26 -11.46 31.99
N THR B 483 -1.05 -10.84 32.06
CA THR B 483 -0.85 -9.48 31.60
C THR B 483 -1.44 -9.27 30.20
N LEU B 484 -2.31 -8.27 30.11
CA LEU B 484 -3.01 -7.85 28.90
C LEU B 484 -2.01 -7.13 28.03
N ARG B 485 -1.91 -7.55 26.76
CA ARG B 485 -0.94 -6.94 25.83
C ARG B 485 -1.60 -6.81 24.45
N ILE B 486 -1.25 -5.74 23.75
CA ILE B 486 -1.74 -5.43 22.39
C ILE B 486 -1.29 -6.54 21.43
N ILE B 487 -2.22 -7.04 20.62
CA ILE B 487 -1.87 -7.98 19.58
C ILE B 487 -1.60 -7.22 18.27
N GLY B 488 -0.36 -7.32 17.81
CA GLY B 488 0.17 -6.53 16.70
C GLY B 488 -0.67 -6.65 15.43
N TYR B 489 -1.15 -7.86 15.10
CA TYR B 489 -1.88 -8.11 13.87
C TYR B 489 -3.08 -7.15 13.75
N PHE B 490 -3.76 -6.85 14.88
CA PHE B 490 -5.00 -6.09 14.91
C PHE B 490 -4.74 -4.60 15.14
N TYR B 491 -3.51 -4.23 15.53
CA TYR B 491 -3.22 -2.90 16.02
C TYR B 491 -3.27 -1.89 14.86
N ARG B 492 -3.99 -0.76 15.05
CA ARG B 492 -4.06 0.31 14.05
C ARG B 492 -3.87 1.70 14.68
N GLY B 493 -2.90 1.90 15.57
CA GLY B 493 -2.90 3.11 16.41
C GLY B 493 -3.99 3.05 17.49
N ASP B 494 -3.99 4.05 18.39
CA ASP B 494 -4.88 4.10 19.56
C ASP B 494 -4.78 2.88 20.48
N PRO B 495 -3.67 2.72 21.24
CA PRO B 495 -3.58 1.79 22.37
C PRO B 495 -4.79 1.62 23.29
N GLU B 496 -5.50 2.69 23.62
CA GLU B 496 -6.59 2.68 24.60
C GLU B 496 -7.64 1.68 24.11
N THR B 497 -7.89 1.59 22.80
CA THR B 497 -8.97 0.71 22.31
C THR B 497 -8.42 -0.40 21.40
N ALA B 498 -7.10 -0.51 21.27
CA ALA B 498 -6.47 -1.66 20.60
C ALA B 498 -6.88 -3.00 21.27
N TYR B 499 -7.26 -3.98 20.45
CA TYR B 499 -7.49 -5.34 20.89
C TYR B 499 -6.26 -5.86 21.64
N LYS B 500 -6.50 -6.45 22.82
CA LYS B 500 -5.49 -6.91 23.76
C LYS B 500 -5.88 -8.32 24.25
N ALA B 501 -4.89 -9.18 24.54
CA ALA B 501 -5.14 -10.53 25.02
C ALA B 501 -4.10 -10.90 26.07
N PRO B 502 -4.45 -11.81 27.02
CA PRO B 502 -3.50 -12.22 28.03
C PRO B 502 -2.28 -12.82 27.39
N ARG B 503 -1.14 -12.54 28.01
CA ARG B 503 0.17 -12.96 27.52
C ARG B 503 0.26 -14.47 27.38
N LYS B 504 0.03 -15.24 28.45
CA LYS B 504 0.08 -16.68 28.34
C LYS B 504 -0.86 -17.36 29.33
N LEU B 505 -1.80 -18.16 28.81
CA LEU B 505 -2.77 -18.86 29.61
C LEU B 505 -2.09 -20.12 30.13
N ALA B 506 -2.47 -20.57 31.32
CA ALA B 506 -2.04 -21.85 31.85
C ALA B 506 -2.42 -22.94 30.88
N ASN B 507 -1.45 -23.83 30.63
CA ASN B 507 -1.56 -25.00 29.79
C ASN B 507 -1.40 -24.72 28.30
N ALA B 508 -1.42 -23.44 27.87
CA ALA B 508 -0.97 -23.08 26.53
C ALA B 508 0.54 -23.27 26.40
N VAL B 509 0.96 -23.54 25.16
CA VAL B 509 2.36 -23.69 24.86
C VAL B 509 2.85 -22.34 24.38
N PRO B 510 3.93 -21.82 24.99
CA PRO B 510 4.45 -20.50 24.67
C PRO B 510 5.21 -20.54 23.35
N HIS B 511 5.16 -19.45 22.60
CA HIS B 511 5.86 -19.35 21.34
C HIS B 511 7.38 -19.28 21.51
N ASP B 512 7.89 -18.64 22.56
CA ASP B 512 9.32 -18.38 22.75
C ASP B 512 9.66 -18.34 24.22
N LEU B 513 10.95 -18.25 24.53
CA LEU B 513 11.48 -18.21 25.90
C LEU B 513 11.89 -16.80 26.35
N GLY B 514 11.16 -15.79 25.87
CA GLY B 514 11.33 -14.43 26.34
C GLY B 514 12.30 -13.63 25.48
N ALA B 515 12.78 -12.53 26.08
CA ALA B 515 13.45 -11.50 25.31
C ALA B 515 14.57 -10.85 26.13
N PRO B 516 15.60 -10.34 25.45
CA PRO B 516 16.77 -9.78 26.12
C PRO B 516 16.52 -8.45 26.79
N ASN B 517 15.34 -7.84 26.59
CA ASN B 517 14.95 -6.64 27.31
C ASN B 517 14.02 -7.00 28.48
N GLU B 518 13.86 -8.29 28.84
CA GLU B 518 12.95 -8.66 29.93
C GLU B 518 13.56 -9.80 30.74
N HIS B 519 13.18 -11.05 30.52
CA HIS B 519 13.58 -12.14 31.38
C HIS B 519 13.56 -13.45 30.57
N PRO B 520 14.70 -13.78 29.93
CA PRO B 520 14.80 -15.03 29.15
C PRO B 520 14.50 -16.23 30.02
N TRP B 521 13.93 -17.29 29.42
CA TRP B 521 13.63 -18.55 30.11
C TRP B 521 12.43 -18.49 31.09
N GLU B 522 12.34 -17.48 31.96
CA GLU B 522 11.34 -17.39 33.01
C GLU B 522 10.08 -16.65 32.56
N LYS B 523 10.15 -15.65 31.67
CA LYS B 523 8.99 -14.97 31.10
C LYS B 523 8.90 -15.25 29.59
N THR B 524 8.06 -16.21 29.24
CA THR B 524 7.91 -16.79 27.92
C THR B 524 6.77 -16.08 27.18
N ASN B 525 6.68 -16.39 25.87
CA ASN B 525 5.65 -15.81 24.99
C ASN B 525 5.77 -14.28 24.94
N TYR B 526 6.98 -13.79 24.73
CA TYR B 526 7.16 -12.36 24.53
C TYR B 526 6.55 -11.84 23.21
N THR B 527 6.59 -12.63 22.14
CA THR B 527 6.07 -12.19 20.83
C THR B 527 4.62 -11.77 21.01
N ALA B 528 4.16 -10.79 20.26
CA ALA B 528 2.78 -10.31 20.45
C ALA B 528 2.10 -9.94 19.13
N TYR B 529 2.72 -10.29 17.99
CA TYR B 529 2.18 -10.00 16.70
C TYR B 529 0.86 -10.79 16.55
N GLN B 530 0.95 -12.10 16.81
CA GLN B 530 -0.27 -12.91 17.00
C GLN B 530 -0.35 -13.37 18.43
N ASP B 531 -1.53 -13.87 18.79
CA ASP B 531 -1.81 -14.41 20.11
C ASP B 531 -1.56 -15.91 20.04
N CYS B 532 -0.36 -16.32 20.45
CA CYS B 532 0.12 -17.68 20.26
C CYS B 532 -0.61 -18.67 21.17
N ASN B 533 -1.39 -18.20 22.18
CA ASN B 533 -2.25 -19.09 22.95
C ASN B 533 -3.29 -19.77 22.02
N LEU B 534 -3.44 -19.25 20.78
CA LEU B 534 -4.36 -19.78 19.77
C LEU B 534 -3.65 -20.64 18.70
N TRP B 535 -2.32 -20.76 18.76
CA TRP B 535 -1.64 -21.39 17.62
C TRP B 535 -1.99 -22.88 17.60
N LYS B 536 -2.12 -23.46 16.39
CA LYS B 536 -2.53 -24.87 16.22
C LYS B 536 -1.36 -25.81 15.92
N ASP B 537 -0.13 -25.26 15.89
CA ASP B 537 1.09 -26.05 15.62
C ASP B 537 1.98 -26.21 16.85
N LEU B 538 2.04 -25.19 17.73
CA LEU B 538 3.05 -25.16 18.79
C LEU B 538 3.01 -26.37 19.73
N ALA B 539 1.83 -26.79 20.16
CA ALA B 539 1.75 -27.96 21.03
C ALA B 539 2.33 -29.19 20.36
N SER B 540 2.06 -29.34 19.07
CA SER B 540 2.53 -30.48 18.29
C SER B 540 4.05 -30.42 18.20
N ASP B 541 4.55 -29.22 17.89
CA ASP B 541 5.97 -28.92 17.90
C ASP B 541 6.67 -29.35 19.20
N PHE B 542 6.13 -28.91 20.33
CA PHE B 542 6.65 -29.27 21.64
C PHE B 542 6.82 -30.77 21.74
N VAL B 543 5.76 -31.52 21.43
CA VAL B 543 5.75 -32.97 21.64
C VAL B 543 6.76 -33.67 20.72
N LEU B 544 6.81 -33.24 19.45
CA LEU B 544 7.72 -33.83 18.49
C LEU B 544 9.15 -33.57 18.94
N LEU B 545 9.44 -32.35 19.41
CA LEU B 545 10.78 -31.99 19.83
C LEU B 545 11.15 -32.77 21.07
N VAL B 546 10.18 -33.00 22.01
CA VAL B 546 10.50 -33.79 23.19
C VAL B 546 10.94 -35.20 22.79
N TYR B 547 10.12 -35.85 21.93
CA TYR B 547 10.38 -37.23 21.53
C TYR B 547 11.69 -37.36 20.74
N ARG B 548 11.86 -36.45 19.76
CA ARG B 548 13.08 -36.39 18.97
C ARG B 548 14.31 -36.27 19.84
N ASP B 549 14.28 -35.37 20.83
CA ASP B 549 15.41 -35.13 21.73
C ASP B 549 15.76 -36.38 22.57
N PHE B 550 14.70 -37.13 22.97
CA PHE B 550 14.88 -38.37 23.70
C PHE B 550 15.48 -39.45 22.80
N LEU B 551 14.86 -39.64 21.65
CA LEU B 551 15.17 -40.72 20.73
C LEU B 551 16.58 -40.59 20.18
N PHE B 552 16.97 -39.37 19.77
CA PHE B 552 18.25 -39.16 19.07
C PHE B 552 19.40 -38.87 20.07
N THR B 553 19.19 -38.97 21.37
CA THR B 553 20.26 -38.99 22.36
C THR B 553 20.32 -40.39 22.98
N GLY B 554 19.86 -41.40 22.23
CA GLY B 554 20.10 -42.81 22.55
C GLY B 554 18.90 -43.52 23.14
N GLY B 555 17.76 -42.81 23.25
CA GLY B 555 16.58 -43.44 23.82
C GLY B 555 16.79 -43.93 25.25
N THR B 556 17.68 -43.29 26.04
CA THR B 556 17.94 -43.74 27.40
C THR B 556 17.59 -42.70 28.48
N ASP B 557 17.38 -41.42 28.12
CA ASP B 557 17.19 -40.39 29.13
C ASP B 557 15.74 -40.37 29.62
N LEU B 558 15.43 -41.28 30.55
CA LEU B 558 14.11 -41.33 31.14
C LEU B 558 13.86 -40.11 32.04
N ASN B 559 14.89 -39.53 32.66
CA ASN B 559 14.71 -38.37 33.51
C ASN B 559 14.14 -37.21 32.69
N PHE B 560 14.68 -36.94 31.49
CA PHE B 560 14.15 -35.95 30.58
C PHE B 560 12.72 -36.25 30.18
N ALA B 561 12.45 -37.48 29.70
CA ALA B 561 11.12 -37.89 29.30
C ALA B 561 10.12 -37.69 30.44
N ARG B 562 10.44 -38.16 31.64
CA ARG B 562 9.54 -38.07 32.79
C ARG B 562 9.23 -36.62 33.07
N GLU B 563 10.26 -35.79 33.00
CA GLU B 563 10.19 -34.37 33.30
C GLU B 563 9.30 -33.62 32.32
N CYS B 564 9.34 -34.00 31.04
CA CYS B 564 8.54 -33.37 30.00
C CYS B 564 7.12 -33.93 29.90
N TRP B 565 6.83 -35.11 30.49
CA TRP B 565 5.63 -35.84 30.16
C TRP B 565 4.38 -35.05 30.57
N PRO B 566 4.26 -34.54 31.83
CA PRO B 566 3.10 -33.72 32.19
C PRO B 566 2.86 -32.58 31.20
N ALA B 567 3.91 -31.90 30.79
CA ALA B 567 3.81 -30.79 29.80
C ALA B 567 3.25 -31.26 28.44
N VAL B 568 3.66 -32.46 28.00
CA VAL B 568 3.12 -33.12 26.82
C VAL B 568 1.59 -33.30 26.95
N VAL B 569 1.15 -33.85 28.13
CA VAL B 569 -0.25 -34.11 28.34
C VAL B 569 -1.01 -32.76 28.28
N ALA B 570 -0.52 -31.74 29.00
CA ALA B 570 -1.12 -30.41 29.00
C ALA B 570 -1.15 -29.82 27.59
N ALA B 571 -0.07 -29.99 26.83
CA ALA B 571 0.00 -29.45 25.46
C ALA B 571 -1.06 -30.04 24.54
N LEU B 572 -1.17 -31.36 24.52
CA LEU B 572 -2.10 -32.01 23.65
C LEU B 572 -3.57 -31.76 24.02
N ASP B 573 -3.93 -31.76 25.34
CA ASP B 573 -5.23 -31.29 25.78
C ASP B 573 -5.49 -29.86 25.31
N HIS B 574 -4.54 -28.93 25.49
CA HIS B 574 -4.68 -27.56 25.00
C HIS B 574 -5.09 -27.48 23.53
N LEU B 575 -4.39 -28.23 22.68
CA LEU B 575 -4.62 -28.21 21.24
C LEU B 575 -5.93 -28.96 20.89
N LYS B 576 -6.27 -30.04 21.64
CA LYS B 576 -7.48 -30.84 21.41
C LYS B 576 -8.75 -29.97 21.49
N GLN B 577 -8.72 -28.95 22.35
CA GLN B 577 -9.83 -28.03 22.52
C GLN B 577 -10.14 -27.37 21.19
N PHE B 578 -9.23 -27.32 20.20
CA PHE B 578 -9.49 -26.66 18.94
C PHE B 578 -10.07 -27.64 17.93
N ASP B 579 -10.25 -28.90 18.35
CA ASP B 579 -11.11 -29.83 17.61
C ASP B 579 -12.58 -29.53 17.95
N GLN B 580 -13.22 -28.69 17.14
CA GLN B 580 -14.53 -28.12 17.44
C GLN B 580 -15.64 -29.12 17.19
N ASP B 581 -15.54 -29.99 16.15
CA ASP B 581 -16.57 -30.95 15.77
C ASP B 581 -16.31 -32.34 16.36
N GLY B 582 -15.17 -32.58 17.01
CA GLY B 582 -14.92 -33.87 17.65
C GLY B 582 -14.55 -34.97 16.65
N ASP B 583 -14.06 -34.63 15.45
CA ASP B 583 -13.62 -35.63 14.48
C ASP B 583 -12.18 -36.07 14.81
N GLY B 584 -11.52 -35.48 15.81
CA GLY B 584 -10.16 -35.93 16.16
C GLY B 584 -9.05 -34.99 15.72
N LEU B 585 -9.39 -34.01 14.89
CA LEU B 585 -8.45 -33.07 14.28
C LEU B 585 -8.73 -31.64 14.76
N PRO B 586 -7.69 -30.90 15.16
CA PRO B 586 -7.85 -29.48 15.45
C PRO B 586 -8.02 -28.65 14.19
N GLU B 587 -8.76 -27.55 14.33
CA GLU B 587 -9.12 -26.71 13.20
C GLU B 587 -8.52 -25.32 13.38
N ASN B 588 -7.86 -24.83 12.32
CA ASN B 588 -7.39 -23.48 12.10
C ASN B 588 -8.57 -22.54 11.90
N GLY B 589 -8.32 -21.29 12.28
CA GLY B 589 -9.34 -20.27 12.12
C GLY B 589 -8.85 -18.91 12.63
N GLY B 590 -9.59 -17.84 12.30
CA GLY B 590 -9.23 -16.54 12.84
C GLY B 590 -7.93 -16.04 12.21
N ALA B 591 -7.23 -15.17 12.96
CA ALA B 591 -5.97 -14.61 12.53
C ALA B 591 -4.94 -15.74 12.32
N PRO B 592 -3.94 -15.59 11.41
CA PRO B 592 -2.91 -16.64 11.26
C PRO B 592 -2.52 -17.25 12.61
N ASP B 593 -2.61 -18.60 12.69
CA ASP B 593 -2.50 -19.32 13.95
C ASP B 593 -1.46 -20.47 13.84
N GLN B 594 -0.36 -20.16 13.15
CA GLN B 594 0.80 -21.05 13.03
C GLN B 594 1.96 -20.29 12.41
N THR B 595 3.07 -21.00 12.18
CA THR B 595 4.39 -20.41 11.85
C THR B 595 4.31 -19.54 10.60
N TYR B 596 3.42 -19.88 9.67
CA TYR B 596 3.11 -19.01 8.53
C TYR B 596 2.12 -17.93 8.98
N ASP B 597 2.66 -16.92 9.66
CA ASP B 597 1.89 -16.05 10.55
C ASP B 597 1.31 -14.83 9.82
N ASP B 598 1.53 -14.73 8.50
CA ASP B 598 0.76 -13.86 7.64
C ASP B 598 -0.26 -14.63 6.81
N TRP B 599 -0.44 -15.94 7.02
CA TRP B 599 -1.25 -16.77 6.12
C TRP B 599 -2.40 -17.39 6.90
N LYS B 600 -3.62 -16.96 6.59
CA LYS B 600 -4.84 -17.49 7.20
C LYS B 600 -5.17 -18.90 6.71
N LEU B 601 -5.50 -19.78 7.67
CA LEU B 601 -5.92 -21.12 7.41
C LEU B 601 -7.28 -21.28 8.05
N GLN B 602 -8.18 -22.08 7.42
CA GLN B 602 -9.54 -22.33 7.91
C GLN B 602 -9.91 -23.82 7.80
N GLY B 603 -10.34 -24.41 8.93
CA GLY B 603 -10.61 -25.83 9.05
C GLY B 603 -9.35 -26.63 9.33
N VAL B 604 -9.45 -27.92 9.03
CA VAL B 604 -8.28 -28.79 9.15
C VAL B 604 -7.33 -28.35 8.06
N SER B 605 -6.08 -28.05 8.44
CA SER B 605 -5.03 -27.68 7.50
C SER B 605 -4.11 -28.89 7.34
N ALA B 606 -3.51 -29.03 6.15
CA ALA B 606 -2.50 -30.07 5.90
C ALA B 606 -1.36 -29.94 6.91
N TYR B 607 -0.91 -28.69 7.06
CA TYR B 607 0.25 -28.39 7.88
C TYR B 607 0.00 -28.80 9.36
N CYS B 608 -1.01 -28.22 10.01
CA CYS B 608 -1.19 -28.43 11.45
C CYS B 608 -1.80 -29.77 11.77
N GLY B 609 -2.73 -30.20 10.90
CA GLY B 609 -3.27 -31.55 10.93
C GLY B 609 -2.17 -32.61 10.93
N GLY B 610 -1.27 -32.49 9.93
CA GLY B 610 -0.19 -33.44 9.81
C GLY B 610 0.77 -33.45 11.02
N LEU B 611 1.16 -32.25 11.49
CA LEU B 611 1.96 -32.17 12.71
C LEU B 611 1.26 -32.82 13.92
N TRP B 612 -0.05 -32.69 13.99
CA TRP B 612 -0.87 -33.24 15.06
C TRP B 612 -0.87 -34.77 15.03
N LEU B 613 -1.03 -35.37 13.85
CA LEU B 613 -0.98 -36.83 13.72
C LEU B 613 0.39 -37.34 14.17
N ALA B 614 1.46 -36.66 13.69
CA ALA B 614 2.83 -37.03 14.09
C ALA B 614 3.02 -36.87 15.61
N ALA B 615 2.57 -35.77 16.22
CA ALA B 615 2.64 -35.58 17.65
C ALA B 615 1.93 -36.67 18.47
N LEU B 616 0.75 -37.08 18.01
CA LEU B 616 0.02 -38.16 18.67
C LEU B 616 0.87 -39.42 18.67
N GLU B 617 1.48 -39.71 17.52
CA GLU B 617 2.30 -40.91 17.39
C GLU B 617 3.52 -40.84 18.32
N ALA B 618 4.11 -39.64 18.44
CA ALA B 618 5.26 -39.42 19.29
C ALA B 618 4.88 -39.57 20.77
N ALA B 619 3.68 -39.08 21.17
CA ALA B 619 3.24 -39.15 22.57
C ALA B 619 2.92 -40.59 22.96
N ILE B 620 2.35 -41.34 22.02
CA ILE B 620 2.12 -42.78 22.18
C ILE B 620 3.45 -43.52 22.44
N ALA B 621 4.42 -43.26 21.60
CA ALA B 621 5.74 -43.88 21.74
C ALA B 621 6.35 -43.50 23.07
N LEU B 622 6.31 -42.22 23.43
CA LEU B 622 6.94 -41.76 24.65
C LEU B 622 6.21 -42.28 25.90
N GLY B 623 4.88 -42.25 25.87
CA GLY B 623 4.05 -42.65 26.98
C GLY B 623 4.10 -44.15 27.19
N THR B 624 4.30 -44.91 26.12
CA THR B 624 4.45 -46.36 26.19
C THR B 624 5.74 -46.66 26.97
N LEU B 625 6.83 -46.02 26.59
CA LEU B 625 8.09 -46.11 27.34
C LEU B 625 7.88 -45.86 28.82
N LEU B 626 7.09 -44.84 29.15
CA LEU B 626 6.85 -44.39 30.51
C LEU B 626 5.70 -45.13 31.20
N GLN B 627 5.06 -46.11 30.53
CA GLN B 627 3.93 -46.88 31.04
C GLN B 627 2.80 -45.96 31.55
N GLN B 628 2.43 -45.01 30.69
CA GLN B 628 1.39 -44.03 30.96
C GLN B 628 0.05 -44.43 30.32
N PRO B 629 -1.03 -44.55 31.13
CA PRO B 629 -2.37 -44.80 30.65
C PRO B 629 -2.84 -43.91 29.52
N GLN B 630 -2.46 -42.64 29.57
CA GLN B 630 -2.92 -41.61 28.65
C GLN B 630 -2.72 -42.02 27.17
N VAL B 631 -1.74 -42.87 26.89
CA VAL B 631 -1.44 -43.34 25.55
C VAL B 631 -2.70 -43.87 24.83
N GLU B 632 -3.58 -44.52 25.60
CA GLU B 632 -4.73 -45.21 24.99
C GLU B 632 -5.73 -44.19 24.49
N ILE B 633 -5.78 -43.04 25.15
CA ILE B 633 -6.66 -41.98 24.69
C ILE B 633 -6.12 -41.45 23.35
N TYR B 634 -4.79 -41.28 23.25
CA TYR B 634 -4.19 -40.73 22.03
C TYR B 634 -4.43 -41.71 20.89
N ARG B 635 -4.46 -43.00 21.21
CA ARG B 635 -4.69 -44.02 20.20
C ARG B 635 -6.12 -43.93 19.64
N GLN B 636 -7.10 -43.68 20.53
CA GLN B 636 -8.50 -43.36 20.20
C GLN B 636 -8.49 -42.17 19.24
N TRP B 637 -7.88 -41.04 19.64
CA TRP B 637 -7.89 -39.83 18.82
C TRP B 637 -7.28 -40.07 17.44
N LEU B 638 -6.13 -40.74 17.47
CA LEU B 638 -5.41 -41.10 16.26
C LEU B 638 -6.23 -41.98 15.29
N SER B 639 -6.94 -43.00 15.84
CA SER B 639 -7.67 -43.95 15.00
C SER B 639 -8.76 -43.23 14.20
N GLN B 640 -9.23 -42.08 14.70
CA GLN B 640 -10.26 -41.26 14.03
C GLN B 640 -9.60 -40.21 13.15
N ALA B 641 -8.50 -39.60 13.66
CA ALA B 641 -7.92 -38.42 13.06
C ALA B 641 -7.20 -38.79 11.76
N ARG B 642 -6.51 -39.92 11.78
CA ARG B 642 -5.57 -40.26 10.73
C ARG B 642 -6.29 -40.54 9.40
N PRO B 643 -7.28 -41.46 9.31
CA PRO B 643 -8.04 -41.61 8.07
C PRO B 643 -8.81 -40.36 7.64
N ARG B 644 -9.36 -39.69 8.62
CA ARG B 644 -10.11 -38.48 8.33
C ARG B 644 -9.27 -37.39 7.63
N TYR B 645 -7.99 -37.21 8.03
CA TYR B 645 -7.19 -36.17 7.45
C TYR B 645 -7.00 -36.38 5.94
N HIS B 646 -6.70 -37.64 5.59
CA HIS B 646 -6.56 -38.12 4.23
C HIS B 646 -7.85 -37.88 3.43
N GLN B 647 -8.97 -38.36 3.92
CA GLN B 647 -10.23 -38.17 3.21
C GLN B 647 -10.51 -36.68 3.00
N LEU B 648 -10.26 -35.78 3.96
CA LEU B 648 -10.64 -34.38 3.83
C LEU B 648 -9.76 -33.66 2.79
N LEU B 649 -8.47 -34.03 2.73
CA LEU B 649 -7.47 -33.15 2.13
C LEU B 649 -6.86 -33.72 0.85
N TRP B 650 -6.83 -35.04 0.72
CA TRP B 650 -6.20 -35.68 -0.42
C TRP B 650 -7.04 -35.42 -1.68
N ASN B 651 -6.41 -34.86 -2.73
CA ASN B 651 -7.09 -34.57 -3.98
C ASN B 651 -6.63 -35.48 -5.11
N GLY B 652 -5.81 -36.48 -4.81
CA GLY B 652 -5.23 -37.36 -5.82
C GLY B 652 -3.84 -36.91 -6.32
N GLU B 653 -3.38 -35.70 -5.99
CA GLU B 653 -2.12 -35.16 -6.47
C GLU B 653 -1.33 -34.57 -5.30
N TYR B 654 -2.00 -33.84 -4.41
CA TYR B 654 -1.35 -33.32 -3.22
C TYR B 654 -2.37 -33.24 -2.09
N TYR B 655 -1.89 -32.85 -0.90
CA TYR B 655 -2.80 -32.46 0.19
C TYR B 655 -3.15 -30.99 0.06
N ARG B 656 -4.46 -30.71 -0.05
CA ARG B 656 -4.98 -29.35 -0.10
C ARG B 656 -4.63 -28.61 1.19
N LEU B 657 -4.62 -27.27 1.09
CA LEU B 657 -4.11 -26.37 2.12
C LEU B 657 -4.90 -26.52 3.43
N ASP B 658 -6.26 -26.57 3.30
CA ASP B 658 -7.18 -26.62 4.42
C ASP B 658 -8.56 -26.99 3.87
N THR B 659 -9.53 -27.24 4.78
CA THR B 659 -10.86 -27.72 4.44
C THR B 659 -11.77 -26.54 4.16
N GLY B 660 -11.48 -25.37 4.72
CA GLY B 660 -12.42 -24.26 4.80
C GLY B 660 -12.29 -23.24 3.67
N SER B 661 -11.10 -23.04 3.11
CA SER B 661 -10.82 -21.83 2.34
C SER B 661 -11.24 -22.01 0.88
N GLY B 662 -11.27 -23.22 0.34
CA GLY B 662 -11.42 -23.39 -1.09
C GLY B 662 -10.16 -23.11 -1.90
N SER B 663 -9.03 -22.85 -1.25
CA SER B 663 -7.77 -22.62 -1.94
C SER B 663 -7.22 -23.87 -2.62
N ASP B 664 -6.69 -23.71 -3.85
CA ASP B 664 -6.04 -24.79 -4.58
C ASP B 664 -4.51 -24.73 -4.40
N VAL B 665 -4.05 -23.80 -3.59
CA VAL B 665 -2.61 -23.63 -3.42
C VAL B 665 -1.92 -24.91 -2.90
N ILE B 666 -0.79 -25.25 -3.53
CA ILE B 666 0.13 -26.26 -3.05
C ILE B 666 1.09 -25.63 -2.02
N MET B 667 0.91 -25.99 -0.74
CA MET B 667 1.81 -25.53 0.31
C MET B 667 3.04 -26.46 0.36
N ALA B 668 4.25 -25.91 0.22
CA ALA B 668 5.45 -26.71 0.14
C ALA B 668 5.62 -27.60 1.37
N ASP B 669 5.23 -27.08 2.55
CA ASP B 669 5.53 -27.71 3.84
C ASP B 669 4.35 -28.49 4.39
N GLN B 670 3.39 -28.83 3.51
CA GLN B 670 2.13 -29.45 3.87
C GLN B 670 2.27 -30.75 4.66
N LEU B 671 3.30 -31.56 4.37
CA LEU B 671 3.50 -32.85 4.99
C LEU B 671 4.76 -32.84 5.84
N CYS B 672 5.05 -31.70 6.44
CA CYS B 672 5.98 -31.59 7.57
C CYS B 672 5.82 -32.72 8.61
N GLY B 673 4.56 -32.99 8.98
CA GLY B 673 4.22 -34.06 9.93
C GLY B 673 4.69 -35.44 9.45
N GLN B 674 4.69 -35.69 8.13
CA GLN B 674 5.11 -37.00 7.59
C GLN B 674 6.62 -37.09 7.65
N PHE B 675 7.27 -36.00 7.26
CA PHE B 675 8.74 -35.91 7.41
C PHE B 675 9.15 -36.31 8.82
N TYR B 676 8.57 -35.64 9.81
CA TYR B 676 8.88 -35.84 11.23
C TYR B 676 8.51 -37.22 11.70
N ALA B 677 7.33 -37.71 11.35
CA ALA B 677 6.92 -39.05 11.78
C ALA B 677 7.96 -40.10 11.38
N GLN B 678 8.38 -40.07 10.12
CA GLN B 678 9.33 -41.06 9.65
C GLN B 678 10.71 -40.83 10.28
N LEU B 679 11.11 -39.58 10.38
CA LEU B 679 12.36 -39.31 11.04
C LEU B 679 12.35 -39.93 12.43
N LEU B 680 11.20 -39.92 13.13
CA LEU B 680 11.17 -40.43 14.52
C LEU B 680 10.90 -41.94 14.55
N GLY B 681 10.90 -42.61 13.39
CA GLY B 681 10.70 -44.04 13.32
C GLY B 681 9.23 -44.40 13.64
N LEU B 682 8.29 -43.49 13.39
CA LEU B 682 6.89 -43.70 13.72
C LEU B 682 6.14 -44.15 12.48
N VAL B 683 4.91 -44.63 12.64
CA VAL B 683 4.08 -45.01 11.52
C VAL B 683 3.82 -43.82 10.59
N ASP B 684 3.83 -44.06 9.27
CA ASP B 684 3.43 -43.03 8.34
C ASP B 684 2.06 -42.45 8.72
N ILE B 685 1.88 -41.13 8.60
CA ILE B 685 0.63 -40.44 8.93
C ILE B 685 -0.31 -40.37 7.74
N VAL B 686 0.27 -40.59 6.54
CA VAL B 686 -0.46 -40.69 5.30
C VAL B 686 0.05 -41.92 4.53
N PRO B 687 -0.69 -42.45 3.52
CA PRO B 687 -0.22 -43.58 2.70
C PRO B 687 1.06 -43.21 1.98
N PRO B 688 2.15 -44.00 2.11
CA PRO B 688 3.45 -43.64 1.56
C PRO B 688 3.48 -43.23 0.08
N ASP B 689 2.61 -43.81 -0.78
CA ASP B 689 2.59 -43.45 -2.20
C ASP B 689 1.92 -42.10 -2.43
N CYS B 690 0.99 -41.71 -1.57
CA CYS B 690 0.38 -40.38 -1.61
C CYS B 690 1.39 -39.30 -1.16
N CYS B 691 2.15 -39.60 -0.12
CA CYS B 691 3.29 -38.78 0.33
C CYS B 691 4.26 -38.48 -0.82
N ASP B 692 4.68 -39.54 -1.52
CA ASP B 692 5.65 -39.44 -2.60
C ASP B 692 5.14 -38.63 -3.78
N ARG B 693 3.86 -38.87 -4.13
CA ARG B 693 3.20 -38.15 -5.18
C ARG B 693 3.08 -36.67 -4.82
N ALA B 694 2.58 -36.39 -3.63
CA ALA B 694 2.52 -35.01 -3.14
C ALA B 694 3.91 -34.37 -3.18
N LEU B 695 4.97 -35.08 -2.76
CA LEU B 695 6.29 -34.45 -2.66
C LEU B 695 6.86 -34.17 -4.08
N ARG B 696 6.57 -35.05 -5.05
CA ARG B 696 6.94 -34.79 -6.44
C ARG B 696 6.25 -33.53 -6.91
N LYS B 697 5.00 -33.36 -6.51
CA LYS B 697 4.18 -32.27 -7.01
C LYS B 697 4.72 -30.95 -6.46
N ILE B 698 5.01 -30.97 -5.16
CA ILE B 698 5.64 -29.82 -4.51
C ILE B 698 6.93 -29.42 -5.23
N TYR B 699 7.78 -30.39 -5.49
CA TYR B 699 9.08 -30.15 -6.07
C TYR B 699 8.93 -29.59 -7.47
N ASP B 700 8.02 -30.20 -8.25
CA ASP B 700 7.79 -29.82 -9.64
C ASP B 700 7.14 -28.45 -9.76
N THR B 701 6.32 -28.04 -8.75
CA THR B 701 5.57 -26.78 -8.77
C THR B 701 6.27 -25.68 -7.97
N CYS B 702 6.36 -25.84 -6.64
CA CYS B 702 6.81 -24.77 -5.76
C CYS B 702 8.28 -24.42 -6.02
N PHE B 703 9.07 -25.38 -6.48
CA PHE B 703 10.45 -25.14 -6.83
C PHE B 703 10.58 -24.91 -8.35
N LEU B 704 10.32 -25.93 -9.19
CA LEU B 704 10.71 -25.88 -10.60
C LEU B 704 9.83 -24.93 -11.40
N LYS B 705 8.59 -24.61 -10.98
CA LYS B 705 7.78 -23.67 -11.76
C LYS B 705 7.85 -22.26 -11.17
N PHE B 706 8.81 -22.07 -10.25
CA PHE B 706 9.00 -20.82 -9.53
C PHE B 706 10.28 -20.26 -10.10
N HIS B 707 10.09 -19.42 -11.11
CA HIS B 707 11.15 -18.73 -11.84
C HIS B 707 12.18 -19.77 -12.23
N ASN B 708 11.71 -20.92 -12.74
CA ASN B 708 12.59 -21.96 -13.26
C ASN B 708 13.55 -22.54 -12.23
N GLY B 709 13.12 -22.68 -10.97
CA GLY B 709 14.00 -23.25 -9.98
C GLY B 709 15.22 -22.39 -9.64
N GLN B 710 15.14 -21.08 -9.85
CA GLN B 710 16.30 -20.23 -9.64
C GLN B 710 16.51 -19.89 -8.17
N PHE B 711 15.47 -19.94 -7.32
CA PHE B 711 15.61 -19.38 -5.99
C PHE B 711 15.44 -20.42 -4.91
N GLY B 712 14.81 -21.57 -5.23
CA GLY B 712 14.32 -22.55 -4.26
C GLY B 712 12.79 -22.67 -4.32
N ALA B 713 12.19 -23.33 -3.29
CA ALA B 713 10.77 -23.60 -3.21
C ALA B 713 10.04 -22.44 -2.54
N ALA B 714 9.09 -21.82 -3.24
CA ALA B 714 8.12 -20.89 -2.67
C ALA B 714 7.23 -21.64 -1.69
N ASN B 715 6.74 -20.95 -0.66
CA ASN B 715 5.96 -21.60 0.36
C ASN B 715 4.64 -22.11 -0.25
N GLY B 716 4.11 -21.47 -1.28
CA GLY B 716 2.76 -21.76 -1.78
C GLY B 716 2.52 -21.19 -3.18
N LEU B 717 2.34 -22.09 -4.18
CA LEU B 717 1.86 -21.76 -5.52
C LEU B 717 0.65 -22.62 -5.96
N LEU B 718 -0.11 -22.10 -6.94
CA LEU B 718 -1.12 -22.88 -7.65
C LEU B 718 -0.41 -23.94 -8.47
N PRO B 719 -1.13 -25.03 -8.85
CA PRO B 719 -0.58 -26.08 -9.69
C PRO B 719 0.05 -25.59 -10.99
N ASN B 720 -0.49 -24.54 -11.61
CA ASN B 720 0.07 -23.98 -12.84
C ASN B 720 1.32 -23.11 -12.58
N GLY B 721 1.83 -22.98 -11.34
CA GLY B 721 3.03 -22.20 -11.08
C GLY B 721 2.78 -20.71 -10.74
N GLN B 722 1.52 -20.26 -10.72
CA GLN B 722 1.19 -18.87 -10.47
C GLN B 722 0.82 -18.67 -8.99
N PRO B 723 0.97 -17.46 -8.43
CA PRO B 723 0.46 -17.19 -7.07
C PRO B 723 -1.08 -17.13 -7.01
N GLU B 724 -1.70 -17.67 -5.94
CA GLU B 724 -3.14 -17.58 -5.79
C GLU B 724 -3.50 -16.09 -5.69
N ASN B 725 -2.75 -15.36 -4.87
CA ASN B 725 -2.92 -13.94 -4.63
C ASN B 725 -1.56 -13.30 -4.83
N PRO B 726 -1.32 -12.58 -5.93
CA PRO B 726 0.04 -12.13 -6.22
C PRO B 726 0.55 -11.09 -5.23
N HIS B 727 -0.34 -10.56 -4.38
CA HIS B 727 -0.03 -9.49 -3.42
C HIS B 727 0.20 -10.07 -2.01
N ALA B 728 0.12 -11.42 -1.86
CA ALA B 728 0.39 -12.09 -0.60
C ALA B 728 1.90 -12.11 -0.31
N THR B 729 2.24 -12.35 0.98
CA THR B 729 3.61 -12.28 1.44
C THR B 729 4.23 -13.68 1.45
N HIS B 730 3.83 -14.49 2.47
CA HIS B 730 4.52 -15.68 2.86
C HIS B 730 4.56 -16.71 1.71
N PRO B 731 3.47 -16.92 0.92
CA PRO B 731 3.48 -17.90 -0.14
C PRO B 731 4.52 -17.64 -1.22
N LEU B 732 4.88 -16.35 -1.47
CA LEU B 732 5.81 -15.98 -2.54
C LEU B 732 7.25 -15.81 -2.06
N GLU B 733 7.49 -16.10 -0.76
CA GLU B 733 8.82 -16.10 -0.20
C GLU B 733 9.35 -17.53 -0.29
N VAL B 734 10.67 -17.60 -0.35
CA VAL B 734 11.47 -18.81 -0.23
C VAL B 734 12.09 -18.71 1.16
N TRP B 735 11.64 -19.59 2.08
CA TRP B 735 12.19 -19.70 3.42
C TRP B 735 13.30 -20.74 3.40
N THR B 736 14.51 -20.26 3.77
CA THR B 736 15.76 -21.03 3.75
C THR B 736 15.61 -22.31 4.59
N GLY B 737 15.15 -22.19 5.85
CA GLY B 737 15.05 -23.36 6.71
C GLY B 737 14.00 -24.35 6.22
N ILE B 738 12.87 -23.84 5.68
CA ILE B 738 11.81 -24.71 5.20
C ILE B 738 12.37 -25.49 4.01
N ASN B 739 13.13 -24.82 3.10
CA ASN B 739 13.74 -25.52 1.98
C ASN B 739 14.71 -26.60 2.43
N PHE B 740 15.56 -26.32 3.46
CA PHE B 740 16.49 -27.32 3.97
C PHE B 740 15.70 -28.49 4.56
N GLY B 741 14.58 -28.21 5.23
CA GLY B 741 13.77 -29.29 5.77
C GLY B 741 13.14 -30.12 4.65
N LEU B 742 12.75 -29.44 3.58
CA LEU B 742 12.14 -30.03 2.40
C LEU B 742 13.12 -30.99 1.74
N ALA B 743 14.37 -30.53 1.68
CA ALA B 743 15.51 -31.32 1.17
C ALA B 743 15.76 -32.59 2.00
N ALA B 744 15.76 -32.46 3.32
CA ALA B 744 15.84 -33.66 4.18
C ALA B 744 14.72 -34.65 3.89
N PHE B 745 13.48 -34.16 3.75
CA PHE B 745 12.31 -34.98 3.45
C PHE B 745 12.48 -35.69 2.11
N LEU B 746 12.86 -34.93 1.08
CA LEU B 746 13.18 -35.47 -0.22
C LEU B 746 14.19 -36.61 -0.12
N TRP B 747 15.26 -36.39 0.59
CA TRP B 747 16.29 -37.42 0.68
C TRP B 747 15.71 -38.64 1.37
N GLN B 748 15.00 -38.44 2.48
CA GLN B 748 14.48 -39.53 3.28
C GLN B 748 13.48 -40.33 2.45
N ARG B 749 12.81 -39.70 1.47
CA ARG B 749 11.88 -40.41 0.61
C ARG B 749 12.59 -40.97 -0.65
N GLY B 750 13.94 -41.01 -0.68
CA GLY B 750 14.65 -41.60 -1.79
C GLY B 750 14.77 -40.67 -3.01
N MET B 751 14.28 -39.43 -2.91
CA MET B 751 14.43 -38.43 -3.97
C MET B 751 15.74 -37.64 -3.74
N ILE B 752 16.87 -38.34 -3.92
CA ILE B 752 18.21 -37.92 -3.50
C ILE B 752 18.70 -36.79 -4.41
N ASP B 753 18.71 -36.95 -5.74
CA ASP B 753 19.09 -35.89 -6.66
C ASP B 753 18.28 -34.60 -6.44
N GLU B 754 16.96 -34.76 -6.21
CA GLU B 754 16.08 -33.63 -5.94
C GLU B 754 16.52 -32.85 -4.69
N ALA B 755 16.85 -33.59 -3.61
CA ALA B 755 17.25 -33.04 -2.33
C ALA B 755 18.49 -32.19 -2.54
N TRP B 756 19.49 -32.73 -3.23
CA TRP B 756 20.74 -32.02 -3.39
C TRP B 756 20.56 -30.82 -4.31
N ARG B 757 19.74 -30.98 -5.36
CA ARG B 757 19.48 -29.89 -6.27
C ARG B 757 18.80 -28.73 -5.57
N LEU B 758 17.80 -29.02 -4.73
CA LEU B 758 17.07 -27.97 -4.02
C LEU B 758 17.99 -27.26 -3.01
N ALA B 759 18.76 -28.04 -2.23
CA ALA B 759 19.60 -27.51 -1.19
C ALA B 759 20.73 -26.67 -1.77
N GLU B 760 21.32 -27.10 -2.88
CA GLU B 760 22.34 -26.33 -3.57
C GLU B 760 21.84 -24.94 -4.01
N VAL B 761 20.64 -24.84 -4.56
CA VAL B 761 20.13 -23.56 -4.98
C VAL B 761 20.09 -22.59 -3.81
N VAL B 762 19.60 -23.02 -2.65
CA VAL B 762 19.43 -22.13 -1.51
C VAL B 762 20.79 -21.74 -0.96
N VAL B 763 21.72 -22.71 -0.84
CA VAL B 763 23.09 -22.41 -0.39
C VAL B 763 23.75 -21.34 -1.28
N ARG B 764 23.65 -21.46 -2.64
CA ARG B 764 24.22 -20.50 -3.56
C ARG B 764 23.55 -19.14 -3.40
N GLN B 765 22.22 -19.07 -3.28
CA GLN B 765 21.59 -17.78 -3.07
C GLN B 765 22.24 -17.04 -1.89
N ILE B 766 22.40 -17.74 -0.75
CA ILE B 766 22.90 -17.15 0.48
C ILE B 766 24.36 -16.72 0.31
N TYR B 767 25.21 -17.65 -0.13
CA TYR B 767 26.66 -17.52 -0.08
C TYR B 767 27.26 -16.72 -1.25
N GLU B 768 26.52 -16.49 -2.34
CA GLU B 768 27.01 -15.71 -3.47
C GLU B 768 26.43 -14.29 -3.44
N ASN B 769 25.35 -14.02 -2.69
CA ASN B 769 24.66 -12.75 -2.83
C ASN B 769 24.67 -11.94 -1.54
N GLY B 770 25.72 -12.13 -0.71
CA GLY B 770 25.95 -11.21 0.39
C GLY B 770 25.09 -11.43 1.65
N LEU B 771 24.75 -12.70 1.95
CA LEU B 771 24.00 -13.02 3.15
C LEU B 771 24.77 -13.96 4.06
N GLN B 772 26.05 -14.26 3.76
CA GLN B 772 26.91 -15.07 4.61
C GLN B 772 27.03 -14.49 6.01
N PHE B 773 26.75 -15.31 7.04
CA PHE B 773 26.84 -15.00 8.46
C PHE B 773 25.73 -14.03 8.87
N ARG B 774 24.59 -14.12 8.16
CA ARG B 774 23.37 -13.45 8.52
C ARG B 774 22.22 -14.04 7.69
N THR B 775 22.27 -15.37 7.48
CA THR B 775 21.26 -16.09 6.70
C THR B 775 19.84 -15.65 7.12
N PRO B 776 19.01 -15.16 6.17
CA PRO B 776 17.66 -14.69 6.50
C PRO B 776 16.63 -15.81 6.60
N GLU B 777 15.48 -15.53 7.22
CA GLU B 777 14.31 -16.39 7.07
C GLU B 777 14.09 -16.62 5.57
N ALA B 778 13.96 -15.49 4.85
CA ALA B 778 13.30 -15.47 3.56
C ALA B 778 14.14 -14.70 2.56
N ILE B 779 14.16 -15.20 1.31
CA ILE B 779 14.52 -14.40 0.14
C ILE B 779 13.30 -14.35 -0.77
N THR B 780 13.30 -13.40 -1.68
CA THR B 780 12.29 -13.26 -2.73
C THR B 780 12.96 -13.43 -4.08
N ALA B 781 12.17 -13.30 -5.14
CA ALA B 781 12.66 -13.36 -6.52
C ALA B 781 13.10 -11.99 -7.02
N ASN B 782 13.07 -10.98 -6.13
CA ASN B 782 13.31 -9.60 -6.50
C ASN B 782 14.53 -9.03 -5.79
N GLY B 783 15.50 -9.85 -5.41
CA GLY B 783 16.77 -9.42 -4.82
C GLY B 783 16.58 -8.92 -3.38
N THR B 784 15.52 -9.33 -2.68
CA THR B 784 15.32 -8.81 -1.34
C THR B 784 15.26 -9.99 -0.36
N PHE B 785 15.42 -9.70 0.95
CA PHE B 785 15.37 -10.68 2.01
C PHE B 785 14.50 -10.15 3.13
N ARG B 786 14.14 -11.05 4.04
CA ARG B 786 13.41 -10.71 5.25
C ARG B 786 14.03 -11.51 6.41
N ALA B 787 14.32 -10.78 7.48
CA ALA B 787 14.70 -11.27 8.79
C ALA B 787 16.09 -11.90 8.71
N CYS B 788 17.12 -11.08 8.63
CA CYS B 788 18.50 -11.59 8.65
C CYS B 788 18.88 -12.23 9.99
N MET B 789 19.93 -13.09 9.95
CA MET B 789 20.49 -13.80 11.08
C MET B 789 19.45 -14.65 11.82
N TYR B 790 18.88 -15.62 11.09
CA TYR B 790 17.65 -16.30 11.45
C TYR B 790 18.00 -17.69 11.98
N LEU B 791 17.22 -18.15 12.97
CA LEU B 791 17.41 -19.44 13.64
C LEU B 791 17.07 -20.64 12.73
N ARG B 792 16.06 -20.51 11.84
CA ARG B 792 15.54 -21.67 11.09
C ARG B 792 16.59 -22.35 10.17
N PRO B 793 17.46 -21.62 9.41
CA PRO B 793 18.38 -22.23 8.44
C PRO B 793 19.37 -23.26 8.95
N MET B 794 19.51 -23.37 10.28
CA MET B 794 20.28 -24.47 10.84
C MET B 794 19.63 -25.80 10.50
N ALA B 795 18.38 -25.77 9.96
CA ALA B 795 17.67 -26.95 9.50
C ALA B 795 18.47 -27.72 8.46
N ILE B 796 19.51 -27.08 7.91
CA ILE B 796 20.45 -27.77 7.04
C ILE B 796 20.98 -29.03 7.71
N TRP B 797 21.04 -29.02 9.05
CA TRP B 797 21.45 -30.19 9.81
C TRP B 797 20.41 -31.32 9.83
N ALA B 798 19.17 -31.07 9.41
CA ALA B 798 18.23 -32.16 9.16
C ALA B 798 18.66 -33.00 7.94
N LEU B 799 19.08 -32.36 6.84
CA LEU B 799 19.56 -33.07 5.67
C LEU B 799 20.82 -33.86 6.07
N ALA B 800 21.69 -33.33 6.94
CA ALA B 800 22.84 -34.06 7.39
C ALA B 800 22.43 -35.31 8.19
N LEU B 801 21.47 -35.17 9.10
CA LEU B 801 21.07 -36.32 9.91
C LEU B 801 20.50 -37.47 9.06
N VAL B 802 19.61 -37.22 8.12
CA VAL B 802 19.00 -38.31 7.33
C VAL B 802 20.02 -38.96 6.40
N SER B 803 20.98 -38.18 5.85
CA SER B 803 21.91 -38.68 4.85
C SER B 803 23.26 -39.05 5.50
N GLY B 804 23.36 -38.97 6.81
CA GLY B 804 24.64 -38.98 7.49
C GLY B 804 25.27 -40.34 7.72
N GLY B 805 24.48 -41.46 7.65
CA GLY B 805 24.93 -42.85 7.82
C GLY B 805 25.60 -43.16 9.16
N SER B 806 25.26 -42.39 10.22
CA SER B 806 25.79 -42.57 11.57
C SER B 806 27.33 -42.46 11.60
N ARG B 807 27.88 -41.35 11.10
CA ARG B 807 29.33 -41.11 11.08
C ARG B 807 29.82 -40.29 12.29
N LEU B 808 28.95 -39.43 12.85
CA LEU B 808 29.33 -38.46 13.88
C LEU B 808 29.20 -39.07 15.28
N PRO B 809 30.14 -38.85 16.23
CA PRO B 809 29.91 -39.25 17.62
C PRO B 809 28.90 -38.36 18.34
#